data_5UVT
# 
_entry.id   5UVT 
# 
_audit_conform.dict_name       mmcif_pdbx.dic 
_audit_conform.dict_version    5.389 
_audit_conform.dict_location   http://mmcif.pdb.org/dictionaries/ascii/mmcif_pdbx.dic 
# 
loop_
_database_2.database_id 
_database_2.database_code 
_database_2.pdbx_database_accession 
_database_2.pdbx_DOI 
PDB   5UVT         pdb_00005uvt 10.2210/pdb5uvt/pdb 
WWPDB D_1000224258 ?            ?                   
# 
loop_
_pdbx_audit_revision_history.ordinal 
_pdbx_audit_revision_history.data_content_type 
_pdbx_audit_revision_history.major_revision 
_pdbx_audit_revision_history.minor_revision 
_pdbx_audit_revision_history.revision_date 
1 'Structure model' 1 0 2017-06-21 
2 'Structure model' 1 1 2024-03-06 
3 'Structure model' 1 2 2024-04-03 
# 
_pdbx_audit_revision_details.ordinal             1 
_pdbx_audit_revision_details.revision_ordinal    1 
_pdbx_audit_revision_details.data_content_type   'Structure model' 
_pdbx_audit_revision_details.provider            repository 
_pdbx_audit_revision_details.type                'Initial release' 
_pdbx_audit_revision_details.description         ? 
_pdbx_audit_revision_details.details             ? 
# 
loop_
_pdbx_audit_revision_group.ordinal 
_pdbx_audit_revision_group.revision_ordinal 
_pdbx_audit_revision_group.data_content_type 
_pdbx_audit_revision_group.group 
1 2 'Structure model' 'Data collection'        
2 2 'Structure model' 'Database references'    
3 3 'Structure model' 'Refinement description' 
# 
loop_
_pdbx_audit_revision_category.ordinal 
_pdbx_audit_revision_category.revision_ordinal 
_pdbx_audit_revision_category.data_content_type 
_pdbx_audit_revision_category.category 
1 2 'Structure model' chem_comp_atom                
2 2 'Structure model' chem_comp_bond                
3 2 'Structure model' database_2                    
4 3 'Structure model' pdbx_initial_refinement_model 
# 
loop_
_pdbx_audit_revision_item.ordinal 
_pdbx_audit_revision_item.revision_ordinal 
_pdbx_audit_revision_item.data_content_type 
_pdbx_audit_revision_item.item 
1 2 'Structure model' '_database_2.pdbx_DOI'                
2 2 'Structure model' '_database_2.pdbx_database_accession' 
# 
_pdbx_database_status.status_code                     REL 
_pdbx_database_status.status_code_sf                  REL 
_pdbx_database_status.status_code_mr                  ? 
_pdbx_database_status.entry_id                        5UVT 
_pdbx_database_status.recvd_initial_deposition_date   2017-02-20 
_pdbx_database_status.SG_entry                        N 
_pdbx_database_status.deposit_site                    RCSB 
_pdbx_database_status.process_site                    RCSB 
_pdbx_database_status.status_code_cs                  ? 
_pdbx_database_status.methods_development_category    ? 
_pdbx_database_status.pdb_format_compatible           Y 
_pdbx_database_status.status_code_nmr_data            ? 
# 
loop_
_pdbx_database_related.content_type 
_pdbx_database_related.db_id 
_pdbx_database_related.db_name 
_pdbx_database_related.details 
unspecified 5UVS PDB . 
unspecified 5UVU PDB . 
unspecified 5UVV PDB . 
unspecified 5UVZ PDB . 
unspecified 5UVX PDB . 
unspecified 5UVY PDB . 
unspecified 5UVW PDB . 
# 
_audit_author.name               'Park, C.H.' 
_audit_author.pdbx_ordinal       1 
_audit_author.identifier_ORCID   ? 
# 
_citation.abstract                  ? 
_citation.abstract_id_CAS           ? 
_citation.book_id_ISBN              ? 
_citation.book_publisher            ? 
_citation.book_publisher_city       ? 
_citation.book_title                ? 
_citation.coordinate_linkage        ? 
_citation.country                   ? 
_citation.database_id_Medline       ? 
_citation.details                   ? 
_citation.id                        primary 
_citation.journal_abbrev            'To Be Published' 
_citation.journal_id_ASTM           ? 
_citation.journal_id_CSD            0353 
_citation.journal_id_ISSN           ? 
_citation.journal_full              ? 
_citation.journal_issue             ? 
_citation.journal_volume            ? 
_citation.language                  ? 
_citation.page_first                ? 
_citation.page_last                 ? 
_citation.title                     'Complex structure of BRD4_BD2_A-1454056' 
_citation.year                      ? 
_citation.database_id_CSD           ? 
_citation.pdbx_database_id_DOI      ? 
_citation.pdbx_database_id_PubMed   ? 
_citation.unpublished_flag          ? 
# 
_citation_author.citation_id        primary 
_citation_author.name               'Park, C.H.' 
_citation_author.ordinal            1 
_citation_author.identifier_ORCID   ? 
# 
loop_
_entity.id 
_entity.type 
_entity.src_method 
_entity.pdbx_description 
_entity.formula_weight 
_entity.pdbx_number_of_molecules 
_entity.pdbx_ec 
_entity.pdbx_mutation 
_entity.pdbx_fragment 
_entity.details 
1 polymer     man 'Bromodomain-containing protein 4' 12806.933 1   ? ? 'residues 352-457' ? 
2 non-polymer syn 
'7-(cyclopropylmethyl)-2-methyl-10-[(propan-2-yl)sulfonyl]-2,4,6,7-tetrahydro-3H-2,4,7-triazadibenzo[cd,f]azulen-3-one' 411.517   
1   ? ? ?                  ? 
3 water       nat water 18.015    196 ? ? ?                  ? 
# 
_entity_name_com.entity_id   1 
_entity_name_com.name        'Protein HUNK1' 
# 
_entity_poly.entity_id                      1 
_entity_poly.type                           'polypeptide(L)' 
_entity_poly.nstd_linkage                   no 
_entity_poly.nstd_monomer                   no 
_entity_poly.pdbx_seq_one_letter_code       
;SHMEQLKCCSGILKEMFAKKHAAYAWPFYKPVDVEALGLHDYCDIIKHPMDMSTIKSKLEAREYRDAQEFGADVRLMFSN
CYKYNPPDHEVVAMARKLQDVFEMRFAKM
;
_entity_poly.pdbx_seq_one_letter_code_can   
;SHMEQLKCCSGILKEMFAKKHAAYAWPFYKPVDVEALGLHDYCDIIKHPMDMSTIKSKLEAREYRDAQEFGADVRLMFSN
CYKYNPPDHEVVAMARKLQDVFEMRFAKM
;
_entity_poly.pdbx_strand_id                 A 
_entity_poly.pdbx_target_identifier         ? 
# 
loop_
_pdbx_entity_nonpoly.entity_id 
_pdbx_entity_nonpoly.name 
_pdbx_entity_nonpoly.comp_id 
2 '7-(cyclopropylmethyl)-2-methyl-10-[(propan-2-yl)sulfonyl]-2,4,6,7-tetrahydro-3H-2,4,7-triazadibenzo[cd,f]azulen-3-one' 8NV 
3 water                                                                                                                   HOH 
# 
loop_
_entity_poly_seq.entity_id 
_entity_poly_seq.num 
_entity_poly_seq.mon_id 
_entity_poly_seq.hetero 
1 1   SER n 
1 2   HIS n 
1 3   MET n 
1 4   GLU n 
1 5   GLN n 
1 6   LEU n 
1 7   LYS n 
1 8   CYS n 
1 9   CYS n 
1 10  SER n 
1 11  GLY n 
1 12  ILE n 
1 13  LEU n 
1 14  LYS n 
1 15  GLU n 
1 16  MET n 
1 17  PHE n 
1 18  ALA n 
1 19  LYS n 
1 20  LYS n 
1 21  HIS n 
1 22  ALA n 
1 23  ALA n 
1 24  TYR n 
1 25  ALA n 
1 26  TRP n 
1 27  PRO n 
1 28  PHE n 
1 29  TYR n 
1 30  LYS n 
1 31  PRO n 
1 32  VAL n 
1 33  ASP n 
1 34  VAL n 
1 35  GLU n 
1 36  ALA n 
1 37  LEU n 
1 38  GLY n 
1 39  LEU n 
1 40  HIS n 
1 41  ASP n 
1 42  TYR n 
1 43  CYS n 
1 44  ASP n 
1 45  ILE n 
1 46  ILE n 
1 47  LYS n 
1 48  HIS n 
1 49  PRO n 
1 50  MET n 
1 51  ASP n 
1 52  MET n 
1 53  SER n 
1 54  THR n 
1 55  ILE n 
1 56  LYS n 
1 57  SER n 
1 58  LYS n 
1 59  LEU n 
1 60  GLU n 
1 61  ALA n 
1 62  ARG n 
1 63  GLU n 
1 64  TYR n 
1 65  ARG n 
1 66  ASP n 
1 67  ALA n 
1 68  GLN n 
1 69  GLU n 
1 70  PHE n 
1 71  GLY n 
1 72  ALA n 
1 73  ASP n 
1 74  VAL n 
1 75  ARG n 
1 76  LEU n 
1 77  MET n 
1 78  PHE n 
1 79  SER n 
1 80  ASN n 
1 81  CYS n 
1 82  TYR n 
1 83  LYS n 
1 84  TYR n 
1 85  ASN n 
1 86  PRO n 
1 87  PRO n 
1 88  ASP n 
1 89  HIS n 
1 90  GLU n 
1 91  VAL n 
1 92  VAL n 
1 93  ALA n 
1 94  MET n 
1 95  ALA n 
1 96  ARG n 
1 97  LYS n 
1 98  LEU n 
1 99  GLN n 
1 100 ASP n 
1 101 VAL n 
1 102 PHE n 
1 103 GLU n 
1 104 MET n 
1 105 ARG n 
1 106 PHE n 
1 107 ALA n 
1 108 LYS n 
1 109 MET n 
# 
_entity_src_gen.entity_id                          1 
_entity_src_gen.pdbx_src_id                        1 
_entity_src_gen.pdbx_alt_source_flag               sample 
_entity_src_gen.pdbx_seq_type                      'Biological sequence' 
_entity_src_gen.pdbx_beg_seq_num                   1 
_entity_src_gen.pdbx_end_seq_num                   109 
_entity_src_gen.gene_src_common_name               Human 
_entity_src_gen.gene_src_genus                     ? 
_entity_src_gen.pdbx_gene_src_gene                 'BRD4, HUNK1' 
_entity_src_gen.gene_src_species                   ? 
_entity_src_gen.gene_src_strain                    ? 
_entity_src_gen.gene_src_tissue                    ? 
_entity_src_gen.gene_src_tissue_fraction           ? 
_entity_src_gen.gene_src_details                   ? 
_entity_src_gen.pdbx_gene_src_fragment             ? 
_entity_src_gen.pdbx_gene_src_scientific_name      'Homo sapiens' 
_entity_src_gen.pdbx_gene_src_ncbi_taxonomy_id     9606 
_entity_src_gen.pdbx_gene_src_variant              ? 
_entity_src_gen.pdbx_gene_src_cell_line            ? 
_entity_src_gen.pdbx_gene_src_atcc                 ? 
_entity_src_gen.pdbx_gene_src_organ                ? 
_entity_src_gen.pdbx_gene_src_organelle            ? 
_entity_src_gen.pdbx_gene_src_cell                 ? 
_entity_src_gen.pdbx_gene_src_cellular_location    ? 
_entity_src_gen.host_org_common_name               ? 
_entity_src_gen.pdbx_host_org_scientific_name      'Enterobacteria phage L1' 
_entity_src_gen.pdbx_host_org_ncbi_taxonomy_id     268588 
_entity_src_gen.host_org_genus                     ? 
_entity_src_gen.pdbx_host_org_gene                 ? 
_entity_src_gen.pdbx_host_org_organ                ? 
_entity_src_gen.host_org_species                   ? 
_entity_src_gen.pdbx_host_org_tissue               ? 
_entity_src_gen.pdbx_host_org_tissue_fraction      ? 
_entity_src_gen.pdbx_host_org_strain               ? 
_entity_src_gen.pdbx_host_org_variant              ? 
_entity_src_gen.pdbx_host_org_cell_line            ? 
_entity_src_gen.pdbx_host_org_atcc                 ? 
_entity_src_gen.pdbx_host_org_culture_collection   ? 
_entity_src_gen.pdbx_host_org_cell                 ? 
_entity_src_gen.pdbx_host_org_organelle            ? 
_entity_src_gen.pdbx_host_org_cellular_location    ? 
_entity_src_gen.pdbx_host_org_vector_type          ? 
_entity_src_gen.pdbx_host_org_vector               ? 
_entity_src_gen.host_org_details                   ? 
_entity_src_gen.expression_system_id               ? 
_entity_src_gen.plasmid_name                       ? 
_entity_src_gen.plasmid_details                    ? 
_entity_src_gen.pdbx_description                   ? 
# 
loop_
_chem_comp.id 
_chem_comp.type 
_chem_comp.mon_nstd_flag 
_chem_comp.name 
_chem_comp.pdbx_synonyms 
_chem_comp.formula 
_chem_comp.formula_weight 
8NV non-polymer         . 
'7-(cyclopropylmethyl)-2-methyl-10-[(propan-2-yl)sulfonyl]-2,4,6,7-tetrahydro-3H-2,4,7-triazadibenzo[cd,f]azulen-3-one' ? 
'C22 H25 N3 O3 S' 411.517 
ALA 'L-peptide linking' y ALANINE ? 'C3 H7 N O2'      89.093  
ARG 'L-peptide linking' y ARGININE ? 'C6 H15 N4 O2 1'  175.209 
ASN 'L-peptide linking' y ASPARAGINE ? 'C4 H8 N2 O3'     132.118 
ASP 'L-peptide linking' y 'ASPARTIC ACID' ? 'C4 H7 N O4'      133.103 
CYS 'L-peptide linking' y CYSTEINE ? 'C3 H7 N O2 S'    121.158 
GLN 'L-peptide linking' y GLUTAMINE ? 'C5 H10 N2 O3'    146.144 
GLU 'L-peptide linking' y 'GLUTAMIC ACID' ? 'C5 H9 N O4'      147.129 
GLY 'peptide linking'   y GLYCINE ? 'C2 H5 N O2'      75.067  
HIS 'L-peptide linking' y HISTIDINE ? 'C6 H10 N3 O2 1'  156.162 
HOH non-polymer         . WATER ? 'H2 O'            18.015  
ILE 'L-peptide linking' y ISOLEUCINE ? 'C6 H13 N O2'     131.173 
LEU 'L-peptide linking' y LEUCINE ? 'C6 H13 N O2'     131.173 
LYS 'L-peptide linking' y LYSINE ? 'C6 H15 N2 O2 1'  147.195 
MET 'L-peptide linking' y METHIONINE ? 'C5 H11 N O2 S'   149.211 
PHE 'L-peptide linking' y PHENYLALANINE ? 'C9 H11 N O2'     165.189 
PRO 'L-peptide linking' y PROLINE ? 'C5 H9 N O2'      115.130 
SER 'L-peptide linking' y SERINE ? 'C3 H7 N O3'      105.093 
THR 'L-peptide linking' y THREONINE ? 'C4 H9 N O3'      119.119 
TRP 'L-peptide linking' y TRYPTOPHAN ? 'C11 H12 N2 O2'   204.225 
TYR 'L-peptide linking' y TYROSINE ? 'C9 H11 N O3'     181.189 
VAL 'L-peptide linking' y VALINE ? 'C5 H11 N O2'     117.146 
# 
loop_
_pdbx_poly_seq_scheme.asym_id 
_pdbx_poly_seq_scheme.entity_id 
_pdbx_poly_seq_scheme.seq_id 
_pdbx_poly_seq_scheme.mon_id 
_pdbx_poly_seq_scheme.ndb_seq_num 
_pdbx_poly_seq_scheme.pdb_seq_num 
_pdbx_poly_seq_scheme.auth_seq_num 
_pdbx_poly_seq_scheme.pdb_mon_id 
_pdbx_poly_seq_scheme.auth_mon_id 
_pdbx_poly_seq_scheme.pdb_strand_id 
_pdbx_poly_seq_scheme.pdb_ins_code 
_pdbx_poly_seq_scheme.hetero 
A 1 1   SER 1   349 ?   ?   ?   A . n 
A 1 2   HIS 2   350 ?   ?   ?   A . n 
A 1 3   MET 3   351 ?   ?   ?   A . n 
A 1 4   GLU 4   352 352 GLU GLU A . n 
A 1 5   GLN 5   353 353 GLN GLN A . n 
A 1 6   LEU 6   354 354 LEU LEU A . n 
A 1 7   LYS 7   355 355 LYS LYS A . n 
A 1 8   CYS 8   356 356 CYS CYS A . n 
A 1 9   CYS 9   357 357 CYS CYS A . n 
A 1 10  SER 10  358 358 SER SER A . n 
A 1 11  GLY 11  359 359 GLY GLY A . n 
A 1 12  ILE 12  360 360 ILE ILE A . n 
A 1 13  LEU 13  361 361 LEU LEU A . n 
A 1 14  LYS 14  362 362 LYS LYS A . n 
A 1 15  GLU 15  363 363 GLU GLU A . n 
A 1 16  MET 16  364 364 MET MET A . n 
A 1 17  PHE 17  365 365 PHE PHE A . n 
A 1 18  ALA 18  366 366 ALA ALA A . n 
A 1 19  LYS 19  367 367 LYS LYS A . n 
A 1 20  LYS 20  368 368 LYS LYS A . n 
A 1 21  HIS 21  369 369 HIS HIS A . n 
A 1 22  ALA 22  370 370 ALA ALA A . n 
A 1 23  ALA 23  371 371 ALA ALA A . n 
A 1 24  TYR 24  372 372 TYR TYR A . n 
A 1 25  ALA 25  373 373 ALA ALA A . n 
A 1 26  TRP 26  374 374 TRP TRP A . n 
A 1 27  PRO 27  375 375 PRO PRO A . n 
A 1 28  PHE 28  376 376 PHE PHE A . n 
A 1 29  TYR 29  377 377 TYR TYR A . n 
A 1 30  LYS 30  378 378 LYS LYS A . n 
A 1 31  PRO 31  379 379 PRO PRO A . n 
A 1 32  VAL 32  380 380 VAL VAL A . n 
A 1 33  ASP 33  381 381 ASP ASP A . n 
A 1 34  VAL 34  382 382 VAL VAL A . n 
A 1 35  GLU 35  383 383 GLU GLU A . n 
A 1 36  ALA 36  384 384 ALA ALA A . n 
A 1 37  LEU 37  385 385 LEU LEU A . n 
A 1 38  GLY 38  386 386 GLY GLY A . n 
A 1 39  LEU 39  387 387 LEU LEU A . n 
A 1 40  HIS 40  388 388 HIS HIS A . n 
A 1 41  ASP 41  389 389 ASP ASP A . n 
A 1 42  TYR 42  390 390 TYR TYR A . n 
A 1 43  CYS 43  391 391 CYS CYS A . n 
A 1 44  ASP 44  392 392 ASP ASP A . n 
A 1 45  ILE 45  393 393 ILE ILE A . n 
A 1 46  ILE 46  394 394 ILE ILE A . n 
A 1 47  LYS 47  395 395 LYS LYS A . n 
A 1 48  HIS 48  396 396 HIS HIS A . n 
A 1 49  PRO 49  397 397 PRO PRO A . n 
A 1 50  MET 50  398 398 MET MET A . n 
A 1 51  ASP 51  399 399 ASP ASP A . n 
A 1 52  MET 52  400 400 MET MET A . n 
A 1 53  SER 53  401 401 SER SER A . n 
A 1 54  THR 54  402 402 THR THR A . n 
A 1 55  ILE 55  403 403 ILE ILE A . n 
A 1 56  LYS 56  404 404 LYS LYS A . n 
A 1 57  SER 57  405 405 SER SER A . n 
A 1 58  LYS 58  406 406 LYS LYS A . n 
A 1 59  LEU 59  407 407 LEU LEU A . n 
A 1 60  GLU 60  408 408 GLU GLU A . n 
A 1 61  ALA 61  409 409 ALA ALA A . n 
A 1 62  ARG 62  410 410 ARG ARG A . n 
A 1 63  GLU 63  411 411 GLU GLU A . n 
A 1 64  TYR 64  412 412 TYR TYR A . n 
A 1 65  ARG 65  413 413 ARG ARG A . n 
A 1 66  ASP 66  414 414 ASP ASP A . n 
A 1 67  ALA 67  415 415 ALA ALA A . n 
A 1 68  GLN 68  416 416 GLN GLN A . n 
A 1 69  GLU 69  417 417 GLU GLU A . n 
A 1 70  PHE 70  418 418 PHE PHE A . n 
A 1 71  GLY 71  419 419 GLY GLY A . n 
A 1 72  ALA 72  420 420 ALA ALA A . n 
A 1 73  ASP 73  421 421 ASP ASP A . n 
A 1 74  VAL 74  422 422 VAL VAL A . n 
A 1 75  ARG 75  423 423 ARG ARG A . n 
A 1 76  LEU 76  424 424 LEU LEU A . n 
A 1 77  MET 77  425 425 MET MET A . n 
A 1 78  PHE 78  426 426 PHE PHE A . n 
A 1 79  SER 79  427 427 SER SER A . n 
A 1 80  ASN 80  428 428 ASN ASN A . n 
A 1 81  CYS 81  429 429 CYS CYS A . n 
A 1 82  TYR 82  430 430 TYR TYR A . n 
A 1 83  LYS 83  431 431 LYS LYS A . n 
A 1 84  TYR 84  432 432 TYR TYR A . n 
A 1 85  ASN 85  433 433 ASN ASN A . n 
A 1 86  PRO 86  434 434 PRO PRO A . n 
A 1 87  PRO 87  435 435 PRO PRO A . n 
A 1 88  ASP 88  436 436 ASP ASP A . n 
A 1 89  HIS 89  437 437 HIS HIS A . n 
A 1 90  GLU 90  438 438 GLU GLU A . n 
A 1 91  VAL 91  439 439 VAL VAL A . n 
A 1 92  VAL 92  440 440 VAL VAL A . n 
A 1 93  ALA 93  441 441 ALA ALA A . n 
A 1 94  MET 94  442 442 MET MET A . n 
A 1 95  ALA 95  443 443 ALA ALA A . n 
A 1 96  ARG 96  444 444 ARG ARG A . n 
A 1 97  LYS 97  445 445 LYS LYS A . n 
A 1 98  LEU 98  446 446 LEU LEU A . n 
A 1 99  GLN 99  447 447 GLN GLN A . n 
A 1 100 ASP 100 448 448 ASP ASP A . n 
A 1 101 VAL 101 449 449 VAL VAL A . n 
A 1 102 PHE 102 450 450 PHE PHE A . n 
A 1 103 GLU 103 451 451 GLU GLU A . n 
A 1 104 MET 104 452 452 MET MET A . n 
A 1 105 ARG 105 453 453 ARG ARG A . n 
A 1 106 PHE 106 454 454 PHE PHE A . n 
A 1 107 ALA 107 455 455 ALA ALA A . n 
A 1 108 LYS 108 456 456 LYS LYS A . n 
A 1 109 MET 109 457 457 MET MET A . n 
# 
loop_
_pdbx_nonpoly_scheme.asym_id 
_pdbx_nonpoly_scheme.entity_id 
_pdbx_nonpoly_scheme.mon_id 
_pdbx_nonpoly_scheme.ndb_seq_num 
_pdbx_nonpoly_scheme.pdb_seq_num 
_pdbx_nonpoly_scheme.auth_seq_num 
_pdbx_nonpoly_scheme.pdb_mon_id 
_pdbx_nonpoly_scheme.auth_mon_id 
_pdbx_nonpoly_scheme.pdb_strand_id 
_pdbx_nonpoly_scheme.pdb_ins_code 
B 2 8NV 1   501 1   8NV LIG A . 
C 3 HOH 1   601 196 HOH HOH A . 
C 3 HOH 2   602 19  HOH HOH A . 
C 3 HOH 3   603 61  HOH HOH A . 
C 3 HOH 4   604 125 HOH HOH A . 
C 3 HOH 5   605 129 HOH HOH A . 
C 3 HOH 6   606 6   HOH HOH A . 
C 3 HOH 7   607 60  HOH HOH A . 
C 3 HOH 8   608 1   HOH HOH A . 
C 3 HOH 9   609 25  HOH HOH A . 
C 3 HOH 10  610 17  HOH HOH A . 
C 3 HOH 11  611 37  HOH HOH A . 
C 3 HOH 12  612 30  HOH HOH A . 
C 3 HOH 13  613 193 HOH HOH A . 
C 3 HOH 14  614 47  HOH HOH A . 
C 3 HOH 15  615 66  HOH HOH A . 
C 3 HOH 16  616 10  HOH HOH A . 
C 3 HOH 17  617 51  HOH HOH A . 
C 3 HOH 18  618 20  HOH HOH A . 
C 3 HOH 19  619 179 HOH HOH A . 
C 3 HOH 20  620 77  HOH HOH A . 
C 3 HOH 21  621 86  HOH HOH A . 
C 3 HOH 22  622 55  HOH HOH A . 
C 3 HOH 23  623 11  HOH HOH A . 
C 3 HOH 24  624 135 HOH HOH A . 
C 3 HOH 25  625 7   HOH HOH A . 
C 3 HOH 26  626 63  HOH HOH A . 
C 3 HOH 27  627 12  HOH HOH A . 
C 3 HOH 28  628 70  HOH HOH A . 
C 3 HOH 29  629 81  HOH HOH A . 
C 3 HOH 30  630 46  HOH HOH A . 
C 3 HOH 31  631 15  HOH HOH A . 
C 3 HOH 32  632 54  HOH HOH A . 
C 3 HOH 33  633 93  HOH HOH A . 
C 3 HOH 34  634 186 HOH HOH A . 
C 3 HOH 35  635 183 HOH HOH A . 
C 3 HOH 36  636 91  HOH HOH A . 
C 3 HOH 37  637 144 HOH HOH A . 
C 3 HOH 38  638 80  HOH HOH A . 
C 3 HOH 39  639 8   HOH HOH A . 
C 3 HOH 40  640 166 HOH HOH A . 
C 3 HOH 41  641 35  HOH HOH A . 
C 3 HOH 42  642 76  HOH HOH A . 
C 3 HOH 43  643 111 HOH HOH A . 
C 3 HOH 44  644 64  HOH HOH A . 
C 3 HOH 45  645 36  HOH HOH A . 
C 3 HOH 46  646 149 HOH HOH A . 
C 3 HOH 47  647 85  HOH HOH A . 
C 3 HOH 48  648 31  HOH HOH A . 
C 3 HOH 49  649 9   HOH HOH A . 
C 3 HOH 50  650 71  HOH HOH A . 
C 3 HOH 51  651 14  HOH HOH A . 
C 3 HOH 52  652 45  HOH HOH A . 
C 3 HOH 53  653 33  HOH HOH A . 
C 3 HOH 54  654 2   HOH HOH A . 
C 3 HOH 55  655 52  HOH HOH A . 
C 3 HOH 56  656 4   HOH HOH A . 
C 3 HOH 57  657 82  HOH HOH A . 
C 3 HOH 58  658 73  HOH HOH A . 
C 3 HOH 59  659 126 HOH HOH A . 
C 3 HOH 60  660 29  HOH HOH A . 
C 3 HOH 61  661 87  HOH HOH A . 
C 3 HOH 62  662 3   HOH HOH A . 
C 3 HOH 63  663 122 HOH HOH A . 
C 3 HOH 64  664 49  HOH HOH A . 
C 3 HOH 65  665 39  HOH HOH A . 
C 3 HOH 66  666 106 HOH HOH A . 
C 3 HOH 67  667 83  HOH HOH A . 
C 3 HOH 68  668 13  HOH HOH A . 
C 3 HOH 69  669 162 HOH HOH A . 
C 3 HOH 70  670 102 HOH HOH A . 
C 3 HOH 71  671 5   HOH HOH A . 
C 3 HOH 72  672 184 HOH HOH A . 
C 3 HOH 73  673 98  HOH HOH A . 
C 3 HOH 74  674 121 HOH HOH A . 
C 3 HOH 75  675 65  HOH HOH A . 
C 3 HOH 76  676 188 HOH HOH A . 
C 3 HOH 77  677 72  HOH HOH A . 
C 3 HOH 78  678 110 HOH HOH A . 
C 3 HOH 79  679 24  HOH HOH A . 
C 3 HOH 80  680 16  HOH HOH A . 
C 3 HOH 81  681 75  HOH HOH A . 
C 3 HOH 82  682 50  HOH HOH A . 
C 3 HOH 83  683 38  HOH HOH A . 
C 3 HOH 84  684 142 HOH HOH A . 
C 3 HOH 85  685 96  HOH HOH A . 
C 3 HOH 86  686 22  HOH HOH A . 
C 3 HOH 87  687 128 HOH HOH A . 
C 3 HOH 88  688 118 HOH HOH A . 
C 3 HOH 89  689 105 HOH HOH A . 
C 3 HOH 90  690 42  HOH HOH A . 
C 3 HOH 91  691 131 HOH HOH A . 
C 3 HOH 92  692 175 HOH HOH A . 
C 3 HOH 93  693 107 HOH HOH A . 
C 3 HOH 94  694 57  HOH HOH A . 
C 3 HOH 95  695 68  HOH HOH A . 
C 3 HOH 96  696 153 HOH HOH A . 
C 3 HOH 97  697 95  HOH HOH A . 
C 3 HOH 98  698 41  HOH HOH A . 
C 3 HOH 99  699 133 HOH HOH A . 
C 3 HOH 100 700 21  HOH HOH A . 
C 3 HOH 101 701 32  HOH HOH A . 
C 3 HOH 102 702 90  HOH HOH A . 
C 3 HOH 103 703 27  HOH HOH A . 
C 3 HOH 104 704 43  HOH HOH A . 
C 3 HOH 105 705 18  HOH HOH A . 
C 3 HOH 106 706 114 HOH HOH A . 
C 3 HOH 107 707 190 HOH HOH A . 
C 3 HOH 108 708 191 HOH HOH A . 
C 3 HOH 109 709 92  HOH HOH A . 
C 3 HOH 110 710 69  HOH HOH A . 
C 3 HOH 111 711 89  HOH HOH A . 
C 3 HOH 112 712 134 HOH HOH A . 
C 3 HOH 113 713 119 HOH HOH A . 
C 3 HOH 114 714 34  HOH HOH A . 
C 3 HOH 115 715 192 HOH HOH A . 
C 3 HOH 116 716 189 HOH HOH A . 
C 3 HOH 117 717 165 HOH HOH A . 
C 3 HOH 118 718 160 HOH HOH A . 
C 3 HOH 119 719 140 HOH HOH A . 
C 3 HOH 120 720 150 HOH HOH A . 
C 3 HOH 121 721 84  HOH HOH A . 
C 3 HOH 122 722 28  HOH HOH A . 
C 3 HOH 123 723 100 HOH HOH A . 
C 3 HOH 124 724 163 HOH HOH A . 
C 3 HOH 125 725 141 HOH HOH A . 
C 3 HOH 126 726 143 HOH HOH A . 
C 3 HOH 127 727 136 HOH HOH A . 
C 3 HOH 128 728 79  HOH HOH A . 
C 3 HOH 129 729 132 HOH HOH A . 
C 3 HOH 130 730 154 HOH HOH A . 
C 3 HOH 131 731 159 HOH HOH A . 
C 3 HOH 132 732 53  HOH HOH A . 
C 3 HOH 133 733 185 HOH HOH A . 
C 3 HOH 134 734 177 HOH HOH A . 
C 3 HOH 135 735 113 HOH HOH A . 
C 3 HOH 136 736 157 HOH HOH A . 
C 3 HOH 137 737 167 HOH HOH A . 
C 3 HOH 138 738 171 HOH HOH A . 
C 3 HOH 139 739 112 HOH HOH A . 
C 3 HOH 140 740 116 HOH HOH A . 
C 3 HOH 141 741 145 HOH HOH A . 
C 3 HOH 142 742 138 HOH HOH A . 
C 3 HOH 143 743 168 HOH HOH A . 
C 3 HOH 144 744 48  HOH HOH A . 
C 3 HOH 145 745 26  HOH HOH A . 
C 3 HOH 146 746 164 HOH HOH A . 
C 3 HOH 147 747 56  HOH HOH A . 
C 3 HOH 148 748 123 HOH HOH A . 
C 3 HOH 149 749 187 HOH HOH A . 
C 3 HOH 150 750 147 HOH HOH A . 
C 3 HOH 151 751 103 HOH HOH A . 
C 3 HOH 152 752 40  HOH HOH A . 
C 3 HOH 153 753 120 HOH HOH A . 
C 3 HOH 154 754 117 HOH HOH A . 
C 3 HOH 155 755 139 HOH HOH A . 
C 3 HOH 156 756 137 HOH HOH A . 
C 3 HOH 157 757 108 HOH HOH A . 
C 3 HOH 158 758 44  HOH HOH A . 
C 3 HOH 159 759 99  HOH HOH A . 
C 3 HOH 160 760 174 HOH HOH A . 
C 3 HOH 161 761 148 HOH HOH A . 
C 3 HOH 162 762 180 HOH HOH A . 
C 3 HOH 163 763 115 HOH HOH A . 
C 3 HOH 164 764 176 HOH HOH A . 
C 3 HOH 165 765 67  HOH HOH A . 
C 3 HOH 166 766 62  HOH HOH A . 
C 3 HOH 167 767 109 HOH HOH A . 
C 3 HOH 168 768 152 HOH HOH A . 
C 3 HOH 169 769 182 HOH HOH A . 
C 3 HOH 170 770 169 HOH HOH A . 
C 3 HOH 171 771 195 HOH HOH A . 
C 3 HOH 172 772 124 HOH HOH A . 
C 3 HOH 173 773 101 HOH HOH A . 
C 3 HOH 174 774 88  HOH HOH A . 
C 3 HOH 175 775 23  HOH HOH A . 
C 3 HOH 176 776 59  HOH HOH A . 
C 3 HOH 177 777 58  HOH HOH A . 
C 3 HOH 178 778 97  HOH HOH A . 
C 3 HOH 179 779 170 HOH HOH A . 
C 3 HOH 180 780 181 HOH HOH A . 
C 3 HOH 181 781 127 HOH HOH A . 
C 3 HOH 182 782 194 HOH HOH A . 
C 3 HOH 183 783 158 HOH HOH A . 
C 3 HOH 184 784 130 HOH HOH A . 
C 3 HOH 185 785 74  HOH HOH A . 
C 3 HOH 186 786 178 HOH HOH A . 
C 3 HOH 187 787 104 HOH HOH A . 
C 3 HOH 188 788 78  HOH HOH A . 
C 3 HOH 189 789 156 HOH HOH A . 
C 3 HOH 190 790 155 HOH HOH A . 
C 3 HOH 191 791 161 HOH HOH A . 
C 3 HOH 192 792 146 HOH HOH A . 
C 3 HOH 193 793 94  HOH HOH A . 
C 3 HOH 194 794 151 HOH HOH A . 
C 3 HOH 195 795 172 HOH HOH A . 
C 3 HOH 196 796 173 HOH HOH A . 
# 
loop_
_software.citation_id 
_software.classification 
_software.compiler_name 
_software.compiler_version 
_software.contact_author 
_software.contact_author_email 
_software.date 
_software.description 
_software.dependencies 
_software.hardware 
_software.language 
_software.location 
_software.mods 
_software.name 
_software.os 
_software.os_version 
_software.type 
_software.version 
_software.pdbx_ordinal 
? 'data reduction' ? ? ? ? ? ? ? ? ? ? ? XDS    ? ? ? 2.11.7 1 
? 'data scaling'   ? ? ? ? ? ? ? ? ? ? ? SCALA  ? ? ? .      2 
? 'model building' ? ? ? ? ? ? ? ? ? ? ? Coot   ? ? ? .      3 
? refinement       ? ? ? ? ? ? ? ? ? ? ? BUSTER ? ? ? 2.11.7 4 
# 
_cell.angle_alpha                  90.00 
_cell.angle_alpha_esd              ? 
_cell.angle_beta                   90.00 
_cell.angle_beta_esd               ? 
_cell.angle_gamma                  90.00 
_cell.angle_gamma_esd              ? 
_cell.entry_id                     5UVT 
_cell.details                      ? 
_cell.formula_units_Z              ? 
_cell.length_a                     63.497 
_cell.length_a_esd                 ? 
_cell.length_b                     70.407 
_cell.length_b_esd                 ? 
_cell.length_c                     33.633 
_cell.length_c_esd                 ? 
_cell.volume                       ? 
_cell.volume_esd                   ? 
_cell.Z_PDB                        4 
_cell.reciprocal_angle_alpha       ? 
_cell.reciprocal_angle_beta        ? 
_cell.reciprocal_angle_gamma       ? 
_cell.reciprocal_angle_alpha_esd   ? 
_cell.reciprocal_angle_beta_esd    ? 
_cell.reciprocal_angle_gamma_esd   ? 
_cell.reciprocal_length_a          ? 
_cell.reciprocal_length_b          ? 
_cell.reciprocal_length_c          ? 
_cell.reciprocal_length_a_esd      ? 
_cell.reciprocal_length_b_esd      ? 
_cell.reciprocal_length_c_esd      ? 
_cell.pdbx_unique_axis             ? 
# 
_symmetry.entry_id                         5UVT 
_symmetry.cell_setting                     ? 
_symmetry.Int_Tables_number                18 
_symmetry.space_group_name_Hall            ? 
_symmetry.space_group_name_H-M             'P 21 21 2' 
_symmetry.pdbx_full_space_group_name_H-M   ? 
# 
_exptl.absorpt_coefficient_mu     ? 
_exptl.absorpt_correction_T_max   ? 
_exptl.absorpt_correction_T_min   ? 
_exptl.absorpt_correction_type    ? 
_exptl.absorpt_process_details    ? 
_exptl.entry_id                   5UVT 
_exptl.crystals_number            1 
_exptl.details                    ? 
_exptl.method                     'X-RAY DIFFRACTION' 
_exptl.method_details             ? 
# 
_exptl_crystal.colour                      ? 
_exptl_crystal.density_diffrn              ? 
_exptl_crystal.density_Matthews            3.02 
_exptl_crystal.density_method              ? 
_exptl_crystal.density_percent_sol         59.26 
_exptl_crystal.description                 ? 
_exptl_crystal.F_000                       ? 
_exptl_crystal.id                          1 
_exptl_crystal.preparation                 ? 
_exptl_crystal.size_max                    ? 
_exptl_crystal.size_mid                    ? 
_exptl_crystal.size_min                    ? 
_exptl_crystal.size_rad                    ? 
_exptl_crystal.colour_lustre               ? 
_exptl_crystal.colour_modifier             ? 
_exptl_crystal.colour_primary              ? 
_exptl_crystal.density_meas                ? 
_exptl_crystal.density_meas_esd            ? 
_exptl_crystal.density_meas_gt             ? 
_exptl_crystal.density_meas_lt             ? 
_exptl_crystal.density_meas_temp           ? 
_exptl_crystal.density_meas_temp_esd       ? 
_exptl_crystal.density_meas_temp_gt        ? 
_exptl_crystal.density_meas_temp_lt        ? 
_exptl_crystal.pdbx_crystal_image_url      ? 
_exptl_crystal.pdbx_crystal_image_format   ? 
_exptl_crystal.pdbx_mosaicity              ? 
_exptl_crystal.pdbx_mosaicity_esd          ? 
# 
_exptl_crystal_grow.apparatus       ? 
_exptl_crystal_grow.atmosphere      ? 
_exptl_crystal_grow.crystal_id      1 
_exptl_crystal_grow.details         ? 
_exptl_crystal_grow.method          'VAPOR DIFFUSION' 
_exptl_crystal_grow.method_ref      ? 
_exptl_crystal_grow.pH              ? 
_exptl_crystal_grow.pressure        ? 
_exptl_crystal_grow.pressure_esd    ? 
_exptl_crystal_grow.seeding         ? 
_exptl_crystal_grow.seeding_ref     ? 
_exptl_crystal_grow.temp            277 
_exptl_crystal_grow.temp_details    ? 
_exptl_crystal_grow.temp_esd        ? 
_exptl_crystal_grow.time            ? 
_exptl_crystal_grow.pdbx_details    
;Protein Buffer :
10 mM HEPES PH 7.5
100 mM NaCl     5 mM DTT
Crystallization :
15 % (v/v) Ethanol Tris PH 7.0
;
_exptl_crystal_grow.pdbx_pH_range   ? 
# 
_diffrn.ambient_environment    ? 
_diffrn.ambient_temp           100 
_diffrn.ambient_temp_details   ? 
_diffrn.ambient_temp_esd       ? 
_diffrn.crystal_id             1 
_diffrn.crystal_support        ? 
_diffrn.crystal_treatment      ? 
_diffrn.details                ? 
_diffrn.id                     1 
_diffrn.ambient_pressure       ? 
_diffrn.ambient_pressure_esd   ? 
_diffrn.ambient_pressure_gt    ? 
_diffrn.ambient_pressure_lt    ? 
_diffrn.ambient_temp_gt        ? 
_diffrn.ambient_temp_lt        ? 
# 
_diffrn_detector.details                      ? 
_diffrn_detector.detector                     PIXEL 
_diffrn_detector.diffrn_id                    1 
_diffrn_detector.type                         'DECTRIS PILATUS3 S 6M' 
_diffrn_detector.area_resol_mean              ? 
_diffrn_detector.dtime                        ? 
_diffrn_detector.pdbx_frames_total            ? 
_diffrn_detector.pdbx_collection_time_total   ? 
_diffrn_detector.pdbx_collection_date         2012-10-24 
# 
_diffrn_radiation.collimation                      ? 
_diffrn_radiation.diffrn_id                        1 
_diffrn_radiation.filter_edge                      ? 
_diffrn_radiation.inhomogeneity                    ? 
_diffrn_radiation.monochromator                    ? 
_diffrn_radiation.polarisn_norm                    ? 
_diffrn_radiation.polarisn_ratio                   ? 
_diffrn_radiation.probe                            ? 
_diffrn_radiation.type                             ? 
_diffrn_radiation.xray_symbol                      ? 
_diffrn_radiation.wavelength_id                    1 
_diffrn_radiation.pdbx_monochromatic_or_laue_m_l   M 
_diffrn_radiation.pdbx_wavelength_list             ? 
_diffrn_radiation.pdbx_wavelength                  ? 
_diffrn_radiation.pdbx_diffrn_protocol             'SINGLE WAVELENGTH' 
_diffrn_radiation.pdbx_analyzer                    ? 
_diffrn_radiation.pdbx_scattering_type             x-ray 
# 
_diffrn_radiation_wavelength.id           1 
_diffrn_radiation_wavelength.wavelength   1.0 
_diffrn_radiation_wavelength.wt           1.0 
# 
_diffrn_source.current                     ? 
_diffrn_source.details                     ? 
_diffrn_source.diffrn_id                   1 
_diffrn_source.power                       ? 
_diffrn_source.size                        ? 
_diffrn_source.source                      SYNCHROTRON 
_diffrn_source.target                      ? 
_diffrn_source.type                        'APS BEAMLINE 17-ID' 
_diffrn_source.voltage                     ? 
_diffrn_source.take-off_angle              ? 
_diffrn_source.pdbx_wavelength_list        1.0 
_diffrn_source.pdbx_wavelength             ? 
_diffrn_source.pdbx_synchrotron_beamline   17-ID 
_diffrn_source.pdbx_synchrotron_site       APS 
# 
_reflns.B_iso_Wilson_estimate            21.56 
_reflns.entry_id                         5UVT 
_reflns.data_reduction_details           ? 
_reflns.data_reduction_method            ? 
_reflns.d_resolution_high                1.67 
_reflns.d_resolution_low                 35.2 
_reflns.details                          ? 
_reflns.limit_h_max                      ? 
_reflns.limit_h_min                      ? 
_reflns.limit_k_max                      ? 
_reflns.limit_k_min                      ? 
_reflns.limit_l_max                      ? 
_reflns.limit_l_min                      ? 
_reflns.number_all                       ? 
_reflns.number_obs                       18056 
_reflns.observed_criterion               ? 
_reflns.observed_criterion_F_max         ? 
_reflns.observed_criterion_F_min         ? 
_reflns.observed_criterion_I_max         ? 
_reflns.observed_criterion_I_min         ? 
_reflns.observed_criterion_sigma_F       ? 
_reflns.observed_criterion_sigma_I       ? 
_reflns.percent_possible_obs             100 
_reflns.R_free_details                   ? 
_reflns.Rmerge_F_all                     ? 
_reflns.Rmerge_F_obs                     ? 
_reflns.Friedel_coverage                 ? 
_reflns.number_gt                        ? 
_reflns.threshold_expression             ? 
_reflns.pdbx_redundancy                  6.4 
_reflns.pdbx_Rmerge_I_obs                0.070 
_reflns.pdbx_Rmerge_I_all                ? 
_reflns.pdbx_Rsym_value                  0.070 
_reflns.pdbx_netI_over_av_sigmaI         ? 
_reflns.pdbx_netI_over_sigmaI            18.9 
_reflns.pdbx_res_netI_over_av_sigmaI_2   ? 
_reflns.pdbx_res_netI_over_sigmaI_2      ? 
_reflns.pdbx_chi_squared                 ? 
_reflns.pdbx_scaling_rejects             ? 
_reflns.pdbx_d_res_high_opt              ? 
_reflns.pdbx_d_res_low_opt               ? 
_reflns.pdbx_d_res_opt_method            ? 
_reflns.phase_calculation_details        ? 
_reflns.pdbx_Rrim_I_all                  ? 
_reflns.pdbx_Rpim_I_all                  ? 
_reflns.pdbx_d_opt                       ? 
_reflns.pdbx_number_measured_all         ? 
_reflns.pdbx_diffrn_id                   1 
_reflns.pdbx_ordinal                     1 
_reflns.pdbx_CC_half                     ? 
_reflns.pdbx_R_split                     ? 
# 
_reflns_shell.d_res_high                  . 
_reflns_shell.d_res_low                   ? 
_reflns_shell.meanI_over_sigI_all         ? 
_reflns_shell.meanI_over_sigI_obs         ? 
_reflns_shell.number_measured_all         ? 
_reflns_shell.number_measured_obs         ? 
_reflns_shell.number_possible             ? 
_reflns_shell.number_unique_all           ? 
_reflns_shell.number_unique_obs           ? 
_reflns_shell.percent_possible_all        ? 
_reflns_shell.percent_possible_obs        ? 
_reflns_shell.Rmerge_F_all                ? 
_reflns_shell.Rmerge_F_obs                ? 
_reflns_shell.Rmerge_I_all                ? 
_reflns_shell.Rmerge_I_obs                ? 
_reflns_shell.meanI_over_sigI_gt          ? 
_reflns_shell.meanI_over_uI_all           ? 
_reflns_shell.meanI_over_uI_gt            ? 
_reflns_shell.number_measured_gt          ? 
_reflns_shell.number_unique_gt            ? 
_reflns_shell.percent_possible_gt         ? 
_reflns_shell.Rmerge_F_gt                 ? 
_reflns_shell.Rmerge_I_gt                 ? 
_reflns_shell.pdbx_redundancy             ? 
_reflns_shell.pdbx_Rsym_value             ? 
_reflns_shell.pdbx_chi_squared            ? 
_reflns_shell.pdbx_netI_over_sigmaI_all   ? 
_reflns_shell.pdbx_netI_over_sigmaI_obs   ? 
_reflns_shell.pdbx_Rrim_I_all             ? 
_reflns_shell.pdbx_Rpim_I_all             ? 
_reflns_shell.pdbx_rejects                ? 
_reflns_shell.pdbx_ordinal                1 
_reflns_shell.pdbx_diffrn_id              1 
_reflns_shell.pdbx_CC_half                ? 
_reflns_shell.pdbx_R_split                ? 
# 
_refine.aniso_B[1][1]                            -2.45480 
_refine.aniso_B[1][2]                            0.00000 
_refine.aniso_B[1][3]                            0.00000 
_refine.aniso_B[2][2]                            4.47050 
_refine.aniso_B[2][3]                            0.00000 
_refine.aniso_B[3][3]                            -2.01570 
_refine.B_iso_max                                ? 
_refine.B_iso_mean                               25.39 
_refine.B_iso_min                                ? 
_refine.correlation_coeff_Fo_to_Fc               0.954 
_refine.correlation_coeff_Fo_to_Fc_free          0.919 
_refine.details                                  ? 
_refine.diff_density_max                         ? 
_refine.diff_density_max_esd                     ? 
_refine.diff_density_min                         ? 
_refine.diff_density_min_esd                     ? 
_refine.diff_density_rms                         ? 
_refine.diff_density_rms_esd                     ? 
_refine.entry_id                                 5UVT 
_refine.pdbx_refine_id                           'X-RAY DIFFRACTION' 
_refine.ls_abs_structure_details                 ? 
_refine.ls_abs_structure_Flack                   ? 
_refine.ls_abs_structure_Flack_esd               ? 
_refine.ls_abs_structure_Rogers                  ? 
_refine.ls_abs_structure_Rogers_esd              ? 
_refine.ls_d_res_high                            1.67 
_refine.ls_d_res_low                             35.20 
_refine.ls_extinction_coef                       ? 
_refine.ls_extinction_coef_esd                   ? 
_refine.ls_extinction_expression                 ? 
_refine.ls_extinction_method                     ? 
_refine.ls_goodness_of_fit_all                   ? 
_refine.ls_goodness_of_fit_all_esd               ? 
_refine.ls_goodness_of_fit_obs                   ? 
_refine.ls_goodness_of_fit_obs_esd               ? 
_refine.ls_hydrogen_treatment                    ? 
_refine.ls_matrix_type                           ? 
_refine.ls_number_constraints                    ? 
_refine.ls_number_parameters                     ? 
_refine.ls_number_reflns_all                     ? 
_refine.ls_number_reflns_obs                     18017 
_refine.ls_number_reflns_R_free                  918 
_refine.ls_number_reflns_R_work                  ? 
_refine.ls_number_restraints                     ? 
_refine.ls_percent_reflns_obs                    99.3 
_refine.ls_percent_reflns_R_free                 5.100 
_refine.ls_R_factor_all                          ? 
_refine.ls_R_factor_obs                          0.168 
_refine.ls_R_factor_R_free                       0.193 
_refine.ls_R_factor_R_free_error                 0.02 
_refine.ls_R_factor_R_free_error_details         ? 
_refine.ls_R_factor_R_work                       0.167 
_refine.ls_R_Fsqd_factor_obs                     ? 
_refine.ls_R_I_factor_obs                        ? 
_refine.ls_redundancy_reflns_all                 ? 
_refine.ls_redundancy_reflns_obs                 ? 
_refine.ls_restrained_S_all                      ? 
_refine.ls_restrained_S_obs                      ? 
_refine.ls_shift_over_esd_max                    ? 
_refine.ls_shift_over_esd_mean                   ? 
_refine.ls_structure_factor_coef                 ? 
_refine.ls_weighting_details                     ? 
_refine.ls_weighting_scheme                      ? 
_refine.ls_wR_factor_all                         ? 
_refine.ls_wR_factor_obs                         ? 
_refine.ls_wR_factor_R_free                      ? 
_refine.ls_wR_factor_R_work                      ? 
_refine.occupancy_max                            ? 
_refine.occupancy_min                            ? 
_refine.solvent_model_details                    ? 
_refine.solvent_model_param_bsol                 ? 
_refine.solvent_model_param_ksol                 ? 
_refine.ls_R_factor_gt                           ? 
_refine.ls_goodness_of_fit_gt                    ? 
_refine.ls_goodness_of_fit_ref                   ? 
_refine.ls_shift_over_su_max                     ? 
_refine.ls_shift_over_su_max_lt                  ? 
_refine.ls_shift_over_su_mean                    ? 
_refine.ls_shift_over_su_mean_lt                 ? 
_refine.pdbx_ls_sigma_I                          ? 
_refine.pdbx_ls_sigma_F                          0.000 
_refine.pdbx_ls_sigma_Fsqd                       ? 
_refine.pdbx_data_cutoff_high_absF               ? 
_refine.pdbx_data_cutoff_high_rms_absF           ? 
_refine.pdbx_data_cutoff_low_absF                ? 
_refine.pdbx_isotropic_thermal_model             ? 
_refine.pdbx_ls_cross_valid_method               THROUGHOUT 
_refine.pdbx_method_to_determine_struct          'MOLECULAR REPLACEMENT' 
_refine.pdbx_starting_model                      'Apo BRD4_BD2' 
_refine.pdbx_stereochemistry_target_values       ? 
_refine.pdbx_R_Free_selection_details            RANDOM 
_refine.pdbx_stereochem_target_val_spec_case     ? 
_refine.pdbx_overall_ESU_R                       ? 
_refine.pdbx_overall_ESU_R_Free                  ? 
_refine.pdbx_solvent_vdw_probe_radii             ? 
_refine.pdbx_solvent_ion_probe_radii             ? 
_refine.pdbx_solvent_shrinkage_radii             ? 
_refine.pdbx_real_space_R                        ? 
_refine.pdbx_density_correlation                 ? 
_refine.pdbx_pd_number_of_powder_patterns        ? 
_refine.pdbx_pd_number_of_points                 ? 
_refine.pdbx_pd_meas_number_of_points            ? 
_refine.pdbx_pd_proc_ls_prof_R_factor            ? 
_refine.pdbx_pd_proc_ls_prof_wR_factor           ? 
_refine.pdbx_pd_Marquardt_correlation_coeff      ? 
_refine.pdbx_pd_Fsqrd_R_factor                   ? 
_refine.pdbx_pd_ls_matrix_band_width             ? 
_refine.pdbx_overall_phase_error                 ? 
_refine.pdbx_overall_SU_R_free_Cruickshank_DPI   0.079 
_refine.pdbx_overall_SU_R_free_Blow_DPI          0.088 
_refine.pdbx_overall_SU_R_Blow_DPI               0.092 
_refine.pdbx_TLS_residual_ADP_flag               ? 
_refine.pdbx_diffrn_id                           1 
_refine.overall_SU_B                             ? 
_refine.overall_SU_ML                            ? 
_refine.overall_SU_R_Cruickshank_DPI             0.079 
_refine.overall_SU_R_free                        ? 
_refine.overall_FOM_free_R_set                   ? 
_refine.overall_FOM_work_R_set                   ? 
_refine.pdbx_average_fsc_overall                 ? 
_refine.pdbx_average_fsc_work                    ? 
_refine.pdbx_average_fsc_free                    ? 
# 
_refine_analyze.entry_id                        5UVT 
_refine_analyze.pdbx_refine_id                  'X-RAY DIFFRACTION' 
_refine_analyze.Luzzati_coordinate_error_free   ? 
_refine_analyze.Luzzati_coordinate_error_obs    0.20 
_refine_analyze.Luzzati_d_res_low_free          ? 
_refine_analyze.Luzzati_d_res_low_obs           ? 
_refine_analyze.Luzzati_sigma_a_free            ? 
_refine_analyze.Luzzati_sigma_a_free_details    ? 
_refine_analyze.Luzzati_sigma_a_obs             ? 
_refine_analyze.Luzzati_sigma_a_obs_details     ? 
_refine_analyze.number_disordered_residues      ? 
_refine_analyze.occupancy_sum_hydrogen          ? 
_refine_analyze.occupancy_sum_non_hydrogen      ? 
_refine_analyze.RG_d_res_high                   ? 
_refine_analyze.RG_d_res_low                    ? 
_refine_analyze.RG_free                         ? 
_refine_analyze.RG_work                         ? 
_refine_analyze.RG_free_work_ratio              ? 
_refine_analyze.pdbx_Luzzati_d_res_high_obs     ? 
# 
_refine_hist.pdbx_refine_id                   'X-RAY DIFFRACTION' 
_refine_hist.cycle_id                         1 
_refine_hist.pdbx_number_atoms_protein        868 
_refine_hist.pdbx_number_atoms_nucleic_acid   0 
_refine_hist.pdbx_number_atoms_ligand         29 
_refine_hist.number_atoms_solvent             194 
_refine_hist.number_atoms_total               1091 
_refine_hist.d_res_high                       1.67 
_refine_hist.d_res_low                        35.20 
# 
loop_
_refine_ls_restr.pdbx_refine_id 
_refine_ls_restr.criterion 
_refine_ls_restr.dev_ideal 
_refine_ls_restr.dev_ideal_target 
_refine_ls_restr.number 
_refine_ls_restr.rejects 
_refine_ls_restr.type 
_refine_ls_restr.weight 
_refine_ls_restr.pdbx_restraint_function 
'X-RAY DIFFRACTION' ? 0.010 ? 951  ? t_bond_d                  2.00  HARMONIC     
'X-RAY DIFFRACTION' ? 0.92  ? 1305 ? t_angle_deg               2.00  HARMONIC     
'X-RAY DIFFRACTION' ? ?     ? 326  ? t_dihedral_angle_d        2.00  SINUSOIDAL   
'X-RAY DIFFRACTION' ? ?     ? ?    ? t_incorr_chiral_ct        ?     ?            
'X-RAY DIFFRACTION' ? ?     ? ?    ? t_pseud_angle             ?     ?            
'X-RAY DIFFRACTION' ? ?     ? 21   ? t_trig_c_planes           2.00  HARMONIC     
'X-RAY DIFFRACTION' ? ?     ? 140  ? t_gen_planes              5.00  HARMONIC     
'X-RAY DIFFRACTION' ? ?     ? 951  ? t_it                      20.00 HARMONIC     
'X-RAY DIFFRACTION' ? ?     ? ?    ? t_nbd                     ?     ?            
'X-RAY DIFFRACTION' ? 3.07  ? ?    ? t_omega_torsion           ?     ?            
'X-RAY DIFFRACTION' ? 14.45 ? ?    ? t_other_torsion           ?     ?            
'X-RAY DIFFRACTION' ? ?     ? ?    ? t_improper_torsion        ?     ?            
'X-RAY DIFFRACTION' ? ?     ? 109  ? t_chiral_improper_torsion 5.00  SEMIHARMONIC 
'X-RAY DIFFRACTION' ? ?     ? ?    ? t_sum_occupancies         ?     ?            
'X-RAY DIFFRACTION' ? ?     ? ?    ? t_utility_distance        ?     ?            
'X-RAY DIFFRACTION' ? ?     ? ?    ? t_utility_angle           ?     ?            
'X-RAY DIFFRACTION' ? ?     ? ?    ? t_utility_torsion         ?     ?            
'X-RAY DIFFRACTION' ? ?     ? 1253 ? t_ideal_dist_contact      4.00  SEMIHARMONIC 
# 
_refine_ls_shell.pdbx_refine_id                   'X-RAY DIFFRACTION' 
_refine_ls_shell.d_res_high                       1.67 
_refine_ls_shell.d_res_low                        1.77 
_refine_ls_shell.number_reflns_all                2784 
_refine_ls_shell.number_reflns_obs                ? 
_refine_ls_shell.number_reflns_R_free             147 
_refine_ls_shell.number_reflns_R_work             2637 
_refine_ls_shell.percent_reflns_obs               96.59 
_refine_ls_shell.percent_reflns_R_free            5.28 
_refine_ls_shell.R_factor_all                     0.196 
_refine_ls_shell.R_factor_obs                     ? 
_refine_ls_shell.R_factor_R_free                  0.217 
_refine_ls_shell.R_factor_R_free_error            0.000 
_refine_ls_shell.R_factor_R_work                  0.194 
_refine_ls_shell.redundancy_reflns_all            ? 
_refine_ls_shell.redundancy_reflns_obs            ? 
_refine_ls_shell.wR_factor_all                    ? 
_refine_ls_shell.wR_factor_obs                    ? 
_refine_ls_shell.wR_factor_R_free                 ? 
_refine_ls_shell.wR_factor_R_work                 ? 
_refine_ls_shell.pdbx_total_number_of_bins_used   9 
_refine_ls_shell.pdbx_phase_error                 ? 
_refine_ls_shell.pdbx_fsc_work                    ? 
_refine_ls_shell.pdbx_fsc_free                    ? 
# 
_struct.entry_id                     5UVT 
_struct.title                        BRD4_BD2_A-1454056 
_struct.pdbx_model_details           ? 
_struct.pdbx_formula_weight          ? 
_struct.pdbx_formula_weight_method   ? 
_struct.pdbx_model_type_details      ? 
_struct.pdbx_CASP_flag               N 
# 
_struct_keywords.entry_id        5UVT 
_struct_keywords.text            'Helix bundle, SIGNALING PROTEIN-INHIBITOR complex' 
_struct_keywords.pdbx_keywords   'SIGNALING PROTEIN/INHIBITOR' 
# 
loop_
_struct_asym.id 
_struct_asym.pdbx_blank_PDB_chainid_flag 
_struct_asym.pdbx_modified 
_struct_asym.entity_id 
_struct_asym.details 
A N N 1 ? 
B N N 2 ? 
C N N 3 ? 
# 
_struct_ref.id                         1 
_struct_ref.db_name                    UNP 
_struct_ref.db_code                    BRD4_HUMAN 
_struct_ref.pdbx_db_accession          O60885 
_struct_ref.pdbx_db_isoform            ? 
_struct_ref.entity_id                  1 
_struct_ref.pdbx_seq_one_letter_code   
;EQLKCCSGILKEMFAKKHAAYAWPFYKPVDVEALGLHDYCDIIKHPMDMSTIKSKLEAREYRDAQEFGADVRLMFSNCYK
YNPPDHEVVAMARKLQDVFEMRFAKM
;
_struct_ref.pdbx_align_begin           352 
# 
_struct_ref_seq.align_id                      1 
_struct_ref_seq.ref_id                        1 
_struct_ref_seq.pdbx_PDB_id_code              5UVT 
_struct_ref_seq.pdbx_strand_id                A 
_struct_ref_seq.seq_align_beg                 4 
_struct_ref_seq.pdbx_seq_align_beg_ins_code   ? 
_struct_ref_seq.seq_align_end                 109 
_struct_ref_seq.pdbx_seq_align_end_ins_code   ? 
_struct_ref_seq.pdbx_db_accession             O60885 
_struct_ref_seq.db_align_beg                  352 
_struct_ref_seq.pdbx_db_align_beg_ins_code    ? 
_struct_ref_seq.db_align_end                  457 
_struct_ref_seq.pdbx_db_align_end_ins_code    ? 
_struct_ref_seq.pdbx_auth_seq_align_beg       352 
_struct_ref_seq.pdbx_auth_seq_align_end       457 
# 
loop_
_struct_ref_seq_dif.align_id 
_struct_ref_seq_dif.pdbx_pdb_id_code 
_struct_ref_seq_dif.mon_id 
_struct_ref_seq_dif.pdbx_pdb_strand_id 
_struct_ref_seq_dif.seq_num 
_struct_ref_seq_dif.pdbx_pdb_ins_code 
_struct_ref_seq_dif.pdbx_seq_db_name 
_struct_ref_seq_dif.pdbx_seq_db_accession_code 
_struct_ref_seq_dif.db_mon_id 
_struct_ref_seq_dif.pdbx_seq_db_seq_num 
_struct_ref_seq_dif.details 
_struct_ref_seq_dif.pdbx_auth_seq_num 
_struct_ref_seq_dif.pdbx_ordinal 
1 5UVT SER A 1 ? UNP O60885 ? ? 'expression tag' 349 1 
1 5UVT HIS A 2 ? UNP O60885 ? ? 'expression tag' 350 2 
1 5UVT MET A 3 ? UNP O60885 ? ? 'expression tag' 351 3 
# 
_pdbx_struct_assembly.id                   1 
_pdbx_struct_assembly.details              author_and_software_defined_assembly 
_pdbx_struct_assembly.method_details       PISA 
_pdbx_struct_assembly.oligomeric_details   monomeric 
_pdbx_struct_assembly.oligomeric_count     1 
# 
loop_
_pdbx_struct_assembly_prop.biol_id 
_pdbx_struct_assembly_prop.type 
_pdbx_struct_assembly_prop.value 
_pdbx_struct_assembly_prop.details 
1 'ABSA (A^2)' 0    ? 
1 MORE         0    ? 
1 'SSA (A^2)'  6480 ? 
# 
_pdbx_struct_assembly_gen.assembly_id       1 
_pdbx_struct_assembly_gen.oper_expression   1 
_pdbx_struct_assembly_gen.asym_id_list      A,B,C 
# 
_pdbx_struct_oper_list.id                   1 
_pdbx_struct_oper_list.type                 'identity operation' 
_pdbx_struct_oper_list.name                 1_555 
_pdbx_struct_oper_list.symmetry_operation   x,y,z 
_pdbx_struct_oper_list.matrix[1][1]         1.0000000000 
_pdbx_struct_oper_list.matrix[1][2]         0.0000000000 
_pdbx_struct_oper_list.matrix[1][3]         0.0000000000 
_pdbx_struct_oper_list.vector[1]            0.0000000000 
_pdbx_struct_oper_list.matrix[2][1]         0.0000000000 
_pdbx_struct_oper_list.matrix[2][2]         1.0000000000 
_pdbx_struct_oper_list.matrix[2][3]         0.0000000000 
_pdbx_struct_oper_list.vector[2]            0.0000000000 
_pdbx_struct_oper_list.matrix[3][1]         0.0000000000 
_pdbx_struct_oper_list.matrix[3][2]         0.0000000000 
_pdbx_struct_oper_list.matrix[3][3]         1.0000000000 
_pdbx_struct_oper_list.vector[3]            0.0000000000 
# 
loop_
_struct_conf.conf_type_id 
_struct_conf.id 
_struct_conf.pdbx_PDB_helix_id 
_struct_conf.beg_label_comp_id 
_struct_conf.beg_label_asym_id 
_struct_conf.beg_label_seq_id 
_struct_conf.pdbx_beg_PDB_ins_code 
_struct_conf.end_label_comp_id 
_struct_conf.end_label_asym_id 
_struct_conf.end_label_seq_id 
_struct_conf.pdbx_end_PDB_ins_code 
_struct_conf.beg_auth_comp_id 
_struct_conf.beg_auth_asym_id 
_struct_conf.beg_auth_seq_id 
_struct_conf.end_auth_comp_id 
_struct_conf.end_auth_asym_id 
_struct_conf.end_auth_seq_id 
_struct_conf.pdbx_PDB_helix_class 
_struct_conf.details 
_struct_conf.pdbx_PDB_helix_length 
HELX_P HELX_P1 AA1 GLU A 4  ? PHE A 17  ? GLU A 352 PHE A 365 1 ? 14 
HELX_P HELX_P2 AA2 ALA A 18 ? LYS A 20  ? ALA A 366 LYS A 368 5 ? 3  
HELX_P HELX_P3 AA3 HIS A 21 ? TRP A 26  ? HIS A 369 TRP A 374 1 ? 6  
HELX_P HELX_P4 AA4 PRO A 27 ? TYR A 29  ? PRO A 375 TYR A 377 5 ? 3  
HELX_P HELX_P5 AA5 ASP A 33 ? GLY A 38  ? ASP A 381 GLY A 386 1 ? 6  
HELX_P HELX_P6 AA6 ASP A 41 ? ILE A 46  ? ASP A 389 ILE A 394 1 ? 6  
HELX_P HELX_P7 AA7 ASP A 51 ? ALA A 61  ? ASP A 399 ALA A 409 1 ? 11 
HELX_P HELX_P8 AA8 ASP A 66 ? ASN A 85  ? ASP A 414 ASN A 433 1 ? 20 
HELX_P HELX_P9 AA9 HIS A 89 ? ALA A 107 ? HIS A 437 ALA A 455 1 ? 19 
# 
_struct_conf_type.id          HELX_P 
_struct_conf_type.criteria    ? 
_struct_conf_type.reference   ? 
# 
_struct_site.id                   AC1 
_struct_site.pdbx_evidence_code   Software 
_struct_site.pdbx_auth_asym_id    A 
_struct_site.pdbx_auth_comp_id    8NV 
_struct_site.pdbx_auth_seq_id     501 
_struct_site.pdbx_auth_ins_code   ? 
_struct_site.pdbx_num_residues    12 
_struct_site.details              'binding site for residue 8NV A 501' 
# 
loop_
_struct_site_gen.id 
_struct_site_gen.site_id 
_struct_site_gen.pdbx_num_res 
_struct_site_gen.label_comp_id 
_struct_site_gen.label_asym_id 
_struct_site_gen.label_seq_id 
_struct_site_gen.pdbx_auth_ins_code 
_struct_site_gen.auth_comp_id 
_struct_site_gen.auth_asym_id 
_struct_site_gen.auth_seq_id 
_struct_site_gen.label_atom_id 
_struct_site_gen.label_alt_id 
_struct_site_gen.symmetry 
_struct_site_gen.details 
1  AC1 12 PRO A 27 ? PRO A 375 . ? 1_555 ? 
2  AC1 12 LYS A 30 ? LYS A 378 . ? 1_555 ? 
3  AC1 12 PRO A 31 ? PRO A 379 . ? 1_555 ? 
4  AC1 12 VAL A 32 ? VAL A 380 . ? 1_555 ? 
5  AC1 12 ASP A 33 ? ASP A 381 . ? 1_555 ? 
6  AC1 12 LEU A 37 ? LEU A 385 . ? 1_555 ? 
7  AC1 12 ASN A 85 ? ASN A 433 . ? 1_555 ? 
8  AC1 12 VAL A 91 ? VAL A 439 . ? 1_555 ? 
9  AC1 12 MET A 94 ? MET A 442 . ? 1_555 ? 
10 AC1 12 HOH C .  ? HOH A 604 . ? 1_555 ? 
11 AC1 12 HOH C .  ? HOH A 687 . ? 1_555 ? 
12 AC1 12 HOH C .  ? HOH A 699 . ? 1_555 ? 
# 
_pdbx_struct_special_symmetry.id              1 
_pdbx_struct_special_symmetry.PDB_model_num   1 
_pdbx_struct_special_symmetry.auth_asym_id    A 
_pdbx_struct_special_symmetry.auth_comp_id    HOH 
_pdbx_struct_special_symmetry.auth_seq_id     696 
_pdbx_struct_special_symmetry.PDB_ins_code    ? 
_pdbx_struct_special_symmetry.label_asym_id   C 
_pdbx_struct_special_symmetry.label_comp_id   HOH 
_pdbx_struct_special_symmetry.label_seq_id    . 
# 
loop_
_pdbx_unobs_or_zero_occ_residues.id 
_pdbx_unobs_or_zero_occ_residues.PDB_model_num 
_pdbx_unobs_or_zero_occ_residues.polymer_flag 
_pdbx_unobs_or_zero_occ_residues.occupancy_flag 
_pdbx_unobs_or_zero_occ_residues.auth_asym_id 
_pdbx_unobs_or_zero_occ_residues.auth_comp_id 
_pdbx_unobs_or_zero_occ_residues.auth_seq_id 
_pdbx_unobs_or_zero_occ_residues.PDB_ins_code 
_pdbx_unobs_or_zero_occ_residues.label_asym_id 
_pdbx_unobs_or_zero_occ_residues.label_comp_id 
_pdbx_unobs_or_zero_occ_residues.label_seq_id 
1 1 Y 1 A SER 349 ? A SER 1 
2 1 Y 1 A HIS 350 ? A HIS 2 
3 1 Y 1 A MET 351 ? A MET 3 
# 
loop_
_chem_comp_atom.comp_id 
_chem_comp_atom.atom_id 
_chem_comp_atom.type_symbol 
_chem_comp_atom.pdbx_aromatic_flag 
_chem_comp_atom.pdbx_stereo_config 
_chem_comp_atom.pdbx_ordinal 
8NV C4   C Y N 1   
8NV C5   C Y N 2   
8NV C6   C Y N 3   
8NV C7   C Y N 4   
8NV C8   C Y N 5   
8NV C10  C Y N 6   
8NV C13  C N N 7   
8NV C15  C N N 8   
8NV C17  C N N 9   
8NV C20  C N N 10  
8NV C21  C N N 11  
8NV C22  C N N 12  
8NV C1   C Y N 13  
8NV C2   C Y N 14  
8NV C3   C Y N 15  
8NV C9   C Y N 16  
8NV C11  C N N 17  
8NV C12  C N N 18  
8NV C14  C N N 19  
8NV C16  C N N 20  
8NV C18  C N N 21  
8NV C19  C N N 22  
8NV N23  N Y N 23  
8NV N24  N N N 24  
8NV N25  N N N 25  
8NV O26  O N N 26  
8NV O27  O N N 27  
8NV O28  O N N 28  
8NV S29  S N N 29  
8NV H4   H N N 30  
8NV H151 H N N 31  
8NV H152 H N N 32  
8NV H17  H N N 33  
8NV H203 H N N 34  
8NV H201 H N N 35  
8NV H202 H N N 36  
8NV H211 H N N 37  
8NV H212 H N N 38  
8NV H1   H N N 39  
8NV H2   H N N 40  
8NV H3   H N N 41  
8NV H11  H N N 42  
8NV H142 H N N 43  
8NV H141 H N N 44  
8NV H162 H N N 45  
8NV H161 H N N 46  
8NV H181 H N N 47  
8NV H183 H N N 48  
8NV H182 H N N 49  
8NV H191 H N N 50  
8NV H192 H N N 51  
8NV H193 H N N 52  
8NV H23  H N N 53  
8NV H5   H N N 54  
ALA N    N N N 55  
ALA CA   C N S 56  
ALA C    C N N 57  
ALA O    O N N 58  
ALA CB   C N N 59  
ALA OXT  O N N 60  
ALA H    H N N 61  
ALA H2   H N N 62  
ALA HA   H N N 63  
ALA HB1  H N N 64  
ALA HB2  H N N 65  
ALA HB3  H N N 66  
ALA HXT  H N N 67  
ARG N    N N N 68  
ARG CA   C N S 69  
ARG C    C N N 70  
ARG O    O N N 71  
ARG CB   C N N 72  
ARG CG   C N N 73  
ARG CD   C N N 74  
ARG NE   N N N 75  
ARG CZ   C N N 76  
ARG NH1  N N N 77  
ARG NH2  N N N 78  
ARG OXT  O N N 79  
ARG H    H N N 80  
ARG H2   H N N 81  
ARG HA   H N N 82  
ARG HB2  H N N 83  
ARG HB3  H N N 84  
ARG HG2  H N N 85  
ARG HG3  H N N 86  
ARG HD2  H N N 87  
ARG HD3  H N N 88  
ARG HE   H N N 89  
ARG HH11 H N N 90  
ARG HH12 H N N 91  
ARG HH21 H N N 92  
ARG HH22 H N N 93  
ARG HXT  H N N 94  
ASN N    N N N 95  
ASN CA   C N S 96  
ASN C    C N N 97  
ASN O    O N N 98  
ASN CB   C N N 99  
ASN CG   C N N 100 
ASN OD1  O N N 101 
ASN ND2  N N N 102 
ASN OXT  O N N 103 
ASN H    H N N 104 
ASN H2   H N N 105 
ASN HA   H N N 106 
ASN HB2  H N N 107 
ASN HB3  H N N 108 
ASN HD21 H N N 109 
ASN HD22 H N N 110 
ASN HXT  H N N 111 
ASP N    N N N 112 
ASP CA   C N S 113 
ASP C    C N N 114 
ASP O    O N N 115 
ASP CB   C N N 116 
ASP CG   C N N 117 
ASP OD1  O N N 118 
ASP OD2  O N N 119 
ASP OXT  O N N 120 
ASP H    H N N 121 
ASP H2   H N N 122 
ASP HA   H N N 123 
ASP HB2  H N N 124 
ASP HB3  H N N 125 
ASP HD2  H N N 126 
ASP HXT  H N N 127 
CYS N    N N N 128 
CYS CA   C N R 129 
CYS C    C N N 130 
CYS O    O N N 131 
CYS CB   C N N 132 
CYS SG   S N N 133 
CYS OXT  O N N 134 
CYS H    H N N 135 
CYS H2   H N N 136 
CYS HA   H N N 137 
CYS HB2  H N N 138 
CYS HB3  H N N 139 
CYS HG   H N N 140 
CYS HXT  H N N 141 
GLN N    N N N 142 
GLN CA   C N S 143 
GLN C    C N N 144 
GLN O    O N N 145 
GLN CB   C N N 146 
GLN CG   C N N 147 
GLN CD   C N N 148 
GLN OE1  O N N 149 
GLN NE2  N N N 150 
GLN OXT  O N N 151 
GLN H    H N N 152 
GLN H2   H N N 153 
GLN HA   H N N 154 
GLN HB2  H N N 155 
GLN HB3  H N N 156 
GLN HG2  H N N 157 
GLN HG3  H N N 158 
GLN HE21 H N N 159 
GLN HE22 H N N 160 
GLN HXT  H N N 161 
GLU N    N N N 162 
GLU CA   C N S 163 
GLU C    C N N 164 
GLU O    O N N 165 
GLU CB   C N N 166 
GLU CG   C N N 167 
GLU CD   C N N 168 
GLU OE1  O N N 169 
GLU OE2  O N N 170 
GLU OXT  O N N 171 
GLU H    H N N 172 
GLU H2   H N N 173 
GLU HA   H N N 174 
GLU HB2  H N N 175 
GLU HB3  H N N 176 
GLU HG2  H N N 177 
GLU HG3  H N N 178 
GLU HE2  H N N 179 
GLU HXT  H N N 180 
GLY N    N N N 181 
GLY CA   C N N 182 
GLY C    C N N 183 
GLY O    O N N 184 
GLY OXT  O N N 185 
GLY H    H N N 186 
GLY H2   H N N 187 
GLY HA2  H N N 188 
GLY HA3  H N N 189 
GLY HXT  H N N 190 
HIS N    N N N 191 
HIS CA   C N S 192 
HIS C    C N N 193 
HIS O    O N N 194 
HIS CB   C N N 195 
HIS CG   C Y N 196 
HIS ND1  N Y N 197 
HIS CD2  C Y N 198 
HIS CE1  C Y N 199 
HIS NE2  N Y N 200 
HIS OXT  O N N 201 
HIS H    H N N 202 
HIS H2   H N N 203 
HIS HA   H N N 204 
HIS HB2  H N N 205 
HIS HB3  H N N 206 
HIS HD1  H N N 207 
HIS HD2  H N N 208 
HIS HE1  H N N 209 
HIS HE2  H N N 210 
HIS HXT  H N N 211 
HOH O    O N N 212 
HOH H1   H N N 213 
HOH H2   H N N 214 
ILE N    N N N 215 
ILE CA   C N S 216 
ILE C    C N N 217 
ILE O    O N N 218 
ILE CB   C N S 219 
ILE CG1  C N N 220 
ILE CG2  C N N 221 
ILE CD1  C N N 222 
ILE OXT  O N N 223 
ILE H    H N N 224 
ILE H2   H N N 225 
ILE HA   H N N 226 
ILE HB   H N N 227 
ILE HG12 H N N 228 
ILE HG13 H N N 229 
ILE HG21 H N N 230 
ILE HG22 H N N 231 
ILE HG23 H N N 232 
ILE HD11 H N N 233 
ILE HD12 H N N 234 
ILE HD13 H N N 235 
ILE HXT  H N N 236 
LEU N    N N N 237 
LEU CA   C N S 238 
LEU C    C N N 239 
LEU O    O N N 240 
LEU CB   C N N 241 
LEU CG   C N N 242 
LEU CD1  C N N 243 
LEU CD2  C N N 244 
LEU OXT  O N N 245 
LEU H    H N N 246 
LEU H2   H N N 247 
LEU HA   H N N 248 
LEU HB2  H N N 249 
LEU HB3  H N N 250 
LEU HG   H N N 251 
LEU HD11 H N N 252 
LEU HD12 H N N 253 
LEU HD13 H N N 254 
LEU HD21 H N N 255 
LEU HD22 H N N 256 
LEU HD23 H N N 257 
LEU HXT  H N N 258 
LYS N    N N N 259 
LYS CA   C N S 260 
LYS C    C N N 261 
LYS O    O N N 262 
LYS CB   C N N 263 
LYS CG   C N N 264 
LYS CD   C N N 265 
LYS CE   C N N 266 
LYS NZ   N N N 267 
LYS OXT  O N N 268 
LYS H    H N N 269 
LYS H2   H N N 270 
LYS HA   H N N 271 
LYS HB2  H N N 272 
LYS HB3  H N N 273 
LYS HG2  H N N 274 
LYS HG3  H N N 275 
LYS HD2  H N N 276 
LYS HD3  H N N 277 
LYS HE2  H N N 278 
LYS HE3  H N N 279 
LYS HZ1  H N N 280 
LYS HZ2  H N N 281 
LYS HZ3  H N N 282 
LYS HXT  H N N 283 
MET N    N N N 284 
MET CA   C N S 285 
MET C    C N N 286 
MET O    O N N 287 
MET CB   C N N 288 
MET CG   C N N 289 
MET SD   S N N 290 
MET CE   C N N 291 
MET OXT  O N N 292 
MET H    H N N 293 
MET H2   H N N 294 
MET HA   H N N 295 
MET HB2  H N N 296 
MET HB3  H N N 297 
MET HG2  H N N 298 
MET HG3  H N N 299 
MET HE1  H N N 300 
MET HE2  H N N 301 
MET HE3  H N N 302 
MET HXT  H N N 303 
PHE N    N N N 304 
PHE CA   C N S 305 
PHE C    C N N 306 
PHE O    O N N 307 
PHE CB   C N N 308 
PHE CG   C Y N 309 
PHE CD1  C Y N 310 
PHE CD2  C Y N 311 
PHE CE1  C Y N 312 
PHE CE2  C Y N 313 
PHE CZ   C Y N 314 
PHE OXT  O N N 315 
PHE H    H N N 316 
PHE H2   H N N 317 
PHE HA   H N N 318 
PHE HB2  H N N 319 
PHE HB3  H N N 320 
PHE HD1  H N N 321 
PHE HD2  H N N 322 
PHE HE1  H N N 323 
PHE HE2  H N N 324 
PHE HZ   H N N 325 
PHE HXT  H N N 326 
PRO N    N N N 327 
PRO CA   C N S 328 
PRO C    C N N 329 
PRO O    O N N 330 
PRO CB   C N N 331 
PRO CG   C N N 332 
PRO CD   C N N 333 
PRO OXT  O N N 334 
PRO H    H N N 335 
PRO HA   H N N 336 
PRO HB2  H N N 337 
PRO HB3  H N N 338 
PRO HG2  H N N 339 
PRO HG3  H N N 340 
PRO HD2  H N N 341 
PRO HD3  H N N 342 
PRO HXT  H N N 343 
SER N    N N N 344 
SER CA   C N S 345 
SER C    C N N 346 
SER O    O N N 347 
SER CB   C N N 348 
SER OG   O N N 349 
SER OXT  O N N 350 
SER H    H N N 351 
SER H2   H N N 352 
SER HA   H N N 353 
SER HB2  H N N 354 
SER HB3  H N N 355 
SER HG   H N N 356 
SER HXT  H N N 357 
THR N    N N N 358 
THR CA   C N S 359 
THR C    C N N 360 
THR O    O N N 361 
THR CB   C N R 362 
THR OG1  O N N 363 
THR CG2  C N N 364 
THR OXT  O N N 365 
THR H    H N N 366 
THR H2   H N N 367 
THR HA   H N N 368 
THR HB   H N N 369 
THR HG1  H N N 370 
THR HG21 H N N 371 
THR HG22 H N N 372 
THR HG23 H N N 373 
THR HXT  H N N 374 
TRP N    N N N 375 
TRP CA   C N S 376 
TRP C    C N N 377 
TRP O    O N N 378 
TRP CB   C N N 379 
TRP CG   C Y N 380 
TRP CD1  C Y N 381 
TRP CD2  C Y N 382 
TRP NE1  N Y N 383 
TRP CE2  C Y N 384 
TRP CE3  C Y N 385 
TRP CZ2  C Y N 386 
TRP CZ3  C Y N 387 
TRP CH2  C Y N 388 
TRP OXT  O N N 389 
TRP H    H N N 390 
TRP H2   H N N 391 
TRP HA   H N N 392 
TRP HB2  H N N 393 
TRP HB3  H N N 394 
TRP HD1  H N N 395 
TRP HE1  H N N 396 
TRP HE3  H N N 397 
TRP HZ2  H N N 398 
TRP HZ3  H N N 399 
TRP HH2  H N N 400 
TRP HXT  H N N 401 
TYR N    N N N 402 
TYR CA   C N S 403 
TYR C    C N N 404 
TYR O    O N N 405 
TYR CB   C N N 406 
TYR CG   C Y N 407 
TYR CD1  C Y N 408 
TYR CD2  C Y N 409 
TYR CE1  C Y N 410 
TYR CE2  C Y N 411 
TYR CZ   C Y N 412 
TYR OH   O N N 413 
TYR OXT  O N N 414 
TYR H    H N N 415 
TYR H2   H N N 416 
TYR HA   H N N 417 
TYR HB2  H N N 418 
TYR HB3  H N N 419 
TYR HD1  H N N 420 
TYR HD2  H N N 421 
TYR HE1  H N N 422 
TYR HE2  H N N 423 
TYR HH   H N N 424 
TYR HXT  H N N 425 
VAL N    N N N 426 
VAL CA   C N S 427 
VAL C    C N N 428 
VAL O    O N N 429 
VAL CB   C N N 430 
VAL CG1  C N N 431 
VAL CG2  C N N 432 
VAL OXT  O N N 433 
VAL H    H N N 434 
VAL H2   H N N 435 
VAL HA   H N N 436 
VAL HB   H N N 437 
VAL HG11 H N N 438 
VAL HG12 H N N 439 
VAL HG13 H N N 440 
VAL HG21 H N N 441 
VAL HG22 H N N 442 
VAL HG23 H N N 443 
VAL HXT  H N N 444 
# 
loop_
_chem_comp_bond.comp_id 
_chem_comp_bond.atom_id_1 
_chem_comp_bond.atom_id_2 
_chem_comp_bond.value_order 
_chem_comp_bond.pdbx_aromatic_flag 
_chem_comp_bond.pdbx_stereo_config 
_chem_comp_bond.pdbx_ordinal 
8NV C4  C7   doub Y N 1   
8NV C4  N23  sing Y N 2   
8NV C5  C8   doub Y N 3   
8NV C5  C3   sing Y N 4   
8NV C5  C12  sing N N 5   
8NV C6  C7   sing Y N 6   
8NV C6  C10  doub Y N 7   
8NV C6  C12  sing N N 8   
8NV C7  C14  sing N N 9   
8NV C8  C1   sing Y N 10  
8NV C8  N24  sing N N 11  
8NV C10 C13  sing N N 12  
8NV C10 N23  sing Y N 13  
8NV C13 N25  sing N N 14  
8NV C13 O26  doub N N 15  
8NV C15 C17  sing N N 16  
8NV C15 C16  sing N N 17  
8NV C17 C21  sing N N 18  
8NV C17 C16  sing N N 19  
8NV C20 N25  sing N N 20  
8NV C21 N24  sing N N 21  
8NV C22 C18  sing N N 22  
8NV C22 C19  sing N N 23  
8NV C22 S29  sing N N 24  
8NV C1  C2   doub Y N 25  
8NV C2  C9   sing Y N 26  
8NV C3  C9   doub Y N 27  
8NV C9  S29  sing N N 28  
8NV C11 C12  doub N N 29  
8NV C11 N25  sing N N 30  
8NV C14 N24  sing N N 31  
8NV O27 S29  doub N N 32  
8NV O28 S29  doub N N 33  
8NV C4  H4   sing N N 34  
8NV C15 H151 sing N N 35  
8NV C15 H152 sing N N 36  
8NV C17 H17  sing N N 37  
8NV C20 H203 sing N N 38  
8NV C20 H201 sing N N 39  
8NV C20 H202 sing N N 40  
8NV C21 H211 sing N N 41  
8NV C21 H212 sing N N 42  
8NV C1  H1   sing N N 43  
8NV C2  H2   sing N N 44  
8NV C3  H3   sing N N 45  
8NV C11 H11  sing N N 46  
8NV C14 H142 sing N N 47  
8NV C14 H141 sing N N 48  
8NV C16 H162 sing N N 49  
8NV C16 H161 sing N N 50  
8NV C18 H181 sing N N 51  
8NV C18 H183 sing N N 52  
8NV C18 H182 sing N N 53  
8NV C19 H191 sing N N 54  
8NV C19 H192 sing N N 55  
8NV C19 H193 sing N N 56  
8NV N23 H23  sing N N 57  
8NV C22 H5   sing N N 58  
ALA N   CA   sing N N 59  
ALA N   H    sing N N 60  
ALA N   H2   sing N N 61  
ALA CA  C    sing N N 62  
ALA CA  CB   sing N N 63  
ALA CA  HA   sing N N 64  
ALA C   O    doub N N 65  
ALA C   OXT  sing N N 66  
ALA CB  HB1  sing N N 67  
ALA CB  HB2  sing N N 68  
ALA CB  HB3  sing N N 69  
ALA OXT HXT  sing N N 70  
ARG N   CA   sing N N 71  
ARG N   H    sing N N 72  
ARG N   H2   sing N N 73  
ARG CA  C    sing N N 74  
ARG CA  CB   sing N N 75  
ARG CA  HA   sing N N 76  
ARG C   O    doub N N 77  
ARG C   OXT  sing N N 78  
ARG CB  CG   sing N N 79  
ARG CB  HB2  sing N N 80  
ARG CB  HB3  sing N N 81  
ARG CG  CD   sing N N 82  
ARG CG  HG2  sing N N 83  
ARG CG  HG3  sing N N 84  
ARG CD  NE   sing N N 85  
ARG CD  HD2  sing N N 86  
ARG CD  HD3  sing N N 87  
ARG NE  CZ   sing N N 88  
ARG NE  HE   sing N N 89  
ARG CZ  NH1  sing N N 90  
ARG CZ  NH2  doub N N 91  
ARG NH1 HH11 sing N N 92  
ARG NH1 HH12 sing N N 93  
ARG NH2 HH21 sing N N 94  
ARG NH2 HH22 sing N N 95  
ARG OXT HXT  sing N N 96  
ASN N   CA   sing N N 97  
ASN N   H    sing N N 98  
ASN N   H2   sing N N 99  
ASN CA  C    sing N N 100 
ASN CA  CB   sing N N 101 
ASN CA  HA   sing N N 102 
ASN C   O    doub N N 103 
ASN C   OXT  sing N N 104 
ASN CB  CG   sing N N 105 
ASN CB  HB2  sing N N 106 
ASN CB  HB3  sing N N 107 
ASN CG  OD1  doub N N 108 
ASN CG  ND2  sing N N 109 
ASN ND2 HD21 sing N N 110 
ASN ND2 HD22 sing N N 111 
ASN OXT HXT  sing N N 112 
ASP N   CA   sing N N 113 
ASP N   H    sing N N 114 
ASP N   H2   sing N N 115 
ASP CA  C    sing N N 116 
ASP CA  CB   sing N N 117 
ASP CA  HA   sing N N 118 
ASP C   O    doub N N 119 
ASP C   OXT  sing N N 120 
ASP CB  CG   sing N N 121 
ASP CB  HB2  sing N N 122 
ASP CB  HB3  sing N N 123 
ASP CG  OD1  doub N N 124 
ASP CG  OD2  sing N N 125 
ASP OD2 HD2  sing N N 126 
ASP OXT HXT  sing N N 127 
CYS N   CA   sing N N 128 
CYS N   H    sing N N 129 
CYS N   H2   sing N N 130 
CYS CA  C    sing N N 131 
CYS CA  CB   sing N N 132 
CYS CA  HA   sing N N 133 
CYS C   O    doub N N 134 
CYS C   OXT  sing N N 135 
CYS CB  SG   sing N N 136 
CYS CB  HB2  sing N N 137 
CYS CB  HB3  sing N N 138 
CYS SG  HG   sing N N 139 
CYS OXT HXT  sing N N 140 
GLN N   CA   sing N N 141 
GLN N   H    sing N N 142 
GLN N   H2   sing N N 143 
GLN CA  C    sing N N 144 
GLN CA  CB   sing N N 145 
GLN CA  HA   sing N N 146 
GLN C   O    doub N N 147 
GLN C   OXT  sing N N 148 
GLN CB  CG   sing N N 149 
GLN CB  HB2  sing N N 150 
GLN CB  HB3  sing N N 151 
GLN CG  CD   sing N N 152 
GLN CG  HG2  sing N N 153 
GLN CG  HG3  sing N N 154 
GLN CD  OE1  doub N N 155 
GLN CD  NE2  sing N N 156 
GLN NE2 HE21 sing N N 157 
GLN NE2 HE22 sing N N 158 
GLN OXT HXT  sing N N 159 
GLU N   CA   sing N N 160 
GLU N   H    sing N N 161 
GLU N   H2   sing N N 162 
GLU CA  C    sing N N 163 
GLU CA  CB   sing N N 164 
GLU CA  HA   sing N N 165 
GLU C   O    doub N N 166 
GLU C   OXT  sing N N 167 
GLU CB  CG   sing N N 168 
GLU CB  HB2  sing N N 169 
GLU CB  HB3  sing N N 170 
GLU CG  CD   sing N N 171 
GLU CG  HG2  sing N N 172 
GLU CG  HG3  sing N N 173 
GLU CD  OE1  doub N N 174 
GLU CD  OE2  sing N N 175 
GLU OE2 HE2  sing N N 176 
GLU OXT HXT  sing N N 177 
GLY N   CA   sing N N 178 
GLY N   H    sing N N 179 
GLY N   H2   sing N N 180 
GLY CA  C    sing N N 181 
GLY CA  HA2  sing N N 182 
GLY CA  HA3  sing N N 183 
GLY C   O    doub N N 184 
GLY C   OXT  sing N N 185 
GLY OXT HXT  sing N N 186 
HIS N   CA   sing N N 187 
HIS N   H    sing N N 188 
HIS N   H2   sing N N 189 
HIS CA  C    sing N N 190 
HIS CA  CB   sing N N 191 
HIS CA  HA   sing N N 192 
HIS C   O    doub N N 193 
HIS C   OXT  sing N N 194 
HIS CB  CG   sing N N 195 
HIS CB  HB2  sing N N 196 
HIS CB  HB3  sing N N 197 
HIS CG  ND1  sing Y N 198 
HIS CG  CD2  doub Y N 199 
HIS ND1 CE1  doub Y N 200 
HIS ND1 HD1  sing N N 201 
HIS CD2 NE2  sing Y N 202 
HIS CD2 HD2  sing N N 203 
HIS CE1 NE2  sing Y N 204 
HIS CE1 HE1  sing N N 205 
HIS NE2 HE2  sing N N 206 
HIS OXT HXT  sing N N 207 
HOH O   H1   sing N N 208 
HOH O   H2   sing N N 209 
ILE N   CA   sing N N 210 
ILE N   H    sing N N 211 
ILE N   H2   sing N N 212 
ILE CA  C    sing N N 213 
ILE CA  CB   sing N N 214 
ILE CA  HA   sing N N 215 
ILE C   O    doub N N 216 
ILE C   OXT  sing N N 217 
ILE CB  CG1  sing N N 218 
ILE CB  CG2  sing N N 219 
ILE CB  HB   sing N N 220 
ILE CG1 CD1  sing N N 221 
ILE CG1 HG12 sing N N 222 
ILE CG1 HG13 sing N N 223 
ILE CG2 HG21 sing N N 224 
ILE CG2 HG22 sing N N 225 
ILE CG2 HG23 sing N N 226 
ILE CD1 HD11 sing N N 227 
ILE CD1 HD12 sing N N 228 
ILE CD1 HD13 sing N N 229 
ILE OXT HXT  sing N N 230 
LEU N   CA   sing N N 231 
LEU N   H    sing N N 232 
LEU N   H2   sing N N 233 
LEU CA  C    sing N N 234 
LEU CA  CB   sing N N 235 
LEU CA  HA   sing N N 236 
LEU C   O    doub N N 237 
LEU C   OXT  sing N N 238 
LEU CB  CG   sing N N 239 
LEU CB  HB2  sing N N 240 
LEU CB  HB3  sing N N 241 
LEU CG  CD1  sing N N 242 
LEU CG  CD2  sing N N 243 
LEU CG  HG   sing N N 244 
LEU CD1 HD11 sing N N 245 
LEU CD1 HD12 sing N N 246 
LEU CD1 HD13 sing N N 247 
LEU CD2 HD21 sing N N 248 
LEU CD2 HD22 sing N N 249 
LEU CD2 HD23 sing N N 250 
LEU OXT HXT  sing N N 251 
LYS N   CA   sing N N 252 
LYS N   H    sing N N 253 
LYS N   H2   sing N N 254 
LYS CA  C    sing N N 255 
LYS CA  CB   sing N N 256 
LYS CA  HA   sing N N 257 
LYS C   O    doub N N 258 
LYS C   OXT  sing N N 259 
LYS CB  CG   sing N N 260 
LYS CB  HB2  sing N N 261 
LYS CB  HB3  sing N N 262 
LYS CG  CD   sing N N 263 
LYS CG  HG2  sing N N 264 
LYS CG  HG3  sing N N 265 
LYS CD  CE   sing N N 266 
LYS CD  HD2  sing N N 267 
LYS CD  HD3  sing N N 268 
LYS CE  NZ   sing N N 269 
LYS CE  HE2  sing N N 270 
LYS CE  HE3  sing N N 271 
LYS NZ  HZ1  sing N N 272 
LYS NZ  HZ2  sing N N 273 
LYS NZ  HZ3  sing N N 274 
LYS OXT HXT  sing N N 275 
MET N   CA   sing N N 276 
MET N   H    sing N N 277 
MET N   H2   sing N N 278 
MET CA  C    sing N N 279 
MET CA  CB   sing N N 280 
MET CA  HA   sing N N 281 
MET C   O    doub N N 282 
MET C   OXT  sing N N 283 
MET CB  CG   sing N N 284 
MET CB  HB2  sing N N 285 
MET CB  HB3  sing N N 286 
MET CG  SD   sing N N 287 
MET CG  HG2  sing N N 288 
MET CG  HG3  sing N N 289 
MET SD  CE   sing N N 290 
MET CE  HE1  sing N N 291 
MET CE  HE2  sing N N 292 
MET CE  HE3  sing N N 293 
MET OXT HXT  sing N N 294 
PHE N   CA   sing N N 295 
PHE N   H    sing N N 296 
PHE N   H2   sing N N 297 
PHE CA  C    sing N N 298 
PHE CA  CB   sing N N 299 
PHE CA  HA   sing N N 300 
PHE C   O    doub N N 301 
PHE C   OXT  sing N N 302 
PHE CB  CG   sing N N 303 
PHE CB  HB2  sing N N 304 
PHE CB  HB3  sing N N 305 
PHE CG  CD1  doub Y N 306 
PHE CG  CD2  sing Y N 307 
PHE CD1 CE1  sing Y N 308 
PHE CD1 HD1  sing N N 309 
PHE CD2 CE2  doub Y N 310 
PHE CD2 HD2  sing N N 311 
PHE CE1 CZ   doub Y N 312 
PHE CE1 HE1  sing N N 313 
PHE CE2 CZ   sing Y N 314 
PHE CE2 HE2  sing N N 315 
PHE CZ  HZ   sing N N 316 
PHE OXT HXT  sing N N 317 
PRO N   CA   sing N N 318 
PRO N   CD   sing N N 319 
PRO N   H    sing N N 320 
PRO CA  C    sing N N 321 
PRO CA  CB   sing N N 322 
PRO CA  HA   sing N N 323 
PRO C   O    doub N N 324 
PRO C   OXT  sing N N 325 
PRO CB  CG   sing N N 326 
PRO CB  HB2  sing N N 327 
PRO CB  HB3  sing N N 328 
PRO CG  CD   sing N N 329 
PRO CG  HG2  sing N N 330 
PRO CG  HG3  sing N N 331 
PRO CD  HD2  sing N N 332 
PRO CD  HD3  sing N N 333 
PRO OXT HXT  sing N N 334 
SER N   CA   sing N N 335 
SER N   H    sing N N 336 
SER N   H2   sing N N 337 
SER CA  C    sing N N 338 
SER CA  CB   sing N N 339 
SER CA  HA   sing N N 340 
SER C   O    doub N N 341 
SER C   OXT  sing N N 342 
SER CB  OG   sing N N 343 
SER CB  HB2  sing N N 344 
SER CB  HB3  sing N N 345 
SER OG  HG   sing N N 346 
SER OXT HXT  sing N N 347 
THR N   CA   sing N N 348 
THR N   H    sing N N 349 
THR N   H2   sing N N 350 
THR CA  C    sing N N 351 
THR CA  CB   sing N N 352 
THR CA  HA   sing N N 353 
THR C   O    doub N N 354 
THR C   OXT  sing N N 355 
THR CB  OG1  sing N N 356 
THR CB  CG2  sing N N 357 
THR CB  HB   sing N N 358 
THR OG1 HG1  sing N N 359 
THR CG2 HG21 sing N N 360 
THR CG2 HG22 sing N N 361 
THR CG2 HG23 sing N N 362 
THR OXT HXT  sing N N 363 
TRP N   CA   sing N N 364 
TRP N   H    sing N N 365 
TRP N   H2   sing N N 366 
TRP CA  C    sing N N 367 
TRP CA  CB   sing N N 368 
TRP CA  HA   sing N N 369 
TRP C   O    doub N N 370 
TRP C   OXT  sing N N 371 
TRP CB  CG   sing N N 372 
TRP CB  HB2  sing N N 373 
TRP CB  HB3  sing N N 374 
TRP CG  CD1  doub Y N 375 
TRP CG  CD2  sing Y N 376 
TRP CD1 NE1  sing Y N 377 
TRP CD1 HD1  sing N N 378 
TRP CD2 CE2  doub Y N 379 
TRP CD2 CE3  sing Y N 380 
TRP NE1 CE2  sing Y N 381 
TRP NE1 HE1  sing N N 382 
TRP CE2 CZ2  sing Y N 383 
TRP CE3 CZ3  doub Y N 384 
TRP CE3 HE3  sing N N 385 
TRP CZ2 CH2  doub Y N 386 
TRP CZ2 HZ2  sing N N 387 
TRP CZ3 CH2  sing Y N 388 
TRP CZ3 HZ3  sing N N 389 
TRP CH2 HH2  sing N N 390 
TRP OXT HXT  sing N N 391 
TYR N   CA   sing N N 392 
TYR N   H    sing N N 393 
TYR N   H2   sing N N 394 
TYR CA  C    sing N N 395 
TYR CA  CB   sing N N 396 
TYR CA  HA   sing N N 397 
TYR C   O    doub N N 398 
TYR C   OXT  sing N N 399 
TYR CB  CG   sing N N 400 
TYR CB  HB2  sing N N 401 
TYR CB  HB3  sing N N 402 
TYR CG  CD1  doub Y N 403 
TYR CG  CD2  sing Y N 404 
TYR CD1 CE1  sing Y N 405 
TYR CD1 HD1  sing N N 406 
TYR CD2 CE2  doub Y N 407 
TYR CD2 HD2  sing N N 408 
TYR CE1 CZ   doub Y N 409 
TYR CE1 HE1  sing N N 410 
TYR CE2 CZ   sing Y N 411 
TYR CE2 HE2  sing N N 412 
TYR CZ  OH   sing N N 413 
TYR OH  HH   sing N N 414 
TYR OXT HXT  sing N N 415 
VAL N   CA   sing N N 416 
VAL N   H    sing N N 417 
VAL N   H2   sing N N 418 
VAL CA  C    sing N N 419 
VAL CA  CB   sing N N 420 
VAL CA  HA   sing N N 421 
VAL C   O    doub N N 422 
VAL C   OXT  sing N N 423 
VAL CB  CG1  sing N N 424 
VAL CB  CG2  sing N N 425 
VAL CB  HB   sing N N 426 
VAL CG1 HG11 sing N N 427 
VAL CG1 HG12 sing N N 428 
VAL CG1 HG13 sing N N 429 
VAL CG2 HG21 sing N N 430 
VAL CG2 HG22 sing N N 431 
VAL CG2 HG23 sing N N 432 
VAL OXT HXT  sing N N 433 
# 
_pdbx_initial_refinement_model.accession_code   ? 
_pdbx_initial_refinement_model.id               1 
_pdbx_initial_refinement_model.entity_id_list   ? 
_pdbx_initial_refinement_model.type             other 
_pdbx_initial_refinement_model.source_name      ? 
_pdbx_initial_refinement_model.details          'Apo BRD4_BD2' 
# 
_atom_sites.entry_id                    5UVT 
_atom_sites.fract_transf_matrix[1][1]   0.01130940 
_atom_sites.fract_transf_matrix[1][2]   0.00797010 
_atom_sites.fract_transf_matrix[1][3]   0.00752370 
_atom_sites.fract_transf_matrix[2][1]   -0.00672219 
_atom_sites.fract_transf_matrix[2][2]   0.01219174 
_atom_sites.fract_transf_matrix[2][3]   -0.00281050 
_atom_sites.fract_transf_matrix[3][1]   -0.01517029 
_atom_sites.fract_transf_matrix[3][2]   -0.00249773 
_atom_sites.fract_transf_matrix[3][3]   0.02544946 
_atom_sites.fract_transf_vector[1]      -0.173050 
_atom_sites.fract_transf_vector[2]      -0.003868 
_atom_sites.fract_transf_vector[3]      -0.422218 
# 
loop_
_atom_type.symbol 
C 
H 
N 
O 
S 
# 
loop_
_atom_site.group_PDB 
_atom_site.id 
_atom_site.type_symbol 
_atom_site.label_atom_id 
_atom_site.label_alt_id 
_atom_site.label_comp_id 
_atom_site.label_asym_id 
_atom_site.label_entity_id 
_atom_site.label_seq_id 
_atom_site.pdbx_PDB_ins_code 
_atom_site.Cartn_x 
_atom_site.Cartn_y 
_atom_site.Cartn_z 
_atom_site.occupancy 
_atom_site.B_iso_or_equiv 
_atom_site.pdbx_formal_charge 
_atom_site.auth_seq_id 
_atom_site.auth_comp_id 
_atom_site.auth_asym_id 
_atom_site.auth_atom_id 
_atom_site.pdbx_PDB_model_num 
ATOM   1    N N    . GLU A 1 4   ? -11.890 17.237  8.541   1.00 59.18  ? 352 GLU A N    1 
ATOM   2    C CA   . GLU A 1 4   ? -11.395 15.933  8.978   1.00 58.56  ? 352 GLU A CA   1 
ATOM   3    C C    . GLU A 1 4   ? -10.236 15.467  8.095   1.00 60.54  ? 352 GLU A C    1 
ATOM   4    O O    . GLU A 1 4   ? -10.329 15.510  6.864   1.00 60.40  ? 352 GLU A O    1 
ATOM   5    C CB   . GLU A 1 4   ? -12.539 14.893  8.987   1.00 60.13  ? 352 GLU A CB   1 
ATOM   6    C CG   . GLU A 1 4   ? -12.167 13.512  9.506   1.00 71.47  ? 352 GLU A CG   1 
ATOM   7    C CD   . GLU A 1 4   ? -12.270 13.319  11.007  1.00 93.32  ? 352 GLU A CD   1 
ATOM   8    O OE1  . GLU A 1 4   ? -11.427 13.885  11.742  1.00 87.47  ? 352 GLU A OE1  1 
ATOM   9    O OE2  . GLU A 1 4   ? -13.169 12.566  11.445  1.00 87.04  ? 352 GLU A OE2  1 
ATOM   10   N N    . GLN A 1 5   ? -9.156  14.994  8.736   1.00 54.85  ? 353 GLN A N    1 
ATOM   11   C CA   . GLN A 1 5   ? -7.971  14.467  8.056   1.00 53.42  ? 353 GLN A CA   1 
ATOM   12   C C    . GLN A 1 5   ? -8.215  13.088  7.411   1.00 54.39  ? 353 GLN A C    1 
ATOM   13   O O    . GLN A 1 5   ? -7.381  12.640  6.626   1.00 53.12  ? 353 GLN A O    1 
ATOM   14   C CB   . GLN A 1 5   ? -6.740  14.461  8.974   1.00 54.51  ? 353 GLN A CB   1 
ATOM   15   C CG   . GLN A 1 5   ? -7.015  13.964  10.382  1.00 59.57  ? 353 GLN A CG   1 
ATOM   16   C CD   . GLN A 1 5   ? -5.754  13.745  11.163  1.00 62.08  ? 353 GLN A CD   1 
ATOM   17   O OE1  . GLN A 1 5   ? -4.769  14.496  11.062  1.00 59.34  ? 353 GLN A OE1  1 
ATOM   18   N NE2  . GLN A 1 5   ? -5.769  12.700  11.961  1.00 32.65  ? 353 GLN A NE2  1 
ATOM   19   N N    . LEU A 1 6   ? -9.367  12.438  7.712   1.00 49.31  ? 354 LEU A N    1 
ATOM   20   C CA   . LEU A 1 6   ? -9.758  11.169  7.089   1.00 48.18  ? 354 LEU A CA   1 
ATOM   21   C C    . LEU A 1 6   ? -10.305 11.447  5.673   1.00 49.40  ? 354 LEU A C    1 
ATOM   22   O O    . LEU A 1 6   ? -10.288 10.546  4.828   1.00 48.43  ? 354 LEU A O    1 
ATOM   23   C CB   . LEU A 1 6   ? -10.758 10.364  7.947   1.00 48.17  ? 354 LEU A CB   1 
ATOM   24   C CG   . LEU A 1 6   ? -10.221 9.748   9.257   1.00 52.67  ? 354 LEU A CG   1 
ATOM   25   C CD1  . LEU A 1 6   ? -11.357 9.367   10.179  1.00 52.84  ? 354 LEU A CD1  1 
ATOM   26   C CD2  . LEU A 1 6   ? -9.346  8.523   8.996   1.00 54.05  ? 354 LEU A CD2  1 
ATOM   27   N N    . LYS A 1 7   ? -10.752 12.709  5.407   1.00 43.85  ? 355 LYS A N    1 
ATOM   28   C CA   . LYS A 1 7   ? -11.189 13.162  4.077   1.00 43.10  ? 355 LYS A CA   1 
ATOM   29   C C    . LYS A 1 7   ? -9.905  13.317  3.247   1.00 43.84  ? 355 LYS A C    1 
ATOM   30   O O    . LYS A 1 7   ? -9.891  13.009  2.052   1.00 42.77  ? 355 LYS A O    1 
ATOM   31   C CB   . LYS A 1 7   ? -11.916 14.522  4.132   1.00 46.81  ? 355 LYS A CB   1 
ATOM   32   C CG   . LYS A 1 7   ? -13.121 14.611  5.067   1.00 67.63  ? 355 LYS A CG   1 
ATOM   33   C CD   . LYS A 1 7   ? -13.572 16.070  5.204   1.00 80.86  ? 355 LYS A CD   1 
ATOM   34   C CE   . LYS A 1 7   ? -14.646 16.295  6.245   1.00 93.55  ? 355 LYS A CE   1 
ATOM   35   N NZ   . LYS A 1 7   ? -15.992 15.884  5.767   1.00 103.41 ? 355 LYS A NZ   1 
ATOM   36   N N    . CYS A 1 8   ? -8.810  13.776  3.910   1.00 38.60  ? 356 CYS A N    1 
ATOM   37   C CA   . CYS A 1 8   ? -7.480  13.897  3.313   1.00 37.69  ? 356 CYS A CA   1 
ATOM   38   C C    . CYS A 1 8   ? -6.966  12.497  2.981   1.00 31.93  ? 356 CYS A C    1 
ATOM   39   O O    . CYS A 1 8   ? -6.283  12.337  1.974   1.00 28.42  ? 356 CYS A O    1 
ATOM   40   C CB   . CYS A 1 8   ? -6.519  14.639  4.235   1.00 40.15  ? 356 CYS A CB   1 
ATOM   41   S SG   . CYS A 1 8   ? -6.693  16.440  4.183   1.00 45.40  ? 356 CYS A SG   1 
ATOM   42   N N    . CYS A 1 9   ? -7.327  11.480  3.805   1.00 24.25  ? 357 CYS A N    1 
ATOM   43   C CA   . CYS A 1 9   ? -6.937  10.094  3.534   1.00 21.98  ? 357 CYS A CA   1 
ATOM   44   C C    . CYS A 1 9   ? -7.626  9.565   2.292   1.00 20.56  ? 357 CYS A C    1 
ATOM   45   O O    . CYS A 1 9   ? -6.965  8.905   1.499   1.00 18.23  ? 357 CYS A O    1 
ATOM   46   C CB   . CYS A 1 9   ? -7.187  9.193   4.737   1.00 22.69  ? 357 CYS A CB   1 
ATOM   47   S SG   . CYS A 1 9   ? -6.241  9.678   6.198   1.00 26.81  ? 357 CYS A SG   1 
ATOM   48   N N    . SER A 1 10  ? -8.933  9.863   2.094   1.00 18.28  ? 358 SER A N    1 
ATOM   49   C CA   . SER A 1 10  ? -9.624  9.421   0.869   1.00 18.13  ? 358 SER A CA   1 
ATOM   50   C C    . SER A 1 10  ? -8.911  9.998   -0.373  1.00 19.11  ? 358 SER A C    1 
ATOM   51   O O    . SER A 1 10  ? -8.756  9.292   -1.368  1.00 19.16  ? 358 SER A O    1 
ATOM   52   C CB   . SER A 1 10  ? -11.091 9.851   0.883   1.00 23.49  ? 358 SER A CB   1 
ATOM   53   O OG   A SER A 1 10  ? -11.754 9.277   1.999   0.50 32.34  ? 358 SER A OG   1 
ATOM   54   O OG   B SER A 1 10  ? -11.800 9.266   -0.196  0.50 32.07  ? 358 SER A OG   1 
ATOM   55   N N    . GLY A 1 11  ? -8.469  11.252  -0.278  1.00 16.47  ? 359 GLY A N    1 
ATOM   56   C CA   . GLY A 1 11  ? -7.714  11.942  -1.323  1.00 16.80  ? 359 GLY A CA   1 
ATOM   57   C C    . GLY A 1 11  ? -6.393  11.259  -1.636  1.00 18.00  ? 359 GLY A C    1 
ATOM   58   O O    . GLY A 1 11  ? -6.017  11.113  -2.807  1.00 16.72  ? 359 GLY A O    1 
ATOM   59   N N    . ILE A 1 12  ? -5.677  10.810  -0.591  1.00 14.98  ? 360 ILE A N    1 
ATOM   60   C CA   . ILE A 1 12  ? -4.411  10.080  -0.783  1.00 14.41  ? 360 ILE A CA   1 
ATOM   61   C C    . ILE A 1 12  ? -4.650  8.811   -1.605  1.00 15.94  ? 360 ILE A C    1 
ATOM   62   O O    . ILE A 1 12  ? -3.890  8.512   -2.539  1.00 14.45  ? 360 ILE A O    1 
ATOM   63   C CB   . ILE A 1 12  ? -3.770  9.762   0.600   1.00 16.67  ? 360 ILE A CB   1 
ATOM   64   C CG1  . ILE A 1 12  ? -3.248  11.059  1.242   1.00 17.12  ? 360 ILE A CG1  1 
ATOM   65   C CG2  . ILE A 1 12  ? -2.678  8.665   0.474   1.00 18.22  ? 360 ILE A CG2  1 
ATOM   66   C CD1  . ILE A 1 12  ? -2.713  10.950  2.685   1.00 21.41  ? 360 ILE A CD1  1 
ATOM   67   N N    . LEU A 1 13  ? -5.707  8.060   -1.261  1.00 14.70  ? 361 LEU A N    1 
ATOM   68   C CA   . LEU A 1 13  ? -6.064  6.849   -2.003  1.00 16.22  ? 361 LEU A CA   1 
ATOM   69   C C    . LEU A 1 13  ? -6.433  7.152   -3.458  1.00 18.43  ? 361 LEU A C    1 
ATOM   70   O O    . LEU A 1 13  ? -5.992  6.429   -4.364  1.00 16.87  ? 361 LEU A O    1 
ATOM   71   C CB   . LEU A 1 13  ? -7.203  6.093   -1.305  1.00 17.39  ? 361 LEU A CB   1 
ATOM   72   C CG   . LEU A 1 13  ? -6.831  5.389   -0.013  1.00 22.31  ? 361 LEU A CG   1 
ATOM   73   C CD1  . LEU A 1 13  ? -8.048  4.648   0.530   1.00 23.01  ? 361 LEU A CD1  1 
ATOM   74   C CD2  . LEU A 1 13  ? -5.651  4.406   -0.221  1.00 24.63  ? 361 LEU A CD2  1 
ATOM   75   N N    . LYS A 1 14  ? -7.209  8.231   -3.700  1.00 15.75  ? 362 LYS A N    1 
ATOM   76   C CA   . LYS A 1 14  ? -7.554  8.607   -5.074  1.00 15.62  ? 362 LYS A CA   1 
ATOM   77   C C    . LYS A 1 14  ? -6.264  8.858   -5.867  1.00 17.21  ? 362 LYS A C    1 
ATOM   78   O O    . LYS A 1 14  ? -6.134  8.409   -7.003  1.00 18.18  ? 362 LYS A O    1 
ATOM   79   C CB   . LYS A 1 14  ? -8.447  9.857   -5.106  1.00 17.62  ? 362 LYS A CB   1 
ATOM   80   C CG   . LYS A 1 14  ? -9.885  9.590   -4.667  1.00 21.69  ? 362 LYS A CG   1 
ATOM   81   C CD   . LYS A 1 14  ? -10.706 10.883  -4.780  1.00 23.46  ? 362 LYS A CD   1 
ATOM   82   C CE   . LYS A 1 14  ? -12.198 10.653  -4.665  1.00 39.03  ? 362 LYS A CE   1 
ATOM   83   N NZ   . LYS A 1 14  ? -12.586 10.168  -3.318  1.00 48.07  ? 362 LYS A NZ   1 
ATOM   84   N N    . GLU A 1 15  ? -5.288  9.524   -5.243  1.00 12.81  ? 363 GLU A N    1 
ATOM   85   C CA   . GLU A 1 15  ? -4.013  9.785   -5.917  1.00 13.14  ? 363 GLU A CA   1 
ATOM   86   C C    . GLU A 1 15  ? -3.260  8.495   -6.202  1.00 15.76  ? 363 GLU A C    1 
ATOM   87   O O    . GLU A 1 15  ? -2.819  8.295   -7.326  1.00 14.41  ? 363 GLU A O    1 
ATOM   88   C CB   . GLU A 1 15  ? -3.156  10.744  -5.097  1.00 14.12  ? 363 GLU A CB   1 
ATOM   89   C CG   . GLU A 1 15  ? -1.942  11.251  -5.862  1.00 17.41  ? 363 GLU A CG   1 
ATOM   90   C CD   . GLU A 1 15  ? -1.125  12.250  -5.067  1.00 20.76  ? 363 GLU A CD   1 
ATOM   91   O OE1  . GLU A 1 15  ? -1.220  12.233  -3.820  1.00 19.41  ? 363 GLU A OE1  1 
ATOM   92   O OE2  . GLU A 1 15  ? -0.377  13.038  -5.688  1.00 22.36  ? 363 GLU A OE2  1 
ATOM   93   N N    . MET A 1 16  ? -3.126  7.620   -5.210  1.00 12.00  ? 364 MET A N    1 
ATOM   94   C CA   . MET A 1 16  ? -2.397  6.357   -5.383  1.00 11.03  ? 364 MET A CA   1 
ATOM   95   C C    . MET A 1 16  ? -3.027  5.412   -6.444  1.00 15.40  ? 364 MET A C    1 
ATOM   96   O O    . MET A 1 16  ? -2.309  4.677   -7.109  1.00 15.33  ? 364 MET A O    1 
ATOM   97   C CB   . MET A 1 16  ? -2.223  5.649   -4.033  1.00 13.06  ? 364 MET A CB   1 
ATOM   98   C CG   . MET A 1 16  ? -1.329  6.428   -3.092  1.00 15.33  ? 364 MET A CG   1 
ATOM   99   S SD   . MET A 1 16  ? -1.313  5.708   -1.427  1.00 17.71  ? 364 MET A SD   1 
ATOM   100  C CE   . MET A 1 16  ? -0.407  4.161   -1.740  1.00 16.46  ? 364 MET A CE   1 
ATOM   101  N N    . PHE A 1 17  ? -4.352  5.498   -6.630  1.00 13.16  ? 365 PHE A N    1 
ATOM   102  C CA   . PHE A 1 17  ? -5.085  4.703   -7.627  1.00 12.80  ? 365 PHE A CA   1 
ATOM   103  C C    . PHE A 1 17  ? -5.163  5.414   -8.991  1.00 16.98  ? 365 PHE A C    1 
ATOM   104  O O    . PHE A 1 17  ? -5.697  4.817   -9.935  1.00 16.00  ? 365 PHE A O    1 
ATOM   105  C CB   . PHE A 1 17  ? -6.511  4.422   -7.132  1.00 13.91  ? 365 PHE A CB   1 
ATOM   106  C CG   . PHE A 1 17  ? -6.693  3.191   -6.271  1.00 14.24  ? 365 PHE A CG   1 
ATOM   107  C CD1  . PHE A 1 17  ? -6.541  1.913   -6.812  1.00 16.56  ? 365 PHE A CD1  1 
ATOM   108  C CD2  . PHE A 1 17  ? -7.061  3.307   -4.931  1.00 16.53  ? 365 PHE A CD2  1 
ATOM   109  C CE1  . PHE A 1 17  ? -6.725  0.772   -6.023  1.00 18.10  ? 365 PHE A CE1  1 
ATOM   110  C CE2  . PHE A 1 17  ? -7.278  2.160   -4.147  1.00 18.59  ? 365 PHE A CE2  1 
ATOM   111  C CZ   . PHE A 1 17  ? -7.112  0.900   -4.704  1.00 16.93  ? 365 PHE A CZ   1 
ATOM   112  N N    . ALA A 1 18  ? -4.656  6.676   -9.099  1.00 14.50  ? 366 ALA A N    1 
ATOM   113  C CA   . ALA A 1 18  ? -4.795  7.451   -10.344 1.00 16.00  ? 366 ALA A CA   1 
ATOM   114  C C    . ALA A 1 18  ? -4.007  6.857   -11.512 1.00 18.37  ? 366 ALA A C    1 
ATOM   115  O O    . ALA A 1 18  ? -2.973  6.218   -11.313 1.00 16.72  ? 366 ALA A O    1 
ATOM   116  C CB   . ALA A 1 18  ? -4.413  8.918   -10.114 1.00 17.27  ? 366 ALA A CB   1 
ATOM   117  N N    . LYS A 1 19  ? -4.487  7.081   -12.740 1.00 15.02  ? 367 LYS A N    1 
ATOM   118  C CA   . LYS A 1 19  ? -3.807  6.600   -13.949 1.00 15.39  ? 367 LYS A CA   1 
ATOM   119  C C    . LYS A 1 19  ? -2.336  7.025   -14.049 1.00 17.93  ? 367 LYS A C    1 
ATOM   120  O O    . LYS A 1 19  ? -1.519  6.243   -14.540 1.00 17.37  ? 367 LYS A O    1 
ATOM   121  C CB   . LYS A 1 19  ? -4.541  7.080   -15.205 1.00 18.11  ? 367 LYS A CB   1 
ATOM   122  C CG   . LYS A 1 19  ? -5.902  6.430   -15.394 1.00 28.75  ? 367 LYS A CG   1 
ATOM   123  C CD   . LYS A 1 19  ? -6.543  6.962   -16.674 1.00 40.63  ? 367 LYS A CD   1 
ATOM   124  C CE   . LYS A 1 19  ? -8.022  6.674   -16.776 1.00 48.88  ? 367 LYS A CE   1 
ATOM   125  N NZ   . LYS A 1 19  ? -8.661  7.499   -17.842 1.00 48.29  ? 367 LYS A NZ   1 
ATOM   126  N N    . LYS A 1 20  ? -1.992  8.237   -13.570 1.00 13.82  ? 368 LYS A N    1 
ATOM   127  C CA   . LYS A 1 20  ? -0.613  8.745   -13.630 1.00 14.40  ? 368 LYS A CA   1 
ATOM   128  C C    . LYS A 1 20  ? 0.390   7.779   -12.981 1.00 17.75  ? 368 LYS A C    1 
ATOM   129  O O    . LYS A 1 20  ? 1.532   7.684   -13.442 1.00 17.70  ? 368 LYS A O    1 
ATOM   130  C CB   . LYS A 1 20  ? -0.532  10.148  -12.960 1.00 17.61  ? 368 LYS A CB   1 
ATOM   131  C CG   . LYS A 1 20  ? 0.867   10.773  -12.975 1.00 24.37  ? 368 LYS A CG   1 
ATOM   132  C CD   . LYS A 1 20  ? 0.908   12.166  -12.362 1.00 28.05  ? 368 LYS A CD   1 
ATOM   133  C CE   . LYS A 1 20  ? 2.306   12.737  -12.488 1.00 37.26  ? 368 LYS A CE   1 
ATOM   134  N NZ   . LYS A 1 20  ? 2.436   14.061  -11.831 1.00 42.25  ? 368 LYS A NZ   1 
ATOM   135  N N    . HIS A 1 21  ? -0.047  7.051   -11.926 1.00 13.41  ? 369 HIS A N    1 
ATOM   136  C CA   . HIS A 1 21  ? 0.841   6.168   -11.159 1.00 12.34  ? 369 HIS A CA   1 
ATOM   137  C C    . HIS A 1 21  ? 0.640   4.696   -11.436 1.00 13.90  ? 369 HIS A C    1 
ATOM   138  O O    . HIS A 1 21  ? 1.302   3.870   -10.813 1.00 13.69  ? 369 HIS A O    1 
ATOM   139  C CB   . HIS A 1 21  ? 0.668   6.470   -9.654  1.00 12.19  ? 369 HIS A CB   1 
ATOM   140  C CG   . HIS A 1 21  ? 0.795   7.935   -9.350  1.00 14.37  ? 369 HIS A CG   1 
ATOM   141  N ND1  . HIS A 1 21  ? 1.977   8.613   -9.567  1.00 15.76  ? 369 HIS A ND1  1 
ATOM   142  C CD2  . HIS A 1 21  ? -0.143  8.814   -8.936  1.00 15.93  ? 369 HIS A CD2  1 
ATOM   143  C CE1  . HIS A 1 21  ? 1.741   9.875   -9.240  1.00 15.87  ? 369 HIS A CE1  1 
ATOM   144  N NE2  . HIS A 1 21  ? 0.477   10.046  -8.855  1.00 16.50  ? 369 HIS A NE2  1 
ATOM   145  N N    . ALA A 1 22  ? -0.310  4.354   -12.332 1.00 12.31  ? 370 ALA A N    1 
ATOM   146  C CA   . ALA A 1 22  ? -0.675  2.960   -12.583 1.00 13.43  ? 370 ALA A CA   1 
ATOM   147  C C    . ALA A 1 22  ? 0.478   2.048   -12.977 1.00 16.00  ? 370 ALA A C    1 
ATOM   148  O O    . ALA A 1 22  ? 0.452   0.863   -12.616 1.00 15.93  ? 370 ALA A O    1 
ATOM   149  C CB   . ALA A 1 22  ? -1.787  2.877   -13.628 1.00 14.77  ? 370 ALA A CB   1 
ATOM   150  N N    . ALA A 1 23  ? 1.466   2.575   -13.749 1.00 13.60  ? 371 ALA A N    1 
ATOM   151  C CA   . ALA A 1 23  ? 2.613   1.779   -14.223 1.00 14.60  ? 371 ALA A CA   1 
ATOM   152  C C    . ALA A 1 23  ? 3.378   1.124   -13.076 1.00 16.16  ? 371 ALA A C    1 
ATOM   153  O O    . ALA A 1 23  ? 3.940   0.048   -13.277 1.00 17.02  ? 371 ALA A O    1 
ATOM   154  C CB   . ALA A 1 23  ? 3.566   2.634   -15.055 1.00 15.21  ? 371 ALA A CB   1 
ATOM   155  N N    . TYR A 1 24  ? 3.405   1.761   -11.896 1.00 13.08  ? 372 TYR A N    1 
ATOM   156  C CA   . TYR A 1 24  ? 4.101   1.206   -10.725 1.00 12.72  ? 372 TYR A CA   1 
ATOM   157  C C    . TYR A 1 24  ? 3.184   0.855   -9.556  1.00 15.50  ? 372 TYR A C    1 
ATOM   158  O O    . TYR A 1 24  ? 3.613   0.126   -8.673  1.00 15.54  ? 372 TYR A O    1 
ATOM   159  C CB   . TYR A 1 24  ? 5.259   2.105   -10.237 1.00 14.23  ? 372 TYR A CB   1 
ATOM   160  C CG   . TYR A 1 24  ? 4.964   3.588   -10.202 1.00 13.40  ? 372 TYR A CG   1 
ATOM   161  C CD1  . TYR A 1 24  ? 4.496   4.202   -9.038  1.00 14.34  ? 372 TYR A CD1  1 
ATOM   162  C CD2  . TYR A 1 24  ? 5.247   4.399   -11.298 1.00 14.12  ? 372 TYR A CD2  1 
ATOM   163  C CE1  . TYR A 1 24  ? 4.302   5.584   -8.977  1.00 15.61  ? 372 TYR A CE1  1 
ATOM   164  C CE2  . TYR A 1 24  ? 5.019   5.770   -11.262 1.00 14.48  ? 372 TYR A CE2  1 
ATOM   165  C CZ   . TYR A 1 24  ? 4.559   6.360   -10.095 1.00 17.50  ? 372 TYR A CZ   1 
ATOM   166  O OH   . TYR A 1 24  ? 4.415   7.723   -10.050 1.00 17.10  ? 372 TYR A OH   1 
ATOM   167  N N    . ALA A 1 25  ? 1.956   1.400   -9.512  1.00 12.67  ? 373 ALA A N    1 
ATOM   168  C CA   . ALA A 1 25  ? 1.055   1.119   -8.391  1.00 11.96  ? 373 ALA A CA   1 
ATOM   169  C C    . ALA A 1 25  ? 0.314   -0.204  -8.521  1.00 15.10  ? 373 ALA A C    1 
ATOM   170  O O    . ALA A 1 25  ? -0.099  -0.765  -7.500  1.00 14.11  ? 373 ALA A O    1 
ATOM   171  C CB   . ALA A 1 25  ? 0.054   2.266   -8.223  1.00 12.13  ? 373 ALA A CB   1 
ATOM   172  N N    . TRP A 1 26  ? 0.117   -0.699  -9.774  1.00 13.83  ? 374 TRP A N    1 
ATOM   173  C CA   . TRP A 1 26  ? -0.749  -1.855  -10.030 1.00 14.73  ? 374 TRP A CA   1 
ATOM   174  C C    . TRP A 1 26  ? -0.443  -3.121  -9.163  1.00 15.49  ? 374 TRP A C    1 
ATOM   175  O O    . TRP A 1 26  ? -1.420  -3.763  -8.763  1.00 15.71  ? 374 TRP A O    1 
ATOM   176  C CB   . TRP A 1 26  ? -0.848  -2.202  -11.528 1.00 14.42  ? 374 TRP A CB   1 
ATOM   177  C CG   . TRP A 1 26  ? 0.387   -2.809  -12.103 1.00 15.77  ? 374 TRP A CG   1 
ATOM   178  C CD1  . TRP A 1 26  ? 1.394   -2.161  -12.758 1.00 18.42  ? 374 TRP A CD1  1 
ATOM   179  C CD2  . TRP A 1 26  ? 0.735   -4.198  -12.096 1.00 16.42  ? 374 TRP A CD2  1 
ATOM   180  N NE1  . TRP A 1 26  ? 2.352   -3.066  -13.160 1.00 18.38  ? 374 TRP A NE1  1 
ATOM   181  C CE2  . TRP A 1 26  ? 1.992   -4.316  -12.730 1.00 19.75  ? 374 TRP A CE2  1 
ATOM   182  C CE3  . TRP A 1 26  ? 0.131   -5.354  -11.560 1.00 18.18  ? 374 TRP A CE3  1 
ATOM   183  C CZ2  . TRP A 1 26  ? 2.648   -5.547  -12.870 1.00 19.75  ? 374 TRP A CZ2  1 
ATOM   184  C CZ3  . TRP A 1 26  ? 0.783   -6.576  -11.700 1.00 19.50  ? 374 TRP A CZ3  1 
ATOM   185  C CH2  . TRP A 1 26  ? 2.029   -6.659  -12.335 1.00 20.13  ? 374 TRP A CH2  1 
ATOM   186  N N    . PRO A 1 27  ? 0.810   -3.472  -8.778  1.00 12.86  ? 375 PRO A N    1 
ATOM   187  C CA   . PRO A 1 27  ? 0.999   -4.676  -7.937  1.00 13.32  ? 375 PRO A CA   1 
ATOM   188  C C    . PRO A 1 27  ? 0.460   -4.522  -6.509  1.00 14.45  ? 375 PRO A C    1 
ATOM   189  O O    . PRO A 1 27  ? 0.420   -5.493  -5.774  1.00 15.32  ? 375 PRO A O    1 
ATOM   190  C CB   . PRO A 1 27  ? 2.530   -4.841  -7.873  1.00 14.74  ? 375 PRO A CB   1 
ATOM   191  C CG   . PRO A 1 27  ? 3.054   -4.074  -9.046  1.00 18.50  ? 375 PRO A CG   1 
ATOM   192  C CD   . PRO A 1 27  ? 2.118   -2.890  -9.161  1.00 14.57  ? 375 PRO A CD   1 
ATOM   193  N N    . PHE A 1 28  ? 0.088   -3.296  -6.115  1.00 11.67  ? 376 PHE A N    1 
ATOM   194  C CA   . PHE A 1 28  ? -0.392  -2.981  -4.764  1.00 11.85  ? 376 PHE A CA   1 
ATOM   195  C C    . PHE A 1 28  ? -1.910  -2.770  -4.696  1.00 15.03  ? 376 PHE A C    1 
ATOM   196  O O    . PHE A 1 28  ? -2.447  -2.476  -3.621  1.00 14.35  ? 376 PHE A O    1 
ATOM   197  C CB   . PHE A 1 28  ? 0.348   -1.708  -4.273  1.00 12.82  ? 376 PHE A CB   1 
ATOM   198  C CG   . PHE A 1 28  ? 1.840   -1.901  -4.361  1.00 12.80  ? 376 PHE A CG   1 
ATOM   199  C CD1  . PHE A 1 28  ? 2.514   -2.650  -3.409  1.00 14.90  ? 376 PHE A CD1  1 
ATOM   200  C CD2  . PHE A 1 28  ? 2.566   -1.367  -5.426  1.00 13.16  ? 376 PHE A CD2  1 
ATOM   201  C CE1  . PHE A 1 28  ? 3.888   -2.865  -3.510  1.00 15.36  ? 376 PHE A CE1  1 
ATOM   202  C CE2  . PHE A 1 28  ? 3.940   -1.607  -5.542  1.00 15.05  ? 376 PHE A CE2  1 
ATOM   203  C CZ   . PHE A 1 28  ? 4.589   -2.364  -4.592  1.00 14.16  ? 376 PHE A CZ   1 
ATOM   204  N N    . TYR A 1 29  ? -2.603  -2.888  -5.833  1.00 13.41  ? 377 TYR A N    1 
ATOM   205  C CA   . TYR A 1 29  ? -4.035  -2.606  -5.876  1.00 14.03  ? 377 TYR A CA   1 
ATOM   206  C C    . TYR A 1 29  ? -4.899  -3.564  -5.073  1.00 18.62  ? 377 TYR A C    1 
ATOM   207  O O    . TYR A 1 29  ? -5.920  -3.150  -4.535  1.00 19.24  ? 377 TYR A O    1 
ATOM   208  C CB   . TYR A 1 29  ? -4.531  -2.628  -7.319  1.00 14.64  ? 377 TYR A CB   1 
ATOM   209  C CG   . TYR A 1 29  ? -4.201  -1.448  -8.207  1.00 14.13  ? 377 TYR A CG   1 
ATOM   210  C CD1  . TYR A 1 29  ? -3.613  -0.292  -7.691  1.00 15.46  ? 377 TYR A CD1  1 
ATOM   211  C CD2  . TYR A 1 29  ? -4.550  -1.455  -9.556  1.00 15.16  ? 377 TYR A CD2  1 
ATOM   212  C CE1  . TYR A 1 29  ? -3.325  0.801   -8.511  1.00 16.36  ? 377 TYR A CE1  1 
ATOM   213  C CE2  . TYR A 1 29  ? -4.258  -0.379  -10.382 1.00 15.60  ? 377 TYR A CE2  1 
ATOM   214  C CZ   . TYR A 1 29  ? -3.675  0.757   -9.853  1.00 18.61  ? 377 TYR A CZ   1 
ATOM   215  O OH   . TYR A 1 29  ? -3.420  1.808   -10.693 1.00 16.55  ? 377 TYR A OH   1 
ATOM   216  N N    . LYS A 1 30  ? -4.510  -4.836  -5.023  1.00 14.69  ? 378 LYS A N    1 
ATOM   217  C CA   . LYS A 1 30  ? -5.283  -5.904  -4.370  1.00 15.54  ? 378 LYS A CA   1 
ATOM   218  C C    . LYS A 1 30  ? -4.341  -6.796  -3.560  1.00 17.35  ? 378 LYS A C    1 
ATOM   219  O O    . LYS A 1 30  ? -3.125  -6.729  -3.779  1.00 17.03  ? 378 LYS A O    1 
ATOM   220  C CB   . LYS A 1 30  ? -5.955  -6.774  -5.456  1.00 19.11  ? 378 LYS A CB   1 
ATOM   221  C CG   . LYS A 1 30  ? -7.009  -6.068  -6.309  1.00 30.35  ? 378 LYS A CG   1 
ATOM   222  C CD   . LYS A 1 30  ? -8.366  -5.994  -5.640  1.00 47.27  ? 378 LYS A CD   1 
ATOM   223  C CE   . LYS A 1 30  ? -9.353  -5.193  -6.461  1.00 58.88  ? 378 LYS A CE   1 
ATOM   224  N NZ   . LYS A 1 30  ? -10.527 -4.775  -5.648  1.00 66.55  ? 378 LYS A NZ   1 
ATOM   225  N N    . PRO A 1 31  ? -4.874  -7.661  -2.657  1.00 14.54  ? 379 PRO A N    1 
ATOM   226  C CA   . PRO A 1 31  ? -3.992  -8.559  -1.897  1.00 14.72  ? 379 PRO A CA   1 
ATOM   227  C C    . PRO A 1 31  ? -3.111  -9.396  -2.821  1.00 18.59  ? 379 PRO A C    1 
ATOM   228  O O    . PRO A 1 31  ? -3.557  -9.776  -3.909  1.00 18.54  ? 379 PRO A O    1 
ATOM   229  C CB   . PRO A 1 31  ? -4.971  -9.473  -1.137  1.00 16.82  ? 379 PRO A CB   1 
ATOM   230  C CG   . PRO A 1 31  ? -6.235  -8.693  -1.039  1.00 21.06  ? 379 PRO A CG   1 
ATOM   231  C CD   . PRO A 1 31  ? -6.296  -7.823  -2.265  1.00 17.41  ? 379 PRO A CD   1 
ATOM   232  N N    . VAL A 1 32  ? -1.854  -9.661  -2.416  1.00 17.16  ? 380 VAL A N    1 
ATOM   233  C CA   . VAL A 1 32  ? -0.942  -10.504 -3.207  1.00 16.26  ? 380 VAL A CA   1 
ATOM   234  C C    . VAL A 1 32  ? -1.634  -11.876 -3.376  1.00 20.53  ? 380 VAL A C    1 
ATOM   235  O O    . VAL A 1 32  ? -2.028  -12.486 -2.380  1.00 19.64  ? 380 VAL A O    1 
ATOM   236  C CB   . VAL A 1 32  ? 0.420   -10.652 -2.506  1.00 18.91  ? 380 VAL A CB   1 
ATOM   237  C CG1  . VAL A 1 32  ? 1.323   -11.656 -3.235  1.00 18.47  ? 380 VAL A CG1  1 
ATOM   238  C CG2  . VAL A 1 32  ? 1.106   -9.297  -2.353  1.00 18.87  ? 380 VAL A CG2  1 
ATOM   239  N N    . ASP A 1 33  ? -1.840  -12.297 -4.626  1.00 19.27  ? 381 ASP A N    1 
ATOM   240  C CA   . ASP A 1 33  ? -2.515  -13.571 -4.943  1.00 19.27  ? 381 ASP A CA   1 
ATOM   241  C C    . ASP A 1 33  ? -1.447  -14.666 -4.873  1.00 21.89  ? 381 ASP A C    1 
ATOM   242  O O    . ASP A 1 33  ? -0.830  -15.023 -5.874  1.00 19.77  ? 381 ASP A O    1 
ATOM   243  C CB   . ASP A 1 33  ? -3.158  -13.484 -6.338  1.00 21.52  ? 381 ASP A CB   1 
ATOM   244  C CG   . ASP A 1 33  ? -4.101  -14.624 -6.669  1.00 32.30  ? 381 ASP A CG   1 
ATOM   245  O OD1  . ASP A 1 33  ? -3.970  -15.712 -6.051  1.00 31.43  ? 381 ASP A OD1  1 
ATOM   246  O OD2  . ASP A 1 33  ? -4.921  -14.460 -7.594  1.00 37.84  ? 381 ASP A OD2  1 
ATOM   247  N N    . VAL A 1 34  ? -1.164  -15.118 -3.655  1.00 21.28  ? 382 VAL A N    1 
ATOM   248  C CA   . VAL A 1 34  ? -0.103  -16.096 -3.385  1.00 22.47  ? 382 VAL A CA   1 
ATOM   249  C C    . VAL A 1 34  ? -0.265  -17.383 -4.219  1.00 26.79  ? 382 VAL A C    1 
ATOM   250  O O    . VAL A 1 34  ? 0.715   -17.855 -4.806  1.00 25.24  ? 382 VAL A O    1 
ATOM   251  C CB   . VAL A 1 34  ? 0.065   -16.376 -1.866  1.00 28.44  ? 382 VAL A CB   1 
ATOM   252  C CG1  . VAL A 1 34  ? 0.664   -15.160 -1.168  1.00 29.10  ? 382 VAL A CG1  1 
ATOM   253  C CG2  . VAL A 1 34  ? -1.258  -16.774 -1.203  1.00 29.08  ? 382 VAL A CG2  1 
ATOM   254  N N    . GLU A 1 35  ? -1.503  -17.892 -4.325  1.00 26.38  ? 383 GLU A N    1 
ATOM   255  C CA   . GLU A 1 35  ? -1.822  -19.113 -5.082  1.00 27.48  ? 383 GLU A CA   1 
ATOM   256  C C    . GLU A 1 35  ? -1.497  -18.969 -6.565  1.00 29.89  ? 383 GLU A C    1 
ATOM   257  O O    . GLU A 1 35  ? -0.777  -19.811 -7.106  1.00 30.53  ? 383 GLU A O    1 
ATOM   258  C CB   . GLU A 1 35  ? -3.298  -19.534 -4.876  1.00 29.58  ? 383 GLU A CB   1 
ATOM   259  C CG   . GLU A 1 35  ? -3.613  -20.027 -3.472  1.00 44.37  ? 383 GLU A CG   1 
ATOM   260  C CD   . GLU A 1 35  ? -2.854  -21.261 -3.019  1.00 68.39  ? 383 GLU A CD   1 
ATOM   261  O OE1  . GLU A 1 35  ? -2.772  -22.230 -3.808  1.00 54.12  ? 383 GLU A OE1  1 
ATOM   262  O OE2  . GLU A 1 35  ? -2.352  -21.261 -1.870  1.00 63.57  ? 383 GLU A OE2  1 
ATOM   263  N N    . ALA A 1 36  ? -1.965  -17.879 -7.216  1.00 25.57  ? 384 ALA A N    1 
ATOM   264  C CA   . ALA A 1 36  ? -1.705  -17.653 -8.637  1.00 25.07  ? 384 ALA A CA   1 
ATOM   265  C C    . ALA A 1 36  ? -0.237  -17.381 -8.937  1.00 27.14  ? 384 ALA A C    1 
ATOM   266  O O    . ALA A 1 36  ? 0.242   -17.758 -10.002 1.00 27.13  ? 384 ALA A O    1 
ATOM   267  C CB   . ALA A 1 36  ? -2.559  -16.510 -9.162  1.00 25.99  ? 384 ALA A CB   1 
ATOM   268  N N    . LEU A 1 37  ? 0.479   -16.740 -8.003  1.00 21.00  ? 385 LEU A N    1 
ATOM   269  C CA   . LEU A 1 37  ? 1.885   -16.379 -8.207  1.00 19.19  ? 385 LEU A CA   1 
ATOM   270  C C    . LEU A 1 37  ? 2.902   -17.440 -7.777  1.00 22.25  ? 385 LEU A C    1 
ATOM   271  O O    . LEU A 1 37  ? 4.092   -17.308 -8.090  1.00 22.31  ? 385 LEU A O    1 
ATOM   272  C CB   . LEU A 1 37  ? 2.192   -15.045 -7.502  1.00 18.77  ? 385 LEU A CB   1 
ATOM   273  C CG   . LEU A 1 37  ? 1.455   -13.805 -8.044  1.00 23.35  ? 385 LEU A CG   1 
ATOM   274  C CD1  . LEU A 1 37  ? 1.487   -12.678 -7.006  1.00 24.43  ? 385 LEU A CD1  1 
ATOM   275  C CD2  . LEU A 1 37  ? 2.034   -13.350 -9.376  1.00 26.12  ? 385 LEU A CD2  1 
ATOM   276  N N    . GLY A 1 38  ? 2.440   -18.452 -7.041  1.00 19.74  ? 386 GLY A N    1 
ATOM   277  C CA   . GLY A 1 38  ? 3.308   -19.498 -6.506  1.00 18.59  ? 386 GLY A CA   1 
ATOM   278  C C    . GLY A 1 38  ? 4.194   -19.009 -5.368  1.00 20.96  ? 386 GLY A C    1 
ATOM   279  O O    . GLY A 1 38  ? 5.279   -19.561 -5.139  1.00 20.35  ? 386 GLY A O    1 
ATOM   280  N N    . LEU A 1 39  ? 3.749   -17.952 -4.638  1.00 16.58  ? 387 LEU A N    1 
ATOM   281  C CA   . LEU A 1 39  ? 4.543   -17.387 -3.530  1.00 15.90  ? 387 LEU A CA   1 
ATOM   282  C C    . LEU A 1 39  ? 4.133   -18.085 -2.247  1.00 19.34  ? 387 LEU A C    1 
ATOM   283  O O    . LEU A 1 39  ? 3.618   -17.461 -1.318  1.00 18.67  ? 387 LEU A O    1 
ATOM   284  C CB   . LEU A 1 39  ? 4.306   -15.848 -3.435  1.00 15.67  ? 387 LEU A CB   1 
ATOM   285  C CG   . LEU A 1 39  ? 4.632   -15.047 -4.689  1.00 21.13  ? 387 LEU A CG   1 
ATOM   286  C CD1  . LEU A 1 39  ? 4.432   -13.564 -4.432  1.00 21.79  ? 387 LEU A CD1  1 
ATOM   287  C CD2  . LEU A 1 39  ? 6.052   -15.353 -5.221  1.00 22.44  ? 387 LEU A CD2  1 
ATOM   288  N N    . HIS A 1 40  ? 4.381   -19.407 -2.173  1.00 17.60  ? 388 HIS A N    1 
ATOM   289  C CA   . HIS A 1 40  ? 3.899   -20.185 -1.033  1.00 17.74  ? 388 HIS A CA   1 
ATOM   290  C C    . HIS A 1 40  ? 4.683   -19.968 0.271   1.00 23.62  ? 388 HIS A C    1 
ATOM   291  O O    . HIS A 1 40  ? 4.290   -20.521 1.304   1.00 25.53  ? 388 HIS A O    1 
ATOM   292  C CB   . HIS A 1 40  ? 3.801   -21.679 -1.418  1.00 18.14  ? 388 HIS A CB   1 
ATOM   293  C CG   . HIS A 1 40  ? 2.886   -21.892 -2.584  1.00 20.67  ? 388 HIS A CG   1 
ATOM   294  N ND1  . HIS A 1 40  ? 1.520   -21.683 -2.475  1.00 22.84  ? 388 HIS A ND1  1 
ATOM   295  C CD2  . HIS A 1 40  ? 3.174   -22.213 -3.868  1.00 21.63  ? 388 HIS A CD2  1 
ATOM   296  C CE1  . HIS A 1 40  ? 1.028   -21.890 -3.686  1.00 21.51  ? 388 HIS A CE1  1 
ATOM   297  N NE2  . HIS A 1 40  ? 1.985   -22.213 -4.553  1.00 21.70  ? 388 HIS A NE2  1 
ATOM   298  N N    . ASP A 1 41  ? 5.733   -19.115 0.242   1.00 19.11  ? 389 ASP A N    1 
ATOM   299  C CA   . ASP A 1 41  ? 6.526   -18.764 1.425   1.00 18.04  ? 389 ASP A CA   1 
ATOM   300  C C    . ASP A 1 41  ? 6.075   -17.377 1.946   1.00 20.45  ? 389 ASP A C    1 
ATOM   301  O O    . ASP A 1 41  ? 6.522   -16.955 3.003   1.00 19.76  ? 389 ASP A O    1 
ATOM   302  C CB   . ASP A 1 41  ? 8.044   -18.732 1.082   1.00 19.93  ? 389 ASP A CB   1 
ATOM   303  C CG   . ASP A 1 41  ? 8.457   -17.801 -0.061  1.00 22.61  ? 389 ASP A CG   1 
ATOM   304  O OD1  . ASP A 1 41  ? 7.565   -17.329 -0.805  1.00 21.17  ? 389 ASP A OD1  1 
ATOM   305  O OD2  . ASP A 1 41  ? 9.677   -17.567 -0.232  1.00 28.23  ? 389 ASP A OD2  1 
ATOM   306  N N    . TYR A 1 42  ? 5.194   -16.679 1.201   1.00 17.05  ? 390 TYR A N    1 
ATOM   307  C CA   . TYR A 1 42  ? 4.766   -15.317 1.575   1.00 16.62  ? 390 TYR A CA   1 
ATOM   308  C C    . TYR A 1 42  ? 4.212   -15.191 2.993   1.00 20.00  ? 390 TYR A C    1 
ATOM   309  O O    . TYR A 1 42  ? 4.658   -14.321 3.733   1.00 19.28  ? 390 TYR A O    1 
ATOM   310  C CB   . TYR A 1 42  ? 3.760   -14.775 0.552   1.00 16.69  ? 390 TYR A CB   1 
ATOM   311  C CG   . TYR A 1 42  ? 3.550   -13.277 0.642   1.00 16.45  ? 390 TYR A CG   1 
ATOM   312  C CD1  . TYR A 1 42  ? 4.424   -12.393 0.013   1.00 17.82  ? 390 TYR A CD1  1 
ATOM   313  C CD2  . TYR A 1 42  ? 2.480   -12.745 1.358   1.00 16.93  ? 390 TYR A CD2  1 
ATOM   314  C CE1  . TYR A 1 42  ? 4.235   -11.015 0.091   1.00 15.95  ? 390 TYR A CE1  1 
ATOM   315  C CE2  . TYR A 1 42  ? 2.293   -11.362 1.460   1.00 16.69  ? 390 TYR A CE2  1 
ATOM   316  C CZ   . TYR A 1 42  ? 3.178   -10.507 0.822   1.00 17.96  ? 390 TYR A CZ   1 
ATOM   317  O OH   . TYR A 1 42  ? 3.024   -9.145  0.901   1.00 16.75  ? 390 TYR A OH   1 
ATOM   318  N N    . CYS A 1 43  ? 3.270   -16.058 3.383   1.00 19.42  ? 391 CYS A N    1 
ATOM   319  C CA   . CYS A 1 43  ? 2.646   -15.990 4.705   1.00 20.25  ? 391 CYS A CA   1 
ATOM   320  C C    . CYS A 1 43  ? 3.581   -16.412 5.848   1.00 23.07  ? 391 CYS A C    1 
ATOM   321  O O    . CYS A 1 43  ? 3.315   -16.070 7.006   1.00 24.32  ? 391 CYS A O    1 
ATOM   322  C CB   . CYS A 1 43  ? 1.328   -16.756 4.724   1.00 21.34  ? 391 CYS A CB   1 
ATOM   323  S SG   . CYS A 1 43  ? 0.129   -16.154 3.506   0.50 25.33  ? 391 CYS A SG   1 
ATOM   324  N N    . ASP A 1 44  ? 4.701   -17.081 5.527   1.00 17.48  ? 392 ASP A N    1 
ATOM   325  C CA   . ASP A 1 44  ? 5.713   -17.418 6.533   1.00 17.42  ? 392 ASP A CA   1 
ATOM   326  C C    . ASP A 1 44  ? 6.554   -16.186 6.874   1.00 21.49  ? 392 ASP A C    1 
ATOM   327  O O    . ASP A 1 44  ? 7.116   -16.104 7.966   1.00 22.73  ? 392 ASP A O    1 
ATOM   328  C CB   . ASP A 1 44  ? 6.653   -18.502 6.002   1.00 18.03  ? 392 ASP A CB   1 
ATOM   329  C CG   . ASP A 1 44  ? 6.000   -19.865 5.928   1.00 20.14  ? 392 ASP A CG   1 
ATOM   330  O OD1  . ASP A 1 44  ? 4.900   -20.028 6.501   1.00 20.10  ? 392 ASP A OD1  1 
ATOM   331  O OD2  . ASP A 1 44  ? 6.599   -20.766 5.321   1.00 20.78  ? 392 ASP A OD2  1 
ATOM   332  N N    . ILE A 1 45  ? 6.692   -15.265 5.904   1.00 17.49  ? 393 ILE A N    1 
ATOM   333  C CA   . ILE A 1 45  ? 7.530   -14.066 6.026   1.00 16.86  ? 393 ILE A CA   1 
ATOM   334  C C    . ILE A 1 45  ? 6.699   -12.835 6.432   1.00 19.65  ? 393 ILE A C    1 
ATOM   335  O O    . ILE A 1 45  ? 7.146   -12.041 7.268   1.00 19.76  ? 393 ILE A O    1 
ATOM   336  C CB   . ILE A 1 45  ? 8.340   -13.860 4.698   1.00 19.12  ? 393 ILE A CB   1 
ATOM   337  C CG1  . ILE A 1 45  ? 9.329   -15.054 4.469   1.00 19.38  ? 393 ILE A CG1  1 
ATOM   338  C CG2  . ILE A 1 45  ? 9.089   -12.509 4.686   1.00 19.84  ? 393 ILE A CG2  1 
ATOM   339  C CD1  . ILE A 1 45  ? 9.898   -15.243 2.998   1.00 23.97  ? 393 ILE A CD1  1 
ATOM   340  N N    . ILE A 1 46  ? 5.501   -12.702 5.848   1.00 15.35  ? 394 ILE A N    1 
ATOM   341  C CA   . ILE A 1 46  ? 4.598   -11.574 6.058   1.00 15.75  ? 394 ILE A CA   1 
ATOM   342  C C    . ILE A 1 46  ? 3.474   -11.915 7.002   1.00 20.58  ? 394 ILE A C    1 
ATOM   343  O O    . ILE A 1 46  ? 2.499   -12.569 6.615   1.00 20.58  ? 394 ILE A O    1 
ATOM   344  C CB   . ILE A 1 46  ? 4.098   -11.009 4.691   1.00 17.75  ? 394 ILE A CB   1 
ATOM   345  C CG1  . ILE A 1 46  ? 5.289   -10.606 3.757   1.00 17.51  ? 394 ILE A CG1  1 
ATOM   346  C CG2  . ILE A 1 46  ? 3.093   -9.850  4.881   1.00 18.26  ? 394 ILE A CG2  1 
ATOM   347  C CD1  . ILE A 1 46  ? 6.398   -9.643  4.356   1.00 18.63  ? 394 ILE A CD1  1 
ATOM   348  N N    . LYS A 1 47  ? 3.577   -11.400 8.232   1.00 19.19  ? 395 LYS A N    1 
ATOM   349  C CA   . LYS A 1 47  ? 2.559   -11.692 9.242   1.00 19.81  ? 395 LYS A CA   1 
ATOM   350  C C    . LYS A 1 47  ? 1.255   -10.937 9.013   1.00 22.88  ? 395 LYS A C    1 
ATOM   351  O O    . LYS A 1 47  ? 0.186   -11.452 9.349   1.00 22.64  ? 395 LYS A O    1 
ATOM   352  C CB   . LYS A 1 47  ? 3.085   -11.407 10.670  1.00 23.48  ? 395 LYS A CB   1 
ATOM   353  C CG   . LYS A 1 47  ? 4.402   -12.108 11.122  1.00 43.42  ? 395 LYS A CG   1 
ATOM   354  C CD   . LYS A 1 47  ? 4.834   -13.422 10.419  1.00 56.34  ? 395 LYS A CD   1 
ATOM   355  C CE   . LYS A 1 47  ? 4.137   -14.676 10.882  1.00 64.40  ? 395 LYS A CE   1 
ATOM   356  N NZ   . LYS A 1 47  ? 4.503   -15.832 10.023  1.00 71.17  ? 395 LYS A NZ   1 
ATOM   357  N N    . HIS A 1 48  ? 1.336   -9.706  8.457   1.00 19.54  ? 396 HIS A N    1 
ATOM   358  C CA   . HIS A 1 48  ? 0.162   -8.873  8.260   1.00 18.88  ? 396 HIS A CA   1 
ATOM   359  C C    . HIS A 1 48  ? 0.100   -8.329  6.827   1.00 19.95  ? 396 HIS A C    1 
ATOM   360  O O    . HIS A 1 48  ? 0.552   -7.200  6.592   1.00 18.21  ? 396 HIS A O    1 
ATOM   361  C CB   . HIS A 1 48  ? 0.138   -7.728  9.300   1.00 21.25  ? 396 HIS A CB   1 
ATOM   362  C CG   . HIS A 1 48  ? 0.156   -8.198  10.730  1.00 26.42  ? 396 HIS A CG   1 
ATOM   363  N ND1  . HIS A 1 48  ? -0.924  -8.872  11.282  1.00 29.08  ? 396 HIS A ND1  1 
ATOM   364  C CD2  . HIS A 1 48  ? 1.124   -8.082  11.670  1.00 29.60  ? 396 HIS A CD2  1 
ATOM   365  C CE1  . HIS A 1 48  ? -0.584  -9.137  12.536  1.00 29.09  ? 396 HIS A CE1  1 
ATOM   366  N NE2  . HIS A 1 48  ? 0.644   -8.698  12.812  1.00 29.78  ? 396 HIS A NE2  1 
ATOM   367  N N    . PRO A 1 49  ? -0.441  -9.110  5.864   1.00 17.02  ? 397 PRO A N    1 
ATOM   368  C CA   . PRO A 1 49  ? -0.538  -8.612  4.477   1.00 15.88  ? 397 PRO A CA   1 
ATOM   369  C C    . PRO A 1 49  ? -1.424  -7.371  4.419   1.00 18.43  ? 397 PRO A C    1 
ATOM   370  O O    . PRO A 1 49  ? -2.348  -7.207  5.243   1.00 16.98  ? 397 PRO A O    1 
ATOM   371  C CB   . PRO A 1 49  ? -1.187  -9.781  3.712   1.00 18.55  ? 397 PRO A CB   1 
ATOM   372  C CG   . PRO A 1 49  ? -0.953  -10.992 4.584   1.00 23.88  ? 397 PRO A CG   1 
ATOM   373  C CD   . PRO A 1 49  ? -1.034  -10.461 5.987   1.00 19.91  ? 397 PRO A CD   1 
ATOM   374  N N    . MET A 1 50  ? -1.123  -6.472  3.466   1.00 15.30  ? 398 MET A N    1 
ATOM   375  C CA   . MET A 1 50  ? -1.893  -5.240  3.281   1.00 14.10  ? 398 MET A CA   1 
ATOM   376  C C    . MET A 1 50  ? -1.789  -4.792  1.823   1.00 17.21  ? 398 MET A C    1 
ATOM   377  O O    . MET A 1 50  ? -0.755  -4.992  1.187   1.00 16.02  ? 398 MET A O    1 
ATOM   378  C CB   . MET A 1 50  ? -1.388  -4.140  4.223   1.00 15.19  ? 398 MET A CB   1 
ATOM   379  C CG   . MET A 1 50  ? -2.304  -2.914  4.316   1.00 16.90  ? 398 MET A CG   1 
ATOM   380  S SD   . MET A 1 50  ? -4.064  -3.258  4.625   1.00 19.24  ? 398 MET A SD   1 
ATOM   381  C CE   . MET A 1 50  ? -3.959  -4.168  6.224   1.00 18.25  ? 398 MET A CE   1 
ATOM   382  N N    . ASP A 1 51  ? -2.866  -4.164  1.312   1.00 14.63  ? 399 ASP A N    1 
ATOM   383  C CA   . ASP A 1 51  ? -2.916  -3.681  -0.067  1.00 14.89  ? 399 ASP A CA   1 
ATOM   384  C C    . ASP A 1 51  ? -3.869  -2.493  -0.132  1.00 16.25  ? 399 ASP A C    1 
ATOM   385  O O    . ASP A 1 51  ? -4.619  -2.245  0.817   1.00 15.50  ? 399 ASP A O    1 
ATOM   386  C CB   . ASP A 1 51  ? -3.392  -4.814  -0.981  1.00 16.26  ? 399 ASP A CB   1 
ATOM   387  C CG   . ASP A 1 51  ? -4.809  -5.173  -0.619  1.00 21.34  ? 399 ASP A CG   1 
ATOM   388  O OD1  . ASP A 1 51  ? -4.994  -5.917  0.366   1.00 23.89  ? 399 ASP A OD1  1 
ATOM   389  O OD2  . ASP A 1 51  ? -5.730  -4.595  -1.222  1.00 19.13  ? 399 ASP A OD2  1 
ATOM   390  N N    . MET A 1 52  ? -3.883  -1.783  -1.265  1.00 13.35  ? 400 MET A N    1 
ATOM   391  C CA   . MET A 1 52  ? -4.684  -0.568  -1.394  1.00 12.14  ? 400 MET A CA   1 
ATOM   392  C C    . MET A 1 52  ? -6.194  -0.778  -1.311  1.00 16.14  ? 400 MET A C    1 
ATOM   393  O O    . MET A 1 52  ? -6.867  0.086   -0.755  1.00 16.15  ? 400 MET A O    1 
ATOM   394  C CB   . MET A 1 52  ? -4.319  0.179   -2.672  1.00 13.33  ? 400 MET A CB   1 
ATOM   395  C CG   . MET A 1 52  ? -2.917  0.761   -2.615  1.00 15.12  ? 400 MET A CG   1 
ATOM   396  S SD   . MET A 1 52  ? -2.254  1.206   -4.253  1.00 17.04  ? 400 MET A SD   1 
ATOM   397  C CE   . MET A 1 52  ? -3.522  2.281   -4.861  1.00 16.12  ? 400 MET A CE   1 
ATOM   398  N N    . SER A 1 53  ? -6.725  -1.894  -1.866  1.00 14.80  ? 401 SER A N    1 
ATOM   399  C CA   . SER A 1 53  ? -8.172  -2.158  -1.818  1.00 15.31  ? 401 SER A CA   1 
ATOM   400  C C    . SER A 1 53  ? -8.628  -2.441  -0.377  1.00 18.25  ? 401 SER A C    1 
ATOM   401  O O    . SER A 1 53  ? -9.702  -1.980  0.028   1.00 17.61  ? 401 SER A O    1 
ATOM   402  C CB   . SER A 1 53  ? -8.552  -3.293  -2.760  1.00 18.18  ? 401 SER A CB   1 
ATOM   403  O OG   A SER A 1 53  ? -8.525  -2.805  -4.095  0.50 16.86  ? 401 SER A OG   1 
ATOM   404  O OG   B SER A 1 53  ? -8.188  -4.549  -2.212  0.50 27.26  ? 401 SER A OG   1 
ATOM   405  N N    . THR A 1 54  ? -7.788  -3.145  0.404   1.00 16.00  ? 402 THR A N    1 
ATOM   406  C CA   . THR A 1 54  ? -8.086  -3.416  1.818   1.00 15.72  ? 402 THR A CA   1 
ATOM   407  C C    . THR A 1 54  ? -8.050  -2.107  2.602   1.00 18.59  ? 402 THR A C    1 
ATOM   408  O O    . THR A 1 54  ? -8.934  -1.857  3.419   1.00 17.51  ? 402 THR A O    1 
ATOM   409  C CB   . THR A 1 54  ? -7.131  -4.463  2.398   1.00 19.86  ? 402 THR A CB   1 
ATOM   410  O OG1  . THR A 1 54  ? -7.263  -5.648  1.620   1.00 18.60  ? 402 THR A OG1  1 
ATOM   411  C CG2  . THR A 1 54  ? -7.440  -4.795  3.860   1.00 21.14  ? 402 THR A CG2  1 
ATOM   412  N N    . ILE A 1 55  ? -7.053  -1.248  2.332   1.00 14.18  ? 403 ILE A N    1 
ATOM   413  C CA   . ILE A 1 55  ? -6.984  0.057   3.022   1.00 13.55  ? 403 ILE A CA   1 
ATOM   414  C C    . ILE A 1 55  ? -8.233  0.886   2.705   1.00 16.89  ? 403 ILE A C    1 
ATOM   415  O O    . ILE A 1 55  ? -8.820  1.482   3.624   1.00 16.62  ? 403 ILE A O    1 
ATOM   416  C CB   . ILE A 1 55  ? -5.680  0.812   2.679   1.00 15.07  ? 403 ILE A CB   1 
ATOM   417  C CG1  . ILE A 1 55  ? -4.467  0.052   3.265   1.00 13.86  ? 403 ILE A CG1  1 
ATOM   418  C CG2  . ILE A 1 55  ? -5.703  2.275   3.216   1.00 16.15  ? 403 ILE A CG2  1 
ATOM   419  C CD1  . ILE A 1 55  ? -3.127  0.492   2.592   1.00 14.79  ? 403 ILE A CD1  1 
ATOM   420  N N    . LYS A 1 56  ? -8.659  0.878   1.422   1.00 14.91  ? 404 LYS A N    1 
ATOM   421  C CA   . LYS A 1 56  ? -9.846  1.619   0.990   1.00 14.73  ? 404 LYS A CA   1 
ATOM   422  C C    . LYS A 1 56  ? -11.073 1.091   1.750   1.00 19.06  ? 404 LYS A C    1 
ATOM   423  O O    . LYS A 1 56  ? -11.817 1.900   2.302   1.00 19.87  ? 404 LYS A O    1 
ATOM   424  C CB   . LYS A 1 56  ? -10.048 1.494   -0.517  1.00 17.04  ? 404 LYS A CB   1 
ATOM   425  C CG   . LYS A 1 56  ? -11.138 2.438   -1.054  1.00 22.84  ? 404 LYS A CG   1 
ATOM   426  C CD   . LYS A 1 56  ? -11.235 2.324   -2.572  1.00 29.56  ? 404 LYS A CD   1 
ATOM   427  C CE   . LYS A 1 56  ? -12.160 3.348   -3.194  1.00 45.16  ? 404 LYS A CE   1 
ATOM   428  N NZ   . LYS A 1 56  ? -13.583 2.951   -3.080  1.00 58.86  ? 404 LYS A NZ   1 
ATOM   429  N N    . SER A 1 57  ? -11.223 -0.249  1.840   1.00 16.80  ? 405 SER A N    1 
ATOM   430  C CA   . SER A 1 57  ? -12.361 -0.857  2.549   1.00 17.10  ? 405 SER A CA   1 
ATOM   431  C C    . SER A 1 57  ? -12.348 -0.501  4.017   1.00 20.34  ? 405 SER A C    1 
ATOM   432  O O    . SER A 1 57  ? -13.400 -0.161  4.569   1.00 21.19  ? 405 SER A O    1 
ATOM   433  C CB   . SER A 1 57  ? -12.381 -2.372  2.360   1.00 20.57  ? 405 SER A CB   1 
ATOM   434  O OG   . SER A 1 57  ? -12.657 -2.662  0.999   1.00 28.34  ? 405 SER A OG   1 
ATOM   435  N N    . LYS A 1 58  ? -11.152 -0.532  4.645   1.00 16.45  ? 406 LYS A N    1 
ATOM   436  C CA   . LYS A 1 58  ? -10.994 -0.188  6.060   1.00 16.15  ? 406 LYS A CA   1 
ATOM   437  C C    . LYS A 1 58  ? -11.365 1.252   6.320   1.00 20.72  ? 406 LYS A C    1 
ATOM   438  O O    . LYS A 1 58  ? -12.055 1.540   7.297   1.00 20.80  ? 406 LYS A O    1 
ATOM   439  C CB   . LYS A 1 58  ? -9.569  -0.486  6.546   1.00 17.07  ? 406 LYS A CB   1 
ATOM   440  C CG   . LYS A 1 58  ? -9.307  -1.988  6.667   1.00 18.19  ? 406 LYS A CG   1 
ATOM   441  C CD   . LYS A 1 58  ? -7.919  -2.300  7.228   1.00 20.31  ? 406 LYS A CD   1 
ATOM   442  C CE   . LYS A 1 58  ? -7.767  -1.953  8.699   1.00 23.36  ? 406 LYS A CE   1 
ATOM   443  N NZ   . LYS A 1 58  ? -6.458  -2.448  9.244   1.00 23.93  ? 406 LYS A NZ   1 
ATOM   444  N N    . LEU A 1 59  ? -10.938 2.173   5.422   1.00 17.29  ? 407 LEU A N    1 
ATOM   445  C CA   . LEU A 1 59  ? -11.238 3.587   5.551   1.00 17.57  ? 407 LEU A CA   1 
ATOM   446  C C    . LEU A 1 59  ? -12.750 3.841   5.455   1.00 24.07  ? 407 LEU A C    1 
ATOM   447  O O    . LEU A 1 59  ? -13.312 4.535   6.312   1.00 23.82  ? 407 LEU A O    1 
ATOM   448  C CB   . LEU A 1 59  ? -10.466 4.385   4.483   1.00 17.51  ? 407 LEU A CB   1 
ATOM   449  C CG   . LEU A 1 59  ? -10.590 5.916   4.552   1.00 22.11  ? 407 LEU A CG   1 
ATOM   450  C CD1  . LEU A 1 59  ? -9.983  6.478   5.835   1.00 21.86  ? 407 LEU A CD1  1 
ATOM   451  C CD2  . LEU A 1 59  ? -9.926  6.555   3.343   1.00 23.20  ? 407 LEU A CD2  1 
ATOM   452  N N    . GLU A 1 60  ? -13.407 3.226   4.460   1.00 22.35  ? 408 GLU A N    1 
ATOM   453  C CA   . GLU A 1 60  ? -14.850 3.364   4.244   1.00 23.72  ? 408 GLU A CA   1 
ATOM   454  C C    . GLU A 1 60  ? -15.661 2.800   5.414   1.00 28.39  ? 408 GLU A C    1 
ATOM   455  O O    . GLU A 1 60  ? -16.741 3.322   5.719   1.00 28.96  ? 408 GLU A O    1 
ATOM   456  C CB   . GLU A 1 60  ? -15.252 2.701   2.927   1.00 25.69  ? 408 GLU A CB   1 
ATOM   457  C CG   . GLU A 1 60  ? -14.888 3.558   1.724   1.00 37.29  ? 408 GLU A CG   1 
ATOM   458  C CD   . GLU A 1 60  ? -14.975 2.912   0.353   1.00 56.70  ? 408 GLU A CD   1 
ATOM   459  O OE1  . GLU A 1 60  ? -15.181 1.679   0.265   1.00 57.03  ? 408 GLU A OE1  1 
ATOM   460  O OE2  . GLU A 1 60  ? -14.789 3.648   -0.641  1.00 51.64  ? 408 GLU A OE2  1 
ATOM   461  N N    . ALA A 1 61  ? -15.127 1.755   6.070   1.00 24.58  ? 409 ALA A N    1 
ATOM   462  C CA   . ALA A 1 61  ? -15.733 1.074   7.217   1.00 24.42  ? 409 ALA A CA   1 
ATOM   463  C C    . ALA A 1 61  ? -15.368 1.703   8.576   1.00 26.16  ? 409 ALA A C    1 
ATOM   464  O O    . ALA A 1 61  ? -15.678 1.112   9.616   1.00 25.80  ? 409 ALA A O    1 
ATOM   465  C CB   . ALA A 1 61  ? -15.371 -0.405  7.196   1.00 25.04  ? 409 ALA A CB   1 
ATOM   466  N N    . ARG A 1 62  ? -14.718 2.896   8.570   1.00 20.72  ? 410 ARG A N    1 
ATOM   467  C CA   . ARG A 1 62  ? -14.330 3.655   9.773   1.00 19.80  ? 410 ARG A CA   1 
ATOM   468  C C    . ARG A 1 62  ? -13.404 2.862   10.706  1.00 22.65  ? 410 ARG A C    1 
ATOM   469  O O    . ARG A 1 62  ? -13.527 2.946   11.940  1.00 21.13  ? 410 ARG A O    1 
ATOM   470  C CB   . ARG A 1 62  ? -15.586 4.188   10.522  1.00 21.47  ? 410 ARG A CB   1 
ATOM   471  C CG   . ARG A 1 62  ? -16.597 4.846   9.583   1.00 31.54  ? 410 ARG A CG   1 
ATOM   472  C CD   . ARG A 1 62  ? -17.760 5.448   10.339  1.00 35.74  ? 410 ARG A CD   1 
ATOM   473  N NE   . ARG A 1 62  ? -17.361 6.659   11.053  1.00 34.85  ? 410 ARG A NE   1 
ATOM   474  C CZ   . ARG A 1 62  ? -18.201 7.429   11.733  1.00 42.00  ? 410 ARG A CZ   1 
ATOM   475  N NH1  . ARG A 1 62  ? -19.488 7.119   11.803  1.00 29.90  ? 410 ARG A NH1  1 
ATOM   476  N NH2  . ARG A 1 62  ? -17.760 8.515   12.349  1.00 33.50  ? 410 ARG A NH2  1 
ATOM   477  N N    . GLU A 1 63  ? -12.479 2.082   10.116  1.00 17.81  ? 411 GLU A N    1 
ATOM   478  C CA   . GLU A 1 63  ? -11.534 1.268   10.891  1.00 18.00  ? 411 GLU A CA   1 
ATOM   479  C C    . GLU A 1 63  ? -10.285 2.038   11.313  1.00 22.79  ? 411 GLU A C    1 
ATOM   480  O O    . GLU A 1 63  ? -9.467  1.511   12.084  1.00 23.13  ? 411 GLU A O    1 
ATOM   481  C CB   . GLU A 1 63  ? -11.177 -0.038  10.166  1.00 19.42  ? 411 GLU A CB   1 
ATOM   482  C CG   . GLU A 1 63  ? -12.359 -0.985  10.061  1.00 26.91  ? 411 GLU A CG   1 
ATOM   483  C CD   . GLU A 1 63  ? -12.016 -2.348  9.507   1.00 43.33  ? 411 GLU A CD   1 
ATOM   484  O OE1  . GLU A 1 63  ? -11.062 -2.976  10.020  1.00 35.70  ? 411 GLU A OE1  1 
ATOM   485  O OE2  . GLU A 1 63  ? -12.696 -2.785  8.551   1.00 36.19  ? 411 GLU A OE2  1 
ATOM   486  N N    . TYR A 1 64  ? -10.140 3.285   10.817  1.00 17.90  ? 412 TYR A N    1 
ATOM   487  C CA   . TYR A 1 64  ? -9.025  4.151   11.199  1.00 16.70  ? 412 TYR A CA   1 
ATOM   488  C C    . TYR A 1 64  ? -9.552  5.308   12.037  1.00 19.56  ? 412 TYR A C    1 
ATOM   489  O O    . TYR A 1 64  ? -10.430 6.064   11.598  1.00 18.20  ? 412 TYR A O    1 
ATOM   490  C CB   . TYR A 1 64  ? -8.272  4.700   9.982   1.00 16.37  ? 412 TYR A CB   1 
ATOM   491  C CG   . TYR A 1 64  ? -7.750  3.625   9.057   1.00 16.35  ? 412 TYR A CG   1 
ATOM   492  C CD1  . TYR A 1 64  ? -6.819  2.687   9.499   1.00 18.08  ? 412 TYR A CD1  1 
ATOM   493  C CD2  . TYR A 1 64  ? -8.150  3.571   7.724   1.00 17.73  ? 412 TYR A CD2  1 
ATOM   494  C CE1  . TYR A 1 64  ? -6.332  1.697   8.647   1.00 16.76  ? 412 TYR A CE1  1 
ATOM   495  C CE2  . TYR A 1 64  ? -7.654  2.598   6.856   1.00 17.64  ? 412 TYR A CE2  1 
ATOM   496  C CZ   . TYR A 1 64  ? -6.748  1.660   7.326   1.00 19.51  ? 412 TYR A CZ   1 
ATOM   497  O OH   . TYR A 1 64  ? -6.248  0.710   6.470   1.00 17.38  ? 412 TYR A OH   1 
ATOM   498  N N    . ARG A 1 65  ? -8.956  5.492   13.210  1.00 17.97  ? 413 ARG A N    1 
ATOM   499  C CA   . ARG A 1 65  ? -9.354  6.563   14.125  1.00 18.21  ? 413 ARG A CA   1 
ATOM   500  C C    . ARG A 1 65  ? -8.856  7.908   13.649  1.00 21.99  ? 413 ARG A C    1 
ATOM   501  O O    . ARG A 1 65  ? -9.470  8.937   13.924  1.00 22.28  ? 413 ARG A O    1 
ATOM   502  C CB   . ARG A 1 65  ? -8.796  6.300   15.534  1.00 17.96  ? 413 ARG A CB   1 
ATOM   503  C CG   . ARG A 1 65  ? -9.490  5.171   16.264  1.00 21.59  ? 413 ARG A CG   1 
ATOM   504  C CD   . ARG A 1 65  ? -9.173  5.213   17.743  1.00 20.25  ? 413 ARG A CD   1 
ATOM   505  N NE   . ARG A 1 65  ? -7.732  5.133   18.014  1.00 21.75  ? 413 ARG A NE   1 
ATOM   506  C CZ   . ARG A 1 65  ? -7.192  5.296   19.219  1.00 32.60  ? 413 ARG A CZ   1 
ATOM   507  N NH1  . ARG A 1 65  ? -7.965  5.541   20.275  1.00 21.88  ? 413 ARG A NH1  1 
ATOM   508  N NH2  . ARG A 1 65  ? -5.876  5.205   19.380  1.00 23.74  ? 413 ARG A NH2  1 
ATOM   509  N N    . ASP A 1 66  ? -7.718  7.905   12.937  1.00 18.62  ? 414 ASP A N    1 
ATOM   510  C CA   . ASP A 1 66  ? -7.051  9.123   12.497  1.00 18.39  ? 414 ASP A CA   1 
ATOM   511  C C    . ASP A 1 66  ? -6.115  8.838   11.316  1.00 19.42  ? 414 ASP A C    1 
ATOM   512  O O    . ASP A 1 66  ? -5.928  7.678   10.935  1.00 17.40  ? 414 ASP A O    1 
ATOM   513  C CB   . ASP A 1 66  ? -6.245  9.747   13.670  1.00 20.73  ? 414 ASP A CB   1 
ATOM   514  C CG   . ASP A 1 66  ? -5.301  8.783   14.387  1.00 29.82  ? 414 ASP A CG   1 
ATOM   515  O OD1  . ASP A 1 66  ? -4.583  8.021   13.700  1.00 25.34  ? 414 ASP A OD1  1 
ATOM   516  O OD2  . ASP A 1 66  ? -5.288  8.785   15.637  1.00 36.72  ? 414 ASP A OD2  1 
ATOM   517  N N    . ALA A 1 67  ? -5.492  9.902   10.779  1.00 18.36  ? 415 ALA A N    1 
ATOM   518  C CA   . ALA A 1 67  ? -4.583  9.791   9.642   1.00 18.19  ? 415 ALA A CA   1 
ATOM   519  C C    . ALA A 1 67  ? -3.355  8.928   9.968   1.00 19.47  ? 415 ALA A C    1 
ATOM   520  O O    . ALA A 1 67  ? -2.829  8.258   9.076   1.00 16.83  ? 415 ALA A O    1 
ATOM   521  C CB   . ALA A 1 67  ? -4.156  11.171  9.195   1.00 19.26  ? 415 ALA A CB   1 
ATOM   522  N N    . GLN A 1 68  ? -2.911  8.925   11.238  1.00 17.48  ? 416 GLN A N    1 
ATOM   523  C CA   . GLN A 1 68  ? -1.766  8.107   11.620  1.00 17.80  ? 416 GLN A CA   1 
ATOM   524  C C    . GLN A 1 68  ? -2.062  6.609   11.502  1.00 19.26  ? 416 GLN A C    1 
ATOM   525  O O    . GLN A 1 68  ? -1.209  5.863   11.023  1.00 16.73  ? 416 GLN A O    1 
ATOM   526  C CB   . GLN A 1 68  ? -1.212  8.487   13.004  1.00 20.14  ? 416 GLN A CB   1 
ATOM   527  C CG   . GLN A 1 68  ? -0.489  9.855   13.017  1.00 29.98  ? 416 GLN A CG   1 
ATOM   528  C CD   . GLN A 1 68  ? 0.698   9.981   12.063  1.00 44.23  ? 416 GLN A CD   1 
ATOM   529  O OE1  . GLN A 1 68  ? 0.887   11.002  11.385  1.00 38.37  ? 416 GLN A OE1  1 
ATOM   530  N NE2  . GLN A 1 68  ? 1.527   8.954   11.983  1.00 33.18  ? 416 GLN A NE2  1 
ATOM   531  N N    . GLU A 1 69  ? -3.283  6.180   11.875  1.00 16.25  ? 417 GLU A N    1 
ATOM   532  C CA   . GLU A 1 69  ? -3.644  4.760   11.735  1.00 15.97  ? 417 GLU A CA   1 
ATOM   533  C C    . GLU A 1 69  ? -3.727  4.367   10.255  1.00 17.89  ? 417 GLU A C    1 
ATOM   534  O O    . GLU A 1 69  ? -3.279  3.280   9.873   1.00 16.68  ? 417 GLU A O    1 
ATOM   535  C CB   . GLU A 1 69  ? -4.941  4.443   12.478  1.00 17.66  ? 417 GLU A CB   1 
ATOM   536  C CG   . GLU A 1 69  ? -4.781  4.524   13.982  1.00 21.77  ? 417 GLU A CG   1 
ATOM   537  C CD   . GLU A 1 69  ? -6.000  4.073   14.769  1.00 31.94  ? 417 GLU A CD   1 
ATOM   538  O OE1  . GLU A 1 69  ? -6.987  3.625   14.141  1.00 23.29  ? 417 GLU A OE1  1 
ATOM   539  O OE2  . GLU A 1 69  ? -5.959  4.157   16.019  1.00 30.41  ? 417 GLU A OE2  1 
ATOM   540  N N    . PHE A 1 70  ? -4.291  5.261   9.429   1.00 13.90  ? 418 PHE A N    1 
ATOM   541  C CA   . PHE A 1 70  ? -4.368  5.053   7.978   1.00 12.99  ? 418 PHE A CA   1 
ATOM   542  C C    . PHE A 1 70  ? -2.934  4.945   7.403   1.00 16.43  ? 418 PHE A C    1 
ATOM   543  O O    . PHE A 1 70  ? -2.630  3.980   6.680   1.00 15.32  ? 418 PHE A O    1 
ATOM   544  C CB   . PHE A 1 70  ? -5.150  6.225   7.340   1.00 14.32  ? 418 PHE A CB   1 
ATOM   545  C CG   . PHE A 1 70  ? -4.993  6.332   5.841   1.00 14.90  ? 418 PHE A CG   1 
ATOM   546  C CD1  . PHE A 1 70  ? -5.784  5.574   4.987   1.00 16.59  ? 418 PHE A CD1  1 
ATOM   547  C CD2  . PHE A 1 70  ? -4.064  7.212   5.280   1.00 16.83  ? 418 PHE A CD2  1 
ATOM   548  C CE1  . PHE A 1 70  ? -5.653  5.699   3.595   1.00 17.51  ? 418 PHE A CE1  1 
ATOM   549  C CE2  . PHE A 1 70  ? -3.917  7.310   3.892   1.00 18.97  ? 418 PHE A CE2  1 
ATOM   550  C CZ   . PHE A 1 70  ? -4.699  6.542   3.062   1.00 17.21  ? 418 PHE A CZ   1 
ATOM   551  N N    . GLY A 1 71  ? -2.078  5.916   7.762   1.00 13.38  ? 419 GLY A N    1 
ATOM   552  C CA   . GLY A 1 71  ? -0.681  5.975   7.325   1.00 14.34  ? 419 GLY A CA   1 
ATOM   553  C C    . GLY A 1 71  ? 0.090   4.718   7.706   1.00 16.63  ? 419 GLY A C    1 
ATOM   554  O O    . GLY A 1 71  ? 0.871   4.193   6.906   1.00 14.13  ? 419 GLY A O    1 
ATOM   555  N N    . ALA A 1 72  ? -0.163  4.182   8.916   1.00 15.08  ? 420 ALA A N    1 
ATOM   556  C CA   . ALA A 1 72  ? 0.508   2.948   9.347   1.00 15.17  ? 420 ALA A CA   1 
ATOM   557  C C    . ALA A 1 72  ? 0.180   1.761   8.425   1.00 16.51  ? 420 ALA A C    1 
ATOM   558  O O    . ALA A 1 72  ? 1.083   0.974   8.132   1.00 16.04  ? 420 ALA A O    1 
ATOM   559  C CB   . ALA A 1 72  ? 0.180   2.614   10.795  1.00 16.04  ? 420 ALA A CB   1 
ATOM   560  N N    . ASP A 1 73  ? -1.076  1.642   7.937   1.00 12.65  ? 421 ASP A N    1 
ATOM   561  C CA   . ASP A 1 73  ? -1.416  0.541   7.019   1.00 13.25  ? 421 ASP A CA   1 
ATOM   562  C C    . ASP A 1 73  ? -0.759  0.746   5.648   1.00 14.78  ? 421 ASP A C    1 
ATOM   563  O O    . ASP A 1 73  ? -0.306  -0.212  5.036   1.00 14.32  ? 421 ASP A O    1 
ATOM   564  C CB   . ASP A 1 73  ? -2.925  0.348   6.881   1.00 14.54  ? 421 ASP A CB   1 
ATOM   565  C CG   . ASP A 1 73  ? -3.488  -0.757  7.766   1.00 19.88  ? 421 ASP A CG   1 
ATOM   566  O OD1  . ASP A 1 73  ? -2.697  -1.409  8.498   1.00 21.28  ? 421 ASP A OD1  1 
ATOM   567  O OD2  . ASP A 1 73  ? -4.707  -0.979  7.723   1.00 21.13  ? 421 ASP A OD2  1 
ATOM   568  N N    . VAL A 1 74  ? -0.678  2.006   5.182   1.00 11.99  ? 422 VAL A N    1 
ATOM   569  C CA   . VAL A 1 74  ? 0.008   2.249   3.898   1.00 11.68  ? 422 VAL A CA   1 
ATOM   570  C C    . VAL A 1 74  ? 1.475   1.873   4.031   1.00 14.40  ? 422 VAL A C    1 
ATOM   571  O O    . VAL A 1 74  ? 2.026   1.217   3.156   1.00 14.47  ? 422 VAL A O    1 
ATOM   572  C CB   . VAL A 1 74  ? -0.152  3.716   3.413   1.00 14.36  ? 422 VAL A CB   1 
ATOM   573  C CG1  . VAL A 1 74  ? 0.680   3.957   2.149   1.00 14.00  ? 422 VAL A CG1  1 
ATOM   574  C CG2  . VAL A 1 74  ? -1.627  4.043   3.149   1.00 13.96  ? 422 VAL A CG2  1 
ATOM   575  N N    . ARG A 1 75  ? 2.105   2.267   5.129   1.00 12.90  ? 423 ARG A N    1 
ATOM   576  C CA   . ARG A 1 75  ? 3.525   1.967   5.314   1.00 12.42  ? 423 ARG A CA   1 
ATOM   577  C C    . ARG A 1 75  ? 3.766   0.482   5.546   1.00 15.05  ? 423 ARG A C    1 
ATOM   578  O O    . ARG A 1 75  ? 4.791   -0.043  5.093   1.00 15.08  ? 423 ARG A O    1 
ATOM   579  C CB   . ARG A 1 75  ? 4.117   2.842   6.380   1.00 14.70  ? 423 ARG A CB   1 
ATOM   580  C CG   . ARG A 1 75  ? 4.082   4.284   5.856   1.00 18.68  ? 423 ARG A CG   1 
ATOM   581  C CD   . ARG A 1 75  ? 4.903   5.064   6.772   1.00 28.15  ? 423 ARG A CD   1 
ATOM   582  N NE   . ARG A 1 75  ? 5.017   6.479   6.433   1.00 20.21  ? 423 ARG A NE   1 
ATOM   583  C CZ   . ARG A 1 75  ? 4.629   7.440   7.253   1.00 27.58  ? 423 ARG A CZ   1 
ATOM   584  N NH1  . ARG A 1 75  ? 3.993   7.141   8.382   1.00 18.36  ? 423 ARG A NH1  1 
ATOM   585  N NH2  . ARG A 1 75  ? 4.868   8.709   6.954   1.00 19.01  ? 423 ARG A NH2  1 
ATOM   586  N N    . LEU A 1 76  ? 2.775   -0.204  6.141   1.00 12.40  ? 424 LEU A N    1 
ATOM   587  C CA   . LEU A 1 76  ? 2.824   -1.660  6.331   1.00 11.57  ? 424 LEU A CA   1 
ATOM   588  C C    . LEU A 1 76  ? 2.872   -2.343  4.942   1.00 14.99  ? 424 LEU A C    1 
ATOM   589  O O    . LEU A 1 76  ? 3.679   -3.256  4.720   1.00 13.78  ? 424 LEU A O    1 
ATOM   590  C CB   . LEU A 1 76  ? 1.585   -2.136  7.134   1.00 11.52  ? 424 LEU A CB   1 
ATOM   591  C CG   . LEU A 1 76  ? 1.402   -3.671  7.228   1.00 15.41  ? 424 LEU A CG   1 
ATOM   592  C CD1  . LEU A 1 76  ? 2.578   -4.317  7.935   1.00 17.02  ? 424 LEU A CD1  1 
ATOM   593  C CD2  . LEU A 1 76  ? 0.068   -4.022  7.886   1.00 16.05  ? 424 LEU A CD2  1 
ATOM   594  N N    . MET A 1 77  ? 2.011   -1.895  4.002   1.00 11.67  ? 425 MET A N    1 
ATOM   595  C CA   . MET A 1 77  ? 2.017   -2.415  2.631   1.00 10.97  ? 425 MET A CA   1 
ATOM   596  C C    . MET A 1 77  ? 3.422   -2.312  2.000   1.00 13.53  ? 425 MET A C    1 
ATOM   597  O O    . MET A 1 77  ? 3.933   -3.292  1.446   1.00 12.99  ? 425 MET A O    1 
ATOM   598  C CB   . MET A 1 77  ? 0.980   -1.638  1.811   1.00 12.09  ? 425 MET A CB   1 
ATOM   599  C CG   . MET A 1 77  ? 0.934   -2.015  0.354   1.00 14.12  ? 425 MET A CG   1 
ATOM   600  S SD   . MET A 1 77  ? -0.353  -1.050  -0.474  1.00 16.43  ? 425 MET A SD   1 
ATOM   601  C CE   . MET A 1 77  ? 0.436   0.551   -0.658  1.00 14.06  ? 425 MET A CE   1 
ATOM   602  N N    . PHE A 1 78  ? 4.064   -1.132  2.100   1.00 11.24  ? 426 PHE A N    1 
ATOM   603  C CA   . PHE A 1 78  ? 5.404   -0.961  1.519   1.00 10.41  ? 426 PHE A CA   1 
ATOM   604  C C    . PHE A 1 78  ? 6.432   -1.803  2.256   1.00 12.47  ? 426 PHE A C    1 
ATOM   605  O O    . PHE A 1 78  ? 7.218   -2.463  1.608   1.00 13.21  ? 426 PHE A O    1 
ATOM   606  C CB   . PHE A 1 78  ? 5.831   0.506   1.555   1.00 12.34  ? 426 PHE A CB   1 
ATOM   607  C CG   . PHE A 1 78  ? 4.941   1.391   0.723   1.00 13.51  ? 426 PHE A CG   1 
ATOM   608  C CD1  . PHE A 1 78  ? 4.624   1.049   -0.589  1.00 15.52  ? 426 PHE A CD1  1 
ATOM   609  C CD2  . PHE A 1 78  ? 4.480   2.607   1.225   1.00 15.66  ? 426 PHE A CD2  1 
ATOM   610  C CE1  . PHE A 1 78  ? 3.812   1.892   -1.373  1.00 17.79  ? 426 PHE A CE1  1 
ATOM   611  C CE2  . PHE A 1 78  ? 3.670   3.438   0.443   1.00 18.08  ? 426 PHE A CE2  1 
ATOM   612  C CZ   . PHE A 1 78  ? 3.331   3.060   -0.841  1.00 15.73  ? 426 PHE A CZ   1 
ATOM   613  N N    . SER A 1 79  ? 6.402   -1.815  3.602   1.00 10.85  ? 427 SER A N    1 
ATOM   614  C CA   . SER A 1 79  ? 7.353   -2.600  4.407   1.00 10.23  ? 427 SER A CA   1 
ATOM   615  C C    . SER A 1 79  ? 7.263   -4.081  4.071   1.00 12.90  ? 427 SER A C    1 
ATOM   616  O O    . SER A 1 79  ? 8.312   -4.731  3.969   1.00 13.27  ? 427 SER A O    1 
ATOM   617  C CB   . SER A 1 79  ? 7.136   -2.387  5.896   1.00 14.44  ? 427 SER A CB   1 
ATOM   618  O OG   . SER A 1 79  ? 7.429   -1.037  6.236   1.00 15.58  ? 427 SER A OG   1 
ATOM   619  N N    . ASN A 1 80  ? 6.031   -4.589  3.836   1.00 11.47  ? 428 ASN A N    1 
ATOM   620  C CA   . ASN A 1 80  ? 5.874   -6.007  3.437   1.00 11.74  ? 428 ASN A CA   1 
ATOM   621  C C    . ASN A 1 80  ? 6.637   -6.290  2.139   1.00 15.11  ? 428 ASN A C    1 
ATOM   622  O O    . ASN A 1 80  ? 7.329   -7.302  2.038   1.00 14.73  ? 428 ASN A O    1 
ATOM   623  C CB   . ASN A 1 80  ? 4.405   -6.373  3.259   1.00 13.15  ? 428 ASN A CB   1 
ATOM   624  C CG   . ASN A 1 80  ? 3.638   -6.444  4.552   1.00 13.65  ? 428 ASN A CG   1 
ATOM   625  O OD1  . ASN A 1 80  ? 4.204   -6.580  5.642   1.00 13.60  ? 428 ASN A OD1  1 
ATOM   626  N ND2  . ASN A 1 80  ? 2.323   -6.444  4.449   1.00 14.49  ? 428 ASN A ND2  1 
ATOM   627  N N    . CYS A 1 81  ? 6.512   -5.382  1.160   1.00 12.79  ? 429 CYS A N    1 
ATOM   628  C CA   . CYS A 1 81  ? 7.203   -5.490  -0.112  1.00 13.11  ? 429 CYS A CA   1 
ATOM   629  C C    . CYS A 1 81  ? 8.724   -5.485  0.090   1.00 15.29  ? 429 CYS A C    1 
ATOM   630  O O    . CYS A 1 81  ? 9.423   -6.331  -0.473  1.00 14.23  ? 429 CYS A O    1 
ATOM   631  C CB   . CYS A 1 81  ? 6.749   -4.364  -1.035  1.00 13.11  ? 429 CYS A CB   1 
ATOM   632  S SG   . CYS A 1 81  ? 7.367   -4.519  -2.725  1.00 16.47  ? 429 CYS A SG   1 
ATOM   633  N N    . TYR A 1 82  ? 9.229   -4.586  0.957   1.00 10.80  ? 430 TYR A N    1 
ATOM   634  C CA   . TYR A 1 82  ? 10.664  -4.479  1.222   1.00 10.34  ? 430 TYR A CA   1 
ATOM   635  C C    . TYR A 1 82  ? 11.218  -5.677  1.973   1.00 14.29  ? 430 TYR A C    1 
ATOM   636  O O    . TYR A 1 82  ? 12.390  -6.024  1.786   1.00 15.37  ? 430 TYR A O    1 
ATOM   637  C CB   . TYR A 1 82  ? 10.975  -3.174  2.006   1.00 12.26  ? 430 TYR A CB   1 
ATOM   638  C CG   . TYR A 1 82  ? 10.513  -1.900  1.324   1.00 12.17  ? 430 TYR A CG   1 
ATOM   639  C CD1  . TYR A 1 82  ? 10.527  -1.779  -0.068  1.00 13.54  ? 430 TYR A CD1  1 
ATOM   640  C CD2  . TYR A 1 82  ? 10.058  -0.812  2.067   1.00 11.94  ? 430 TYR A CD2  1 
ATOM   641  C CE1  . TYR A 1 82  ? 10.099  -0.605  -0.700  1.00 11.46  ? 430 TYR A CE1  1 
ATOM   642  C CE2  . TYR A 1 82  ? 9.609   0.354   1.447   1.00 11.98  ? 430 TYR A CE2  1 
ATOM   643  C CZ   . TYR A 1 82  ? 9.636   0.456   0.063   1.00 14.42  ? 430 TYR A CZ   1 
ATOM   644  O OH   . TYR A 1 82  ? 9.223   1.623   -0.556  1.00 15.22  ? 430 TYR A OH   1 
ATOM   645  N N    . LYS A 1 83  ? 10.390  -6.301  2.816   1.00 11.52  ? 431 LYS A N    1 
ATOM   646  C CA   . LYS A 1 83  ? 10.817  -7.449  3.628   1.00 11.40  ? 431 LYS A CA   1 
ATOM   647  C C    . LYS A 1 83  ? 10.832  -8.724  2.791   1.00 17.07  ? 431 LYS A C    1 
ATOM   648  O O    . LYS A 1 83  ? 11.774  -9.511  2.885   1.00 17.42  ? 431 LYS A O    1 
ATOM   649  C CB   . LYS A 1 83  ? 9.845   -7.628  4.815   1.00 11.69  ? 431 LYS A CB   1 
ATOM   650  C CG   . LYS A 1 83  ? 10.278  -8.742  5.774   1.00 15.76  ? 431 LYS A CG   1 
ATOM   651  C CD   . LYS A 1 83  ? 9.298   -8.909  6.944   1.00 20.16  ? 431 LYS A CD   1 
ATOM   652  C CE   . LYS A 1 83  ? 9.797   -9.919  7.973   1.00 24.82  ? 431 LYS A CE   1 
ATOM   653  N NZ   A LYS A 1 83  ? 8.754   -10.221 8.987   0.50 25.36  ? 431 LYS A NZ   1 
ATOM   654  N NZ   B LYS A 1 83  ? 10.978  -9.402  8.722   0.50 25.12  ? 431 LYS A NZ   1 
ATOM   655  N N    . TYR A 1 84  ? 9.792   -8.926  1.976   1.00 13.22  ? 432 TYR A N    1 
ATOM   656  C CA   . TYR A 1 84  ? 9.657   -10.190 1.247   1.00 14.12  ? 432 TYR A CA   1 
ATOM   657  C C    . TYR A 1 84  ? 10.592  -10.339 0.042   1.00 19.15  ? 432 TYR A C    1 
ATOM   658  O O    . TYR A 1 84  ? 11.148  -11.418 -0.189  1.00 18.56  ? 432 TYR A O    1 
ATOM   659  C CB   . TYR A 1 84  ? 8.194   -10.396 0.836   1.00 15.38  ? 432 TYR A CB   1 
ATOM   660  C CG   . TYR A 1 84  ? 7.997   -11.668 0.045   1.00 15.18  ? 432 TYR A CG   1 
ATOM   661  C CD1  . TYR A 1 84  ? 8.028   -12.914 0.670   1.00 16.43  ? 432 TYR A CD1  1 
ATOM   662  C CD2  . TYR A 1 84  ? 7.872   -11.634 -1.342  1.00 16.67  ? 432 TYR A CD2  1 
ATOM   663  C CE1  . TYR A 1 84  ? 7.898   -14.094 -0.065  1.00 18.01  ? 432 TYR A CE1  1 
ATOM   664  C CE2  . TYR A 1 84  ? 7.781   -12.807 -2.090  1.00 17.91  ? 432 TYR A CE2  1 
ATOM   665  C CZ   . TYR A 1 84  ? 7.770   -14.031 -1.445  1.00 20.29  ? 432 TYR A CZ   1 
ATOM   666  O OH   . TYR A 1 84  ? 7.683   -15.170 -2.206  1.00 20.98  ? 432 TYR A OH   1 
ATOM   667  N N    . ASN A 1 85  ? 10.667  -9.307  -0.779  1.00 15.70  ? 433 ASN A N    1 
ATOM   668  C CA   . ASN A 1 85  ? 11.392  -9.384  -2.042  1.00 15.98  ? 433 ASN A CA   1 
ATOM   669  C C    . ASN A 1 85  ? 12.877  -9.123  -1.949  1.00 20.70  ? 433 ASN A C    1 
ATOM   670  O O    . ASN A 1 85  ? 13.281  -8.315  -1.110  1.00 21.11  ? 433 ASN A O    1 
ATOM   671  C CB   . ASN A 1 85  ? 10.751  -8.405  -3.026  1.00 13.81  ? 433 ASN A CB   1 
ATOM   672  C CG   . ASN A 1 85  ? 9.303   -8.715  -3.257  1.00 18.97  ? 433 ASN A CG   1 
ATOM   673  O OD1  . ASN A 1 85  ? 8.957   -9.707  -3.938  1.00 16.51  ? 433 ASN A OD1  1 
ATOM   674  N ND2  . ASN A 1 85  ? 8.412   -7.930  -2.624  1.00 15.40  ? 433 ASN A ND2  1 
ATOM   675  N N    . PRO A 1 86  ? 13.702  -9.675  -2.881  1.00 20.08  ? 434 PRO A N    1 
ATOM   676  C CA   . PRO A 1 86  ? 15.121  -9.282  -2.916  1.00 20.68  ? 434 PRO A CA   1 
ATOM   677  C C    . PRO A 1 86  ? 15.177  -7.776  -3.204  1.00 22.54  ? 434 PRO A C    1 
ATOM   678  O O    . PRO A 1 86  ? 14.301  -7.268  -3.928  1.00 20.98  ? 434 PRO A O    1 
ATOM   679  C CB   . PRO A 1 86  ? 15.693  -10.072 -4.109  1.00 22.80  ? 434 PRO A CB   1 
ATOM   680  C CG   . PRO A 1 86  ? 14.721  -11.161 -4.377  1.00 26.79  ? 434 PRO A CG   1 
ATOM   681  C CD   . PRO A 1 86  ? 13.378  -10.613 -3.983  1.00 22.34  ? 434 PRO A CD   1 
ATOM   682  N N    . PRO A 1 87  ? 16.182  -7.046  -2.674  1.00 19.98  ? 435 PRO A N    1 
ATOM   683  C CA   . PRO A 1 87  ? 16.221  -5.578  -2.867  1.00 20.78  ? 435 PRO A CA   1 
ATOM   684  C C    . PRO A 1 87  ? 16.325  -5.085  -4.307  1.00 24.64  ? 435 PRO A C    1 
ATOM   685  O O    . PRO A 1 87  ? 15.941  -3.946  -4.583  1.00 24.62  ? 435 PRO A O    1 
ATOM   686  C CB   . PRO A 1 87  ? 17.436  -5.137  -2.029  1.00 22.97  ? 435 PRO A CB   1 
ATOM   687  C CG   . PRO A 1 87  ? 18.252  -6.360  -1.851  1.00 26.79  ? 435 PRO A CG   1 
ATOM   688  C CD   . PRO A 1 87  ? 17.287  -7.500  -1.801  1.00 21.88  ? 435 PRO A CD   1 
ATOM   689  N N    . ASP A 1 88  ? 16.837  -5.925  -5.222  1.00 21.28  ? 436 ASP A N    1 
ATOM   690  C CA   . ASP A 1 88  ? 16.962  -5.541  -6.629  1.00 21.10  ? 436 ASP A CA   1 
ATOM   691  C C    . ASP A 1 88  ? 15.716  -5.908  -7.459  1.00 24.37  ? 436 ASP A C    1 
ATOM   692  O O    . ASP A 1 88  ? 15.709  -5.677  -8.670  1.00 24.76  ? 436 ASP A O    1 
ATOM   693  C CB   . ASP A 1 88  ? 18.244  -6.138  -7.259  1.00 23.13  ? 436 ASP A CB   1 
ATOM   694  C CG   . ASP A 1 88  ? 18.313  -7.664  -7.300  1.00 39.68  ? 436 ASP A CG   1 
ATOM   695  O OD1  . ASP A 1 88  ? 17.485  -8.323  -6.625  1.00 40.21  ? 436 ASP A OD1  1 
ATOM   696  O OD2  . ASP A 1 88  ? 19.229  -8.200  -7.965  1.00 51.46  ? 436 ASP A OD2  1 
ATOM   697  N N    . HIS A 1 89  ? 14.663  -6.475  -6.818  1.00 20.61  ? 437 HIS A N    1 
ATOM   698  C CA   . HIS A 1 89  ? 13.449  -6.854  -7.530  1.00 19.65  ? 437 HIS A CA   1 
ATOM   699  C C    . HIS A 1 89  ? 12.751  -5.611  -8.097  1.00 21.40  ? 437 HIS A C    1 
ATOM   700  O O    . HIS A 1 89  ? 12.683  -4.562  -7.431  1.00 19.94  ? 437 HIS A O    1 
ATOM   701  C CB   . HIS A 1 89  ? 12.479  -7.610  -6.604  1.00 20.20  ? 437 HIS A CB   1 
ATOM   702  C CG   . HIS A 1 89  ? 11.466  -8.461  -7.308  1.00 23.93  ? 437 HIS A CG   1 
ATOM   703  N ND1  . HIS A 1 89  ? 10.424  -7.902  -8.046  1.00 25.28  ? 437 HIS A ND1  1 
ATOM   704  C CD2  . HIS A 1 89  ? 11.334  -9.810  -7.323  1.00 25.99  ? 437 HIS A CD2  1 
ATOM   705  C CE1  . HIS A 1 89  ? 9.712   -8.922  -8.495  1.00 25.47  ? 437 HIS A CE1  1 
ATOM   706  N NE2  . HIS A 1 89  ? 10.226  -10.091 -8.095  1.00 25.96  ? 437 HIS A NE2  1 
ATOM   707  N N    . GLU A 1 90  ? 12.188  -5.763  -9.313  1.00 18.15  ? 438 GLU A N    1 
ATOM   708  C CA   . GLU A 1 90  ? 11.413  -4.741  -10.010 1.00 17.74  ? 438 GLU A CA   1 
ATOM   709  C C    . GLU A 1 90  ? 10.292  -4.204  -9.088  1.00 18.24  ? 438 GLU A C    1 
ATOM   710  O O    . GLU A 1 90  ? 10.042  -2.991  -9.074  1.00 17.86  ? 438 GLU A O    1 
ATOM   711  C CB   . GLU A 1 90  ? 10.768  -5.385  -11.261 1.00 19.83  ? 438 GLU A CB   1 
ATOM   712  C CG   . GLU A 1 90  ? 10.415  -4.415  -12.370 1.00 36.15  ? 438 GLU A CG   1 
ATOM   713  C CD   . GLU A 1 90  ? 9.309   -4.859  -13.313 1.00 63.50  ? 438 GLU A CD   1 
ATOM   714  O OE1  . GLU A 1 90  ? 9.197   -6.078  -13.586 1.00 51.51  ? 438 GLU A OE1  1 
ATOM   715  O OE2  . GLU A 1 90  ? 8.567   -3.976  -13.802 1.00 62.59  ? 438 GLU A OE2  1 
ATOM   716  N N    . VAL A 1 91  ? 9.621   -5.093  -8.328  1.00 15.12  ? 439 VAL A N    1 
ATOM   717  C CA   . VAL A 1 91  ? 8.480   -4.678  -7.482  1.00 13.88  ? 439 VAL A CA   1 
ATOM   718  C C    . VAL A 1 91  ? 8.933   -3.732  -6.342  1.00 16.33  ? 439 VAL A C    1 
ATOM   719  O O    . VAL A 1 91  ? 8.144   -2.900  -5.897  1.00 15.30  ? 439 VAL A O    1 
ATOM   720  C CB   . VAL A 1 91  ? 7.624   -5.861  -6.984  1.00 17.47  ? 439 VAL A CB   1 
ATOM   721  C CG1  . VAL A 1 91  ? 8.287   -6.598  -5.812  1.00 17.25  ? 439 VAL A CG1  1 
ATOM   722  C CG2  . VAL A 1 91  ? 6.208   -5.399  -6.630  1.00 17.96  ? 439 VAL A CG2  1 
ATOM   723  N N    . VAL A 1 92  ? 10.199  -3.864  -5.887  1.00 14.33  ? 440 VAL A N    1 
ATOM   724  C CA   . VAL A 1 92  ? 10.731  -2.986  -4.835  1.00 14.27  ? 440 VAL A CA   1 
ATOM   725  C C    . VAL A 1 92  ? 10.893  -1.586  -5.405  1.00 16.21  ? 440 VAL A C    1 
ATOM   726  O O    . VAL A 1 92  ? 10.521  -0.614  -4.749  1.00 14.64  ? 440 VAL A O    1 
ATOM   727  C CB   . VAL A 1 92  ? 12.053  -3.567  -4.241  1.00 16.23  ? 440 VAL A CB   1 
ATOM   728  C CG1  . VAL A 1 92  ? 12.785  -2.543  -3.359  1.00 17.19  ? 440 VAL A CG1  1 
ATOM   729  C CG2  . VAL A 1 92  ? 11.751  -4.838  -3.448  1.00 16.07  ? 440 VAL A CG2  1 
ATOM   730  N N    . ALA A 1 93  ? 11.411  -1.471  -6.655  1.00 14.35  ? 441 ALA A N    1 
ATOM   731  C CA   . ALA A 1 93  ? 11.556  -0.155  -7.276  1.00 15.16  ? 441 ALA A CA   1 
ATOM   732  C C    . ALA A 1 93  ? 10.166  0.509   -7.458  1.00 15.24  ? 441 ALA A C    1 
ATOM   733  O O    . ALA A 1 93  ? 10.029  1.716   -7.270  1.00 14.62  ? 441 ALA A O    1 
ATOM   734  C CB   . ALA A 1 93  ? 12.271  -0.272  -8.626  1.00 16.23  ? 441 ALA A CB   1 
ATOM   735  N N    . MET A 1 94  ? 9.146   -0.305  -7.798  1.00 12.53  ? 442 MET A N    1 
ATOM   736  C CA   . MET A 1 94  ? 7.775   0.150   -7.978  1.00 11.57  ? 442 MET A CA   1 
ATOM   737  C C    . MET A 1 94  ? 7.203   0.636   -6.647  1.00 13.56  ? 442 MET A C    1 
ATOM   738  O O    . MET A 1 94  ? 6.599   1.726   -6.606  1.00 13.19  ? 442 MET A O    1 
ATOM   739  C CB   . MET A 1 94  ? 6.920   -0.967  -8.590  1.00 13.47  ? 442 MET A CB   1 
ATOM   740  C CG   . MET A 1 94  ? 7.312   -1.254  -10.028 1.00 17.65  ? 442 MET A CG   1 
ATOM   741  S SD   . MET A 1 94  ? 6.650   -2.837  -10.586 1.00 22.41  ? 442 MET A SD   1 
ATOM   742  C CE   . MET A 1 94  ? 5.209   -2.343  -11.203 1.00 19.15  ? 442 MET A CE   1 
ATOM   743  N N    . ALA A 1 95  ? 7.447   -0.137  -5.547  1.00 12.07  ? 443 ALA A N    1 
ATOM   744  C CA   . ALA A 1 95  ? 7.015   0.246   -4.200  1.00 12.50  ? 443 ALA A CA   1 
ATOM   745  C C    . ALA A 1 95  ? 7.615   1.614   -3.845  1.00 15.36  ? 443 ALA A C    1 
ATOM   746  O O    . ALA A 1 95  ? 6.896   2.471   -3.338  1.00 14.26  ? 443 ALA A O    1 
ATOM   747  C CB   . ALA A 1 95  ? 7.450   -0.787  -3.174  1.00 13.75  ? 443 ALA A CB   1 
ATOM   748  N N    . ARG A 1 96  ? 8.911   1.825   -4.123  1.00 12.47  ? 444 ARG A N    1 
ATOM   749  C CA   . ARG A 1 96  ? 9.560   3.113   -3.809  1.00 12.33  ? 444 ARG A CA   1 
ATOM   750  C C    . ARG A 1 96  ? 8.930   4.283   -4.557  1.00 15.42  ? 444 ARG A C    1 
ATOM   751  O O    . ARG A 1 96  ? 8.718   5.345   -3.963  1.00 15.92  ? 444 ARG A O    1 
ATOM   752  C CB   . ARG A 1 96  ? 11.050  3.051   -4.079  1.00 11.90  ? 444 ARG A CB   1 
ATOM   753  C CG   . ARG A 1 96  ? 11.753  2.176   -3.065  1.00 14.61  ? 444 ARG A CG   1 
ATOM   754  C CD   . ARG A 1 96  ? 13.244  2.217   -3.286  1.00 18.37  ? 444 ARG A CD   1 
ATOM   755  N NE   . ARG A 1 96  ? 13.906  1.353   -2.310  1.00 25.30  ? 444 ARG A NE   1 
ATOM   756  C CZ   . ARG A 1 96  ? 14.982  0.618   -2.565  1.00 47.03  ? 444 ARG A CZ   1 
ATOM   757  N NH1  . ARG A 1 96  ? 15.533  0.633   -3.773  1.00 38.57  ? 444 ARG A NH1  1 
ATOM   758  N NH2  . ARG A 1 96  ? 15.513  -0.141  -1.619  1.00 34.37  ? 444 ARG A NH2  1 
ATOM   759  N N    . LYS A 1 97  ? 8.616   4.094   -5.856  1.00 12.18  ? 445 LYS A N    1 
ATOM   760  C CA   . LYS A 1 97  ? 7.975   5.148   -6.644  1.00 11.63  ? 445 LYS A CA   1 
ATOM   761  C C    . LYS A 1 97  ? 6.591   5.472   -6.075  1.00 14.55  ? 445 LYS A C    1 
ATOM   762  O O    . LYS A 1 97  ? 6.225   6.648   -5.988  1.00 13.93  ? 445 LYS A O    1 
ATOM   763  C CB   . LYS A 1 97  ? 7.856   4.721   -8.104  1.00 13.49  ? 445 LYS A CB   1 
ATOM   764  C CG   . LYS A 1 97  ? 9.212   4.632   -8.806  1.00 14.81  ? 445 LYS A CG   1 
ATOM   765  C CD   . LYS A 1 97  ? 9.031   4.223   -10.274 1.00 19.33  ? 445 LYS A CD   1 
ATOM   766  C CE   . LYS A 1 97  ? 10.372  3.989   -10.914 1.00 28.44  ? 445 LYS A CE   1 
ATOM   767  N NZ   . LYS A 1 97  ? 10.229  3.748   -12.373 1.00 38.10  ? 445 LYS A NZ   1 
ATOM   768  N N    . LEU A 1 98  ? 5.844   4.439   -5.631  1.00 10.77  ? 446 LEU A N    1 
ATOM   769  C CA   . LEU A 1 98  ? 4.501   4.698   -5.085  1.00 11.18  ? 446 LEU A CA   1 
ATOM   770  C C    . LEU A 1 98  ? 4.604   5.327   -3.703  1.00 13.94  ? 446 LEU A C    1 
ATOM   771  O O    . LEU A 1 98  ? 3.841   6.237   -3.363  1.00 13.32  ? 446 LEU A O    1 
ATOM   772  C CB   . LEU A 1 98  ? 3.678   3.413   -5.050  1.00 11.33  ? 446 LEU A CB   1 
ATOM   773  C CG   . LEU A 1 98  ? 2.196   3.590   -4.628  1.00 14.83  ? 446 LEU A CG   1 
ATOM   774  C CD1  . LEU A 1 98  ? 1.458   4.514   -5.597  1.00 16.63  ? 446 LEU A CD1  1 
ATOM   775  C CD2  . LEU A 1 98  ? 1.512   2.232   -4.541  1.00 16.48  ? 446 LEU A CD2  1 
ATOM   776  N N    . GLN A 1 99  ? 5.590   4.869   -2.912  1.00 11.68  ? 447 GLN A N    1 
ATOM   777  C CA   . GLN A 1 99  ? 5.832   5.441   -1.584  1.00 11.46  ? 447 GLN A CA   1 
ATOM   778  C C    . GLN A 1 99  ? 6.170   6.936   -1.700  1.00 14.68  ? 447 GLN A C    1 
ATOM   779  O O    . GLN A 1 99  ? 5.703   7.724   -0.875  1.00 13.79  ? 447 GLN A O    1 
ATOM   780  C CB   . GLN A 1 99  ? 6.898   4.655   -0.794  1.00 13.20  ? 447 GLN A CB   1 
ATOM   781  C CG   . GLN A 1 99  ? 6.962   5.197   0.634   1.00 15.71  ? 447 GLN A CG   1 
ATOM   782  C CD   . GLN A 1 99  ? 7.599   4.275   1.645   1.00 24.89  ? 447 GLN A CD   1 
ATOM   783  O OE1  . GLN A 1 99  ? 8.323   3.346   1.308   1.00 20.01  ? 447 GLN A OE1  1 
ATOM   784  N NE2  . GLN A 1 99  ? 7.423   4.589   2.920   1.00 20.85  ? 447 GLN A NE2  1 
ATOM   785  N N    . ASP A 1 100 ? 6.879   7.344   -2.781  1.00 12.56  ? 448 ASP A N    1 
ATOM   786  C CA   . ASP A 1 100 ? 7.192   8.767   -2.994  1.00 13.73  ? 448 ASP A CA   1 
ATOM   787  C C    . ASP A 1 100 ? 5.876   9.568   -3.146  1.00 16.54  ? 448 ASP A C    1 
ATOM   788  O O    . ASP A 1 100 ? 5.755   10.646  -2.573  1.00 15.85  ? 448 ASP A O    1 
ATOM   789  C CB   . ASP A 1 100 ? 8.028   8.959   -4.278  1.00 15.66  ? 448 ASP A CB   1 
ATOM   790  C CG   . ASP A 1 100 ? 9.495   8.555   -4.232  1.00 27.67  ? 448 ASP A CG   1 
ATOM   791  O OD1  . ASP A 1 100 ? 10.004  8.275   -3.128  1.00 26.54  ? 448 ASP A OD1  1 
ATOM   792  O OD2  . ASP A 1 100 ? 10.131  8.505   -5.317  1.00 34.95  ? 448 ASP A OD2  1 
ATOM   793  N N    . VAL A 1 101 ? 4.899   9.030   -3.883  1.00 13.46  ? 449 VAL A N    1 
ATOM   794  C CA   . VAL A 1 101 ? 3.612   9.698   -4.095  1.00 12.54  ? 449 VAL A CA   1 
ATOM   795  C C    . VAL A 1 101 ? 2.926   9.859   -2.731  1.00 15.32  ? 449 VAL A C    1 
ATOM   796  O O    . VAL A 1 101 ? 2.516   10.959  -2.358  1.00 14.01  ? 449 VAL A O    1 
ATOM   797  C CB   . VAL A 1 101 ? 2.745   8.886   -5.098  1.00 16.90  ? 449 VAL A CB   1 
ATOM   798  C CG1  . VAL A 1 101 ? 1.344   9.490   -5.243  1.00 16.76  ? 449 VAL A CG1  1 
ATOM   799  C CG2  . VAL A 1 101 ? 3.437   8.800   -6.455  1.00 17.38  ? 449 VAL A CG2  1 
ATOM   800  N N    . PHE A 1 102 ? 2.853   8.759   -1.976  1.00 11.78  ? 450 PHE A N    1 
ATOM   801  C CA   . PHE A 1 102 ? 2.225   8.758   -0.659  1.00 11.50  ? 450 PHE A CA   1 
ATOM   802  C C    . PHE A 1 102 ? 2.892   9.736   0.315   1.00 12.64  ? 450 PHE A C    1 
ATOM   803  O O    . PHE A 1 102 ? 2.198   10.533  0.947   1.00 11.90  ? 450 PHE A O    1 
ATOM   804  C CB   . PHE A 1 102 ? 2.282   7.338   -0.048  1.00 12.53  ? 450 PHE A CB   1 
ATOM   805  C CG   . PHE A 1 102 ? 1.870   7.345   1.404   1.00 11.90  ? 450 PHE A CG   1 
ATOM   806  C CD1  . PHE A 1 102 ? 0.539   7.576   1.766   1.00 12.75  ? 450 PHE A CD1  1 
ATOM   807  C CD2  . PHE A 1 102 ? 2.821   7.189   2.417   1.00 12.59  ? 450 PHE A CD2  1 
ATOM   808  C CE1  . PHE A 1 102 ? 0.169   7.635   3.122   1.00 12.71  ? 450 PHE A CE1  1 
ATOM   809  C CE2  . PHE A 1 102 ? 2.447   7.267   3.767   1.00 13.83  ? 450 PHE A CE2  1 
ATOM   810  C CZ   . PHE A 1 102 ? 1.125   7.466   4.106   1.00 11.83  ? 450 PHE A CZ   1 
ATOM   811  N N    . GLU A 1 103 ? 4.213   9.609   0.494   1.00 10.82  ? 451 GLU A N    1 
ATOM   812  C CA   . GLU A 1 103 ? 4.925   10.424  1.492   1.00 10.69  ? 451 GLU A CA   1 
ATOM   813  C C    . GLU A 1 103 ? 4.803   11.916  1.215   1.00 13.99  ? 451 GLU A C    1 
ATOM   814  O O    . GLU A 1 103 ? 4.607   12.686  2.151   1.00 13.76  ? 451 GLU A O    1 
ATOM   815  C CB   . GLU A 1 103 ? 6.405   10.033  1.613   1.00 11.90  ? 451 GLU A CB   1 
ATOM   816  C CG   . GLU A 1 103 ? 6.657   8.613   2.110   1.00 14.74  ? 451 GLU A CG   1 
ATOM   817  C CD   . GLU A 1 103 ? 6.281   8.286   3.549   1.00 19.81  ? 451 GLU A CD   1 
ATOM   818  O OE1  . GLU A 1 103 ? 6.071   9.230   4.351   1.00 18.65  ? 451 GLU A OE1  1 
ATOM   819  O OE2  . GLU A 1 103 ? 6.196   7.076   3.874   1.00 15.77  ? 451 GLU A OE2  1 
ATOM   820  N N    . MET A 1 104 ? 4.875   12.312  -0.060  1.00 12.13  ? 452 MET A N    1 
ATOM   821  C CA   . MET A 1 104 ? 4.756   13.741  -0.419  1.00 13.41  ? 452 MET A CA   1 
ATOM   822  C C    . MET A 1 104 ? 3.336   14.269  -0.083  1.00 16.75  ? 452 MET A C    1 
ATOM   823  O O    . MET A 1 104 ? 3.202   15.387  0.404   1.00 16.75  ? 452 MET A O    1 
ATOM   824  C CB   . MET A 1 104 ? 5.060   13.942  -1.909  1.00 16.29  ? 452 MET A CB   1 
ATOM   825  C CG   . MET A 1 104 ? 6.510   13.628  -2.294  1.00 21.75  ? 452 MET A CG   1 
ATOM   826  S SD   . MET A 1 104 ? 7.764   14.622  -1.419  1.00 30.16  ? 452 MET A SD   1 
ATOM   827  C CE   . MET A 1 104 ? 7.107   16.124  -1.674  1.00 24.69  ? 452 MET A CE   1 
ATOM   828  N N    . ARG A 1 105 ? 2.295   13.458  -0.321  1.00 12.90  ? 453 ARG A N    1 
ATOM   829  C CA   . ARG A 1 105 ? 0.922   13.883  -0.048  1.00 13.20  ? 453 ARG A CA   1 
ATOM   830  C C    . ARG A 1 105 ? 0.627   13.856  1.439   1.00 14.81  ? 453 ARG A C    1 
ATOM   831  O O    . ARG A 1 105 ? -0.016  14.774  1.950   1.00 15.74  ? 453 ARG A O    1 
ATOM   832  C CB   . ARG A 1 105 ? -0.097  13.009  -0.822  1.00 13.62  ? 453 ARG A CB   1 
ATOM   833  C CG   . ARG A 1 105 ? -1.557  13.510  -0.737  1.00 15.83  ? 453 ARG A CG   1 
ATOM   834  C CD   . ARG A 1 105 ? -1.769  14.862  -1.389  1.00 16.49  ? 453 ARG A CD   1 
ATOM   835  N NE   . ARG A 1 105 ? -1.439  14.830  -2.816  1.00 20.59  ? 453 ARG A NE   1 
ATOM   836  C CZ   . ARG A 1 105 ? -1.298  15.906  -3.580  1.00 27.79  ? 453 ARG A CZ   1 
ATOM   837  N NH1  . ARG A 1 105 ? -1.453  17.120  -3.063  1.00 23.88  ? 453 ARG A NH1  1 
ATOM   838  N NH2  . ARG A 1 105 ? -0.999  15.779  -4.867  1.00 19.14  ? 453 ARG A NH2  1 
ATOM   839  N N    . PHE A 1 106 ? 1.066   12.781  2.135   1.00 11.39  ? 454 PHE A N    1 
ATOM   840  C CA   . PHE A 1 106 ? 0.850   12.596  3.574   1.00 12.48  ? 454 PHE A CA   1 
ATOM   841  C C    . PHE A 1 106 ? 1.521   13.728  4.354   1.00 16.47  ? 454 PHE A C    1 
ATOM   842  O O    . PHE A 1 106 ? 0.992   14.171  5.366   1.00 16.76  ? 454 PHE A O    1 
ATOM   843  C CB   . PHE A 1 106 ? 1.392   11.232  4.010   1.00 13.97  ? 454 PHE A CB   1 
ATOM   844  C CG   . PHE A 1 106 ? 0.957   10.762  5.379   1.00 14.50  ? 454 PHE A CG   1 
ATOM   845  C CD1  . PHE A 1 106 ? -0.367  10.409  5.622   1.00 16.25  ? 454 PHE A CD1  1 
ATOM   846  C CD2  . PHE A 1 106 ? 1.888   10.560  6.385   1.00 18.58  ? 454 PHE A CD2  1 
ATOM   847  C CE1  . PHE A 1 106 ? -0.763  9.910   6.871   1.00 17.68  ? 454 PHE A CE1  1 
ATOM   848  C CE2  . PHE A 1 106 ? 1.495   10.046  7.631   1.00 21.17  ? 454 PHE A CE2  1 
ATOM   849  C CZ   . PHE A 1 106 ? 0.172   9.724   7.864   1.00 17.61  ? 454 PHE A CZ   1 
ATOM   850  N N    . ALA A 1 107 ? 2.665   14.225  3.848   1.00 13.88  ? 455 ALA A N    1 
ATOM   851  C CA   . ALA A 1 107 ? 3.410   15.315  4.502   1.00 14.77  ? 455 ALA A CA   1 
ATOM   852  C C    . ALA A 1 107 ? 2.664   16.645  4.453   1.00 20.16  ? 455 ALA A C    1 
ATOM   853  O O    . ALA A 1 107 ? 2.942   17.506  5.284   1.00 20.41  ? 455 ALA A O    1 
ATOM   854  C CB   . ALA A 1 107 ? 4.799   15.470  3.890   1.00 14.89  ? 455 ALA A CB   1 
ATOM   855  N N    . LYS A 1 108 ? 1.705   16.799  3.515   1.00 18.65  ? 456 LYS A N    1 
ATOM   856  C CA   . LYS A 1 108 ? 0.935   18.038  3.339   1.00 20.47  ? 456 LYS A CA   1 
ATOM   857  C C    . LYS A 1 108 ? -0.138  18.261  4.397   1.00 30.21  ? 456 LYS A C    1 
ATOM   858  O O    . LYS A 1 108 ? -0.748  19.336  4.408   1.00 32.16  ? 456 LYS A O    1 
ATOM   859  C CB   . LYS A 1 108 ? 0.345   18.135  1.929   1.00 21.97  ? 456 LYS A CB   1 
ATOM   860  C CG   . LYS A 1 108 ? 1.412   18.442  0.904   1.00 23.12  ? 456 LYS A CG   1 
ATOM   861  C CD   . LYS A 1 108 ? 0.886   18.379  -0.522  1.00 25.94  ? 456 LYS A CD   1 
ATOM   862  C CE   . LYS A 1 108 ? 1.911   18.842  -1.526  1.00 33.61  ? 456 LYS A CE   1 
ATOM   863  N NZ   . LYS A 1 108 ? 3.082   17.923  -1.598  1.00 42.70  ? 456 LYS A NZ   1 
ATOM   864  N N    . MET A 1 109 ? -0.358  17.293  5.296   1.00 27.54  ? 457 MET A N    1 
ATOM   865  C CA   . MET A 1 109 ? -1.341  17.474  6.370   1.00 56.03  ? 457 MET A CA   1 
ATOM   866  C C    . MET A 1 109 ? -0.750  18.331  7.498   1.00 89.88  ? 457 MET A C    1 
ATOM   867  O O    . MET A 1 109 ? 0.445   18.240  7.795   1.00 53.97  ? 457 MET A O    1 
ATOM   868  C CB   . MET A 1 109 ? -1.823  16.134  6.931   1.00 58.20  ? 457 MET A CB   1 
ATOM   869  C CG   . MET A 1 109 ? -2.376  15.182  5.887   1.00 61.73  ? 457 MET A CG   1 
ATOM   870  S SD   . MET A 1 109 ? -2.922  13.614  6.612   1.00 65.80  ? 457 MET A SD   1 
ATOM   871  C CE   . MET A 1 109 ? -1.516  13.256  7.722   1.00 62.43  ? 457 MET A CE   1 
HETATM 872  C C4   . 8NV B 2 .   ? 6.494   -10.363 -6.487  1.00 18.26  ? 501 8NV A C4   1 
HETATM 873  C C5   . 8NV B 2 .   ? 2.421   -8.995  -7.664  1.00 16.42  ? 501 8NV A C5   1 
HETATM 874  C C6   . 8NV B 2 .   ? 4.585   -9.239  -6.315  1.00 16.20  ? 501 8NV A C6   1 
HETATM 875  C C7   . 8NV B 2 .   ? 5.332   -10.063 -7.180  1.00 19.25  ? 501 8NV A C7   1 
HETATM 876  C C8   . 8NV B 2 .   ? 2.886   -9.295  -8.944  1.00 20.80  ? 501 8NV A C8   1 
HETATM 877  C C10  . 8NV B 2 .   ? 5.297   -9.027  -5.159  1.00 16.36  ? 501 8NV A C10  1 
HETATM 878  C C13  . 8NV B 2 .   ? 4.872   -8.180  -4.092  1.00 16.56  ? 501 8NV A C13  1 
HETATM 879  C C15  . 8NV B 2 .   ? 5.979   -7.437  -11.611 1.00 30.42  ? 501 8NV A C15  1 
HETATM 880  C C17  . 8NV B 2 .   ? 6.013   -7.898  -10.182 1.00 28.91  ? 501 8NV A C17  1 
HETATM 881  C C20  . 8NV B 2 .   ? 3.151   -6.631  -3.409  1.00 17.36  ? 501 8NV A C20  1 
HETATM 882  C C21  . 8NV B 2 .   ? 4.755   -7.949  -9.410  1.00 25.58  ? 501 8NV A C21  1 
HETATM 883  C C22  . 8NV B 2 .   ? -2.435  -8.323  -8.275  1.00 23.56  ? 501 8NV A C22  1 
HETATM 884  C C1   . 8NV B 2 .   ? 2.006   -9.656  -9.951  1.00 21.22  ? 501 8NV A C1   1 
HETATM 885  C C2   . 8NV B 2 .   ? 0.657   -9.784  -9.714  1.00 20.43  ? 501 8NV A C2   1 
HETATM 886  C C3   . 8NV B 2 .   ? 1.068   -9.168  -7.422  1.00 17.16  ? 501 8NV A C3   1 
HETATM 887  C C9   . 8NV B 2 .   ? 0.205   -9.549  -8.437  1.00 18.54  ? 501 8NV A C9   1 
HETATM 888  C C11  . 8NV B 2 .   ? 2.911   -7.834  -5.537  1.00 16.56  ? 501 8NV A C11  1 
HETATM 889  C C12  . 8NV B 2 .   ? 3.319   -8.658  -6.521  1.00 16.21  ? 501 8NV A C12  1 
HETATM 890  C C14  . 8NV B 2 .   ? 4.918   -10.404 -8.558  1.00 22.00  ? 501 8NV A C14  1 
HETATM 891  C C16  . 8NV B 2 .   ? 6.502   -6.529  -10.535 1.00 28.94  ? 501 8NV A C16  1 
HETATM 892  C C18  . 8NV B 2 .   ? -2.100  -7.324  -7.195  1.00 22.05  ? 501 8NV A C18  1 
HETATM 893  C C19  . 8NV B 2 .   ? -3.894  -8.695  -8.141  1.00 26.54  ? 501 8NV A C19  1 
HETATM 894  N N23  . 8NV B 2 .   ? 6.449   -9.756  -5.256  1.00 17.64  ? 501 8NV A N23  1 
HETATM 895  N N24  . 8NV B 2 .   ? 4.241   -9.308  -9.312  1.00 23.13  ? 501 8NV A N24  1 
HETATM 896  N N25  . 8NV B 2 .   ? 3.670   -7.552  -4.396  1.00 15.28  ? 501 8NV A N25  1 
HETATM 897  O O26  . 8NV B 2 .   ? 5.524   -7.998  -3.063  1.00 15.25  ? 501 8NV A O26  1 
HETATM 898  O O27  . 8NV B 2 .   ? -1.960  -10.772 -9.060  1.00 23.35  ? 501 8NV A O27  1 
HETATM 899  O O28  . 8NV B 2 .   ? -1.572  -10.193 -6.660  1.00 21.91  ? 501 8NV A O28  1 
HETATM 900  S S29  . 8NV B 2 .   ? -1.510  -9.812  -8.057  1.00 21.27  ? 501 8NV A S29  1 
HETATM 901  H H4   . 8NV B 2 .   ? 7.343   -10.970 -6.756  1.00 18.52  ? 501 8NV A H4   1 
HETATM 902  H H151 . 8NV B 2 .   ? 5.018   -7.204  -12.048 1.00 30.60  ? 501 8NV A H151 1 
HETATM 903  H H152 . 8NV B 2 .   ? 6.693   -7.876  -12.295 1.00 30.68  ? 501 8NV A H152 1 
HETATM 904  H H17  . 8NV B 2 .   ? 6.739   -8.642  -9.883  1.00 29.05  ? 501 8NV A H17  1 
HETATM 905  H H203 . 8NV B 2 .   ? 3.176   -7.083  -2.418  1.00 16.90  ? 501 8NV A H203 1 
HETATM 906  H H201 . 8NV B 2 .   ? 2.126   -6.347  -3.652  1.00 18.01  ? 501 8NV A H201 1 
HETATM 907  H H202 . 8NV B 2 .   ? 3.788   -5.748  -3.428  1.00 15.91  ? 501 8NV A H202 1 
HETATM 908  H H211 . 8NV B 2 .   ? 4.015   -7.323  -9.916  1.00 24.94  ? 501 8NV A H211 1 
HETATM 909  H H212 . 8NV B 2 .   ? 4.932   -7.518  -8.426  1.00 25.67  ? 501 8NV A H212 1 
HETATM 910  H H1   . 8NV B 2 .   ? 2.390   -9.904  -10.932 1.00 20.81  ? 501 8NV A H1   1 
HETATM 911  H H2   . 8NV B 2 .   ? -0.005  -10.123 -10.500 1.00 19.83  ? 501 8NV A H2   1 
HETATM 912  H H3   . 8NV B 2 .   ? 0.657   -8.992  -6.437  1.00 16.18  ? 501 8NV A H3   1 
HETATM 913  H H11  . 8NV B 2 .   ? 1.961   -7.331  -5.587  1.00 14.99  ? 501 8NV A H11  1 
HETATM 914  H H142 . 8NV B 2 .   ? 4.269   -11.285 -8.527  1.00 21.90  ? 501 8NV A H142 1 
HETATM 915  H H141 . 8NV B 2 .   ? 5.809   -10.693 -9.124  1.00 21.15  ? 501 8NV A H141 1 
HETATM 916  H H162 . 8NV B 2 .   ? 5.886   -5.694  -10.233 1.00 28.58  ? 501 8NV A H162 1 
HETATM 917  H H161 . 8NV B 2 .   ? 7.569   -6.352  -10.488 1.00 29.35  ? 501 8NV A H161 1 
HETATM 918  H H181 . 8NV B 2 .   ? -2.623  -7.576  -6.270  1.00 21.20  ? 501 8NV A H181 1 
HETATM 919  H H183 . 8NV B 2 .   ? -2.402  -6.319  -7.505  1.00 21.30  ? 501 8NV A H183 1 
HETATM 920  H H182 . 8NV B 2 .   ? -1.027  -7.321  -6.997  1.00 21.85  ? 501 8NV A H182 1 
HETATM 921  H H191 . 8NV B 2 .   ? -4.059  -9.280  -7.231  1.00 25.85  ? 501 8NV A H191 1 
HETATM 922  H H192 . 8NV B 2 .   ? -4.216  -9.291  -9.000  1.00 27.52  ? 501 8NV A H192 1 
HETATM 923  H H193 . 8NV B 2 .   ? -4.512  -7.795  -8.092  1.00 27.08  ? 501 8NV A H193 1 
HETATM 924  H H23  . 8NV B 2 .   ? 7.186   -9.780  -4.569  1.00 16.93  ? 501 8NV A H23  1 
HETATM 925  H H5   . 8NV B 2 .   ? -2.212  -7.934  -9.273  1.00 22.27  ? 501 8NV A H5   1 
HETATM 926  O O    . HOH C 3 .   ? -3.796  -14.127 -1.641  1.00 70.00  ? 601 HOH A O    1 
HETATM 927  O O    . HOH C 3 .   ? 9.966   -0.268  6.328   1.00 18.13  ? 602 HOH A O    1 
HETATM 928  O O    . HOH C 3 .   ? 14.513  -6.247  0.010   1.00 26.48  ? 603 HOH A O    1 
HETATM 929  O O    . HOH C 3 .   ? 4.672   -7.554  -0.461  1.00 15.69  ? 604 HOH A O    1 
HETATM 930  O O    . HOH C 3 .   ? 6.013   -5.697  7.401   1.00 45.81  ? 605 HOH A O    1 
HETATM 931  O O    . HOH C 3 .   ? 1.144   -7.382  1.615   1.00 16.43  ? 606 HOH A O    1 
HETATM 932  O O    . HOH C 3 .   ? -0.039  12.694  -8.327  1.00 25.93  ? 607 HOH A O    1 
HETATM 933  O O    . HOH C 3 .   ? -2.326  4.080   -9.762  1.00 14.37  ? 608 HOH A O    1 
HETATM 934  O O    . HOH C 3 .   ? -5.883  -10.572 -5.003  1.00 29.22  ? 609 HOH A O    1 
HETATM 935  O O    . HOH C 3 .   ? 8.927   -20.539 3.989   1.00 24.47  ? 610 HOH A O    1 
HETATM 936  O O    . HOH C 3 .   ? -3.791  -3.390  9.961   1.00 31.67  ? 611 HOH A O    1 
HETATM 937  O O    . HOH C 3 .   ? -3.034  1.027   11.330  1.00 25.62  ? 612 HOH A O    1 
HETATM 938  O O    . HOH C 3 .   ? -16.857 -0.266  11.609  1.00 51.57  ? 613 HOH A O    1 
HETATM 939  O O    . HOH C 3 .   ? 0.843   -21.967 -7.210  1.00 31.35  ? 614 HOH A O    1 
HETATM 940  O O    . HOH C 3 .   ? 4.032   8.541   -13.989 1.00 32.20  ? 615 HOH A O    1 
HETATM 941  O O    . HOH C 3 .   ? -8.081  7.222   -8.447  1.00 19.18  ? 616 HOH A O    1 
HETATM 942  O O    . HOH C 3 .   ? -11.558 -5.027  0.299   1.00 42.49  ? 617 HOH A O    1 
HETATM 943  O O    . HOH C 3 .   ? -0.850  -0.955  10.415  1.00 26.42  ? 618 HOH A O    1 
HETATM 944  O O    . HOH C 3 .   ? -4.669  14.315  1.087   1.00 41.92  ? 619 HOH A O    1 
HETATM 945  O O    . HOH C 3 .   ? 4.759   9.803   -11.742 1.00 35.13  ? 620 HOH A O    1 
HETATM 946  O O    . HOH C 3 .   ? -3.109  -7.840  7.759   1.00 36.48  ? 621 HOH A O    1 
HETATM 947  O O    . HOH C 3 .   ? 12.081  -18.622 0.422   1.00 46.67  ? 622 HOH A O    1 
HETATM 948  O O    . HOH C 3 .   ? 3.351   -22.087 5.662   1.00 20.54  ? 623 HOH A O    1 
HETATM 949  O O    . HOH C 3 .   ? -10.008 -5.299  9.101   1.00 49.35  ? 624 HOH A O    1 
HETATM 950  O O    . HOH C 3 .   ? -3.435  -7.699  1.687   1.00 21.06  ? 625 HOH A O    1 
HETATM 951  O O    . HOH C 3 .   ? 1.468   6.301   11.149  1.00 26.01  ? 626 HOH A O    1 
HETATM 952  O O    . HOH C 3 .   ? 0.594   -5.473  -1.122  1.00 19.21  ? 627 HOH A O    1 
HETATM 953  O O    . HOH C 3 .   ? 2.593   -21.899 2.921   1.00 30.51  ? 628 HOH A O    1 
HETATM 954  O O    . HOH C 3 .   ? -9.628  1.654   14.794  1.00 42.17  ? 629 HOH A O    1 
HETATM 955  O O    . HOH C 3 .   ? -15.842 -0.933  3.653   1.00 31.74  ? 630 HOH A O    1 
HETATM 956  O O    . HOH C 3 .   ? -9.180  -6.184  -0.244  1.00 36.93  ? 631 HOH A O    1 
HETATM 957  O O    . HOH C 3 .   ? -5.950  -17.396 -6.886  1.00 49.46  ? 632 HOH A O    1 
HETATM 958  O O    . HOH C 3 .   ? -12.090 6.577   0.184   1.00 45.04  ? 633 HOH A O    1 
HETATM 959  O O    . HOH C 3 .   ? 6.206   -5.005  -14.715 1.00 55.37  ? 634 HOH A O    1 
HETATM 960  O O    . HOH C 3 .   ? -3.976  6.650   16.726  1.00 75.03  ? 635 HOH A O    1 
HETATM 961  O O    . HOH C 3 .   ? 5.476   -15.300 -9.325  1.00 47.51  ? 636 HOH A O    1 
HETATM 962  O O    . HOH C 3 .   ? -9.653  -2.538  12.321  1.00 52.93  ? 637 HOH A O    1 
HETATM 963  O O    . HOH C 3 .   ? 13.963  -9.168  4.490   1.00 31.95  ? 638 HOH A O    1 
HETATM 964  O O    . HOH C 3 .   ? -0.420  -6.437  -3.345  1.00 17.68  ? 639 HOH A O    1 
HETATM 965  O O    . HOH C 3 .   ? 1.008   -14.724 7.610   1.00 47.76  ? 640 HOH A O    1 
HETATM 966  O O    . HOH C 3 .   ? -11.829 3.394   14.043  1.00 26.57  ? 641 HOH A O    1 
HETATM 967  O O    . HOH C 3 .   ? -5.420  3.551   -12.350 1.00 34.55  ? 642 HOH A O    1 
HETATM 968  O O    . HOH C 3 .   ? -13.174 7.078   7.325   1.00 47.83  ? 643 HOH A O    1 
HETATM 969  O O    . HOH C 3 .   ? 10.055  -12.044 -4.861  1.00 28.21  ? 644 HOH A O    1 
HETATM 970  O O    . HOH C 3 .   ? 3.407   0.241   9.393   1.00 24.59  ? 645 HOH A O    1 
HETATM 971  O O    . HOH C 3 .   ? -15.157 -3.741  0.647   1.00 58.72  ? 646 HOH A O    1 
HETATM 972  O O    . HOH C 3 .   ? 3.981   8.351   10.902  1.00 43.41  ? 647 HOH A O    1 
HETATM 973  O O    . HOH C 3 .   ? -0.962  10.003  -2.231  1.00 21.31  ? 648 HOH A O    1 
HETATM 974  O O    . HOH C 3 .   ? 3.711   -8.036  7.933   1.00 18.59  ? 649 HOH A O    1 
HETATM 975  O O    . HOH C 3 .   ? -0.044  -21.370 -0.221  1.00 34.34  ? 650 HOH A O    1 
HETATM 976  O O    . HOH C 3 .   ? 2.069   15.813  -3.065  1.00 22.34  ? 651 HOH A O    1 
HETATM 977  O O    . HOH C 3 .   ? 14.672  -2.728  -6.871  1.00 23.17  ? 652 HOH A O    1 
HETATM 978  O O    . HOH C 3 .   ? 4.311   -1.857  -15.247 1.00 40.50  ? 653 HOH A O    1 
HETATM 979  O O    . HOH C 3 .   ? 6.349   8.379   -8.141  1.00 18.91  ? 654 HOH A O    1 
HETATM 980  O O    . HOH C 3 .   ? -11.775 -1.660  -1.778  1.00 31.64  ? 655 HOH A O    1 
HETATM 981  O O    . HOH C 3 .   ? 8.177   9.647   6.097   1.00 19.18  ? 656 HOH A O    1 
HETATM 982  O O    . HOH C 3 .   ? 3.396   -19.500 8.764   1.00 43.89  ? 657 HOH A O    1 
HETATM 983  O O    . HOH C 3 .   ? -2.534  15.912  1.789   1.00 38.66  ? 658 HOH A O    1 
HETATM 984  O O    . HOH C 3 .   ? 3.095   -5.325  -0.237  1.00 18.19  ? 659 HOH A O    1 
HETATM 985  O O    . HOH C 3 .   ? -3.393  -4.852  -10.380 1.00 23.95  ? 660 HOH A O    1 
HETATM 986  O O    . HOH C 3 .   ? -7.809  -8.158  2.674   1.00 37.47  ? 661 HOH A O    1 
HETATM 987  O O    . HOH C 3 .   ? 1.943   13.125  -4.000  1.00 17.03  ? 662 HOH A O    1 
HETATM 988  O O    . HOH C 3 .   ? -10.481 -0.834  -4.293  1.00 38.35  ? 663 HOH A O    1 
HETATM 989  O O    . HOH C 3 .   ? 12.391  3.163   -7.578  1.00 24.85  ? 664 HOH A O    1 
HETATM 990  O O    . HOH C 3 .   ? 14.137  -5.714  3.940   1.00 32.22  ? 665 HOH A O    1 
HETATM 991  O O    . HOH C 3 .   ? 11.347  -13.517 -2.019  1.00 52.77  ? 666 HOH A O    1 
HETATM 992  O O    . HOH C 3 .   ? -13.024 -3.528  5.867   1.00 40.73  ? 667 HOH A O    1 
HETATM 993  O O    . HOH C 3 .   ? 6.070   0.096   8.412   1.00 20.41  ? 668 HOH A O    1 
HETATM 994  O O    . HOH C 3 .   ? -19.930 9.654   13.716  1.00 40.78  ? 669 HOH A O    1 
HETATM 995  O O    . HOH C 3 .   ? -7.362  2.591   -10.342 1.00 41.25  ? 670 HOH A O    1 
HETATM 996  O O    . HOH C 3 .   ? -15.608 2.331   13.726  1.00 18.37  ? 671 HOH A O    1 
HETATM 997  O O    . HOH C 3 .   ? -6.908  -2.672  12.014  1.00 54.99  ? 672 HOH A O    1 
HETATM 998  O O    . HOH C 3 .   ? 8.766   -12.188 -9.280  1.00 43.75  ? 673 HOH A O    1 
HETATM 999  O O    . HOH C 3 .   ? 8.569   -13.192 9.412   1.00 46.61  ? 674 HOH A O    1 
HETATM 1000 O O    . HOH C 3 .   ? -2.015  -11.572 0.293   1.00 30.08  ? 675 HOH A O    1 
HETATM 1001 O O    . HOH C 3 .   ? 19.175  -8.566  -4.368  1.00 56.90  ? 676 HOH A O    1 
HETATM 1002 O O    . HOH C 3 .   ? 5.492   18.924  -2.704  1.00 36.37  ? 677 HOH A O    1 
HETATM 1003 O O    . HOH C 3 .   ? -13.041 6.891   12.350  1.00 41.87  ? 678 HOH A O    1 
HETATM 1004 O O    . HOH C 3 .   ? -2.080  4.591   -16.794 1.00 33.42  ? 679 HOH A O    1 
HETATM 1005 O O    . HOH C 3 .   ? 5.954   -9.708  8.751   1.00 26.95  ? 680 HOH A O    1 
HETATM 1006 O O    . HOH C 3 .   ? 11.539  -15.396 -0.053  1.00 55.15  ? 681 HOH A O    1 
HETATM 1007 O O    . HOH C 3 .   ? 9.901   6.312   -1.035  1.00 41.01  ? 682 HOH A O    1 
HETATM 1008 O O    . HOH C 3 .   ? -6.819  0.923   13.039  1.00 43.09  ? 683 HOH A O    1 
HETATM 1009 O O    . HOH C 3 .   ? -3.768  3.440   17.743  1.00 53.82  ? 684 HOH A O    1 
HETATM 1010 O O    . HOH C 3 .   ? -14.214 -0.557  -1.292  1.00 48.20  ? 685 HOH A O    1 
HETATM 1011 O O    . HOH C 3 .   ? -1.324  -8.699  0.258   1.00 20.92  ? 686 HOH A O    1 
HETATM 1012 O O    . HOH C 3 .   ? 4.728   -10.686 -11.815 1.00 31.82  ? 687 HOH A O    1 
HETATM 1013 O O    . HOH C 3 .   ? -9.668  -6.988  -2.780  1.00 50.54  ? 688 HOH A O    1 
HETATM 1014 O O    . HOH C 3 .   ? 3.592   16.270  7.849   1.00 45.86  ? 689 HOH A O    1 
HETATM 1015 O O    . HOH C 3 .   ? -6.552  -5.359  9.012   1.00 42.20  ? 690 HOH A O    1 
HETATM 1016 O O    . HOH C 3 .   ? 13.102  3.898   -12.899 1.00 45.86  ? 691 HOH A O    1 
HETATM 1017 O O    . HOH C 3 .   ? -5.201  -7.837  5.053   1.00 60.56  ? 692 HOH A O    1 
HETATM 1018 O O    . HOH C 3 .   ? 1.734   14.269  8.201   1.00 48.38  ? 693 HOH A O    1 
HETATM 1019 O O    . HOH C 3 .   ? 12.629  -8.143  -10.971 1.00 27.21  ? 694 HOH A O    1 
HETATM 1020 O O    . HOH C 3 .   ? -3.332  11.507  13.126  1.00 35.28  ? 695 HOH A O    1 
HETATM 1021 O O    . HOH C 3 .   ? 12.272  6.542   -2.372  0.50 70.98  ? 696 HOH A O    1 
HETATM 1022 O O    . HOH C 3 .   ? 9.752   -14.726 -4.267  1.00 43.43  ? 697 HOH A O    1 
HETATM 1023 O O    . HOH C 3 .   ? -10.734 7.208   -2.097  1.00 31.49  ? 698 HOH A O    1 
HETATM 1024 O O    . HOH C 3 .   ? -4.464  -12.271 -9.622  1.00 48.44  ? 699 HOH A O    1 
HETATM 1025 O O    . HOH C 3 .   ? 3.398   4.690   9.961   1.00 21.21  ? 700 HOH A O    1 
HETATM 1026 O O    . HOH C 3 .   ? 2.143   -17.930 1.355   1.00 30.97  ? 701 HOH A O    1 
HETATM 1027 O O    . HOH C 3 .   ? 10.553  -1.418  -11.566 1.00 38.50  ? 702 HOH A O    1 
HETATM 1028 O O    . HOH C 3 .   ? -11.568 5.154   8.932   1.00 21.63  ? 703 HOH A O    1 
HETATM 1029 O O    . HOH C 3 .   ? -2.771  17.920  -0.467  1.00 31.86  ? 704 HOH A O    1 
HETATM 1030 O O    . HOH C 3 .   ? 12.859  1.241   0.533   1.00 24.15  ? 705 HOH A O    1 
HETATM 1031 O O    . HOH C 3 .   ? 9.070   0.980   -11.915 1.00 40.10  ? 706 HOH A O    1 
HETATM 1032 O O    . HOH C 3 .   ? 11.023  -11.773 10.635  1.00 60.12  ? 707 HOH A O    1 
HETATM 1033 O O    . HOH C 3 .   ? -19.130 3.704   7.593   1.00 61.50  ? 708 HOH A O    1 
HETATM 1034 O O    . HOH C 3 .   ? 12.622  -12.426 3.292   1.00 50.49  ? 709 HOH A O    1 
HETATM 1035 O O    . HOH C 3 .   ? 13.511  -10.003 7.085   1.00 31.10  ? 710 HOH A O    1 
HETATM 1036 O O    . HOH C 3 .   ? 3.085   12.547  9.834   1.00 39.21  ? 711 HOH A O    1 
HETATM 1037 O O    . HOH C 3 .   ? -7.896  4.748   -12.151 1.00 50.59  ? 712 HOH A O    1 
HETATM 1038 O O    . HOH C 3 .   ? 6.971   0.705   -13.675 1.00 42.71  ? 713 HOH A O    1 
HETATM 1039 O O    . HOH C 3 .   ? -4.147  -16.802 -3.040  1.00 33.68  ? 714 HOH A O    1 
HETATM 1040 O O    . HOH C 3 .   ? -14.410 5.327   -4.953  1.00 62.04  ? 715 HOH A O    1 
HETATM 1041 O O    . HOH C 3 .   ? -12.805 8.672   5.064   1.00 61.23  ? 716 HOH A O    1 
HETATM 1042 O O    . HOH C 3 .   ? -4.010  -19.161 -0.196  1.00 60.58  ? 717 HOH A O    1 
HETATM 1043 O O    . HOH C 3 .   ? -13.852 6.941   2.481   1.00 58.16  ? 718 HOH A O    1 
HETATM 1044 O O    . HOH C 3 .   ? 18.260  -1.703  -1.169  1.00 50.84  ? 719 HOH A O    1 
HETATM 1045 O O    . HOH C 3 .   ? -5.188  -0.616  11.534  1.00 48.25  ? 720 HOH A O    1 
HETATM 1046 O O    . HOH C 3 .   ? 7.574   -18.896 -7.269  1.00 44.91  ? 721 HOH A O    1 
HETATM 1047 O O    . HOH C 3 .   ? 9.402   8.767   -0.008  1.00 35.31  ? 722 HOH A O    1 
HETATM 1048 O O    . HOH C 3 .   ? -1.129  -0.755  -14.903 1.00 40.98  ? 723 HOH A O    1 
HETATM 1049 O O    . HOH C 3 .   ? 1.349   18.023  -4.962  1.00 50.40  ? 724 HOH A O    1 
HETATM 1050 O O    . HOH C 3 .   ? 15.229  -10.175 -8.055  1.00 60.16  ? 725 HOH A O    1 
HETATM 1051 O O    . HOH C 3 .   ? -3.269  -10.088 9.307   1.00 57.97  ? 726 HOH A O    1 
HETATM 1052 O O    . HOH C 3 .   ? 12.736  9.941   -6.755  1.00 52.77  ? 727 HOH A O    1 
HETATM 1053 O O    . HOH C 3 .   ? 14.672  1.909   -6.739  1.00 33.13  ? 728 HOH A O    1 
HETATM 1054 O O    . HOH C 3 .   ? 6.434   12.412  -5.425  1.00 41.61  ? 729 HOH A O    1 
HETATM 1055 O O    . HOH C 3 .   ? 12.212  6.062   -6.590  1.00 46.42  ? 730 HOH A O    1 
HETATM 1056 O O    . HOH C 3 .   ? -13.762 11.092  5.906   1.00 57.09  ? 731 HOH A O    1 
HETATM 1057 O O    . HOH C 3 .   ? 2.974   13.408  -8.408  1.00 48.06  ? 732 HOH A O    1 
HETATM 1058 O O    . HOH C 3 .   ? 2.270   7.569   15.160  1.00 57.86  ? 733 HOH A O    1 
HETATM 1059 O O    . HOH C 3 .   ? -14.075 13.113  -2.004  1.00 60.45  ? 734 HOH A O    1 
HETATM 1060 O O    . HOH C 3 .   ? -1.241  4.962   14.529  1.00 43.78  ? 735 HOH A O    1 
HETATM 1061 O O    . HOH C 3 .   ? -5.194  1.272   -13.772 1.00 56.38  ? 736 HOH A O    1 
HETATM 1062 O O    . HOH C 3 .   ? 1.271   5.476   13.704  1.00 46.83  ? 737 HOH A O    1 
HETATM 1063 O O    . HOH C 3 .   ? -4.276  20.425  4.196   1.00 55.41  ? 738 HOH A O    1 
HETATM 1064 O O    . HOH C 3 .   ? 1.791   -1.250  11.001  1.00 37.60  ? 739 HOH A O    1 
HETATM 1065 O O    . HOH C 3 .   ? -0.288  21.930  1.765   1.00 49.79  ? 740 HOH A O    1 
HETATM 1066 O O    . HOH C 3 .   ? -2.489  6.804   19.527  1.00 56.38  ? 741 HOH A O    1 
HETATM 1067 O O    . HOH C 3 .   ? -8.489  -2.077  -7.794  1.00 65.04  ? 742 HOH A O    1 
HETATM 1068 O O    . HOH C 3 .   ? 4.865   11.954  -9.822  1.00 51.25  ? 743 HOH A O    1 
HETATM 1069 O O    . HOH C 3 .   ? 15.275  -11.216 0.352   1.00 48.60  ? 744 HOH A O    1 
HETATM 1070 O O    . HOH C 3 .   ? -9.938  5.613   -4.181  1.00 34.38  ? 745 HOH A O    1 
HETATM 1071 O O    . HOH C 3 .   ? -0.419  -12.374 -12.230 1.00 60.09  ? 746 HOH A O    1 
HETATM 1072 O O    . HOH C 3 .   ? -10.638 8.244   21.017  1.00 33.45  ? 747 HOH A O    1 
HETATM 1073 O O    . HOH C 3 .   ? -6.283  -10.843 -7.884  1.00 63.43  ? 748 HOH A O    1 
HETATM 1074 O O    . HOH C 3 .   ? 8.841   -13.547 -6.920  1.00 58.92  ? 749 HOH A O    1 
HETATM 1075 O O    . HOH C 3 .   ? -3.249  -6.026  9.798   1.00 49.26  ? 750 HOH A O    1 
HETATM 1076 O O    . HOH C 3 .   ? -8.152  9.264   18.422  1.00 61.22  ? 751 HOH A O    1 
HETATM 1077 O O    . HOH C 3 .   ? -19.261 -0.143  8.279   1.00 60.56  ? 752 HOH A O    1 
HETATM 1078 O O    . HOH C 3 .   ? 8.128   -10.586 -11.507 1.00 63.60  ? 753 HOH A O    1 
HETATM 1079 O O    . HOH C 3 .   ? -4.253  -2.990  12.609  1.00 53.36  ? 754 HOH A O    1 
HETATM 1080 O O    . HOH C 3 .   ? -18.492 -0.378  5.244   1.00 58.48  ? 755 HOH A O    1 
HETATM 1081 O O    . HOH C 3 .   ? 12.397  -13.027 -6.283  1.00 40.19  ? 756 HOH A O    1 
HETATM 1082 O O    . HOH C 3 .   ? -6.162  -13.095 -3.794  1.00 57.90  ? 757 HOH A O    1 
HETATM 1083 O O    . HOH C 3 .   ? -0.199  -5.258  -15.597 1.00 69.68  ? 758 HOH A O    1 
HETATM 1084 O O    . HOH C 3 .   ? 5.255   16.660  -4.915  1.00 51.36  ? 759 HOH A O    1 
HETATM 1085 O O    . HOH C 3 .   ? -11.153 -5.217  4.598   1.00 55.69  ? 760 HOH A O    1 
HETATM 1086 O O    . HOH C 3 .   ? -2.212  20.579  -0.802  1.00 54.33  ? 761 HOH A O    1 
HETATM 1087 O O    . HOH C 3 .   ? 1.921   -0.947  -16.834 1.00 62.49  ? 762 HOH A O    1 
HETATM 1088 O O    . HOH C 3 .   ? 12.442  -12.674 6.476   1.00 43.87  ? 763 HOH A O    1 
HETATM 1089 O O    . HOH C 3 .   ? -15.949 -3.577  4.343   1.00 66.93  ? 764 HOH A O    1 
HETATM 1090 O O    . HOH C 3 .   ? -5.218  -9.415  2.827   1.00 31.96  ? 765 HOH A O    1 
HETATM 1091 O O    . HOH C 3 .   ? 11.687  -21.375 0.345   1.00 29.10  ? 766 HOH A O    1 
HETATM 1092 O O    . HOH C 3 .   ? 3.949   13.456  -5.852  1.00 36.48  ? 767 HOH A O    1 
HETATM 1093 O O    . HOH C 3 .   ? -2.202  13.675  -9.617  1.00 44.57  ? 768 HOH A O    1 
HETATM 1094 O O    . HOH C 3 .   ? -10.466 5.657   -14.281 1.00 59.26  ? 769 HOH A O    1 
HETATM 1095 O O    . HOH C 3 .   ? 16.149  -0.691  -7.944  1.00 70.16  ? 770 HOH A O    1 
HETATM 1096 O O    . HOH C 3 .   ? -20.234 3.166   9.924   1.00 60.00  ? 771 HOH A O    1 
HETATM 1097 O O    . HOH C 3 .   ? 2.344   -4.782  11.569  1.00 61.43  ? 772 HOH A O    1 
HETATM 1098 O O    . HOH C 3 .   ? -2.316  -13.705 1.936   1.00 54.03  ? 773 HOH A O    1 
HETATM 1099 O O    . HOH C 3 .   ? -2.229  1.726   13.966  1.00 39.38  ? 774 HOH A O    1 
HETATM 1100 O O    . HOH C 3 .   ? -5.653  -5.686  -9.295  1.00 31.74  ? 775 HOH A O    1 
HETATM 1101 O O    . HOH C 3 .   ? -0.162  -19.328 1.589   1.00 32.20  ? 776 HOH A O    1 
HETATM 1102 O O    . HOH C 3 .   ? -10.747 1.222   -6.163  1.00 44.04  ? 777 HOH A O    1 
HETATM 1103 O O    . HOH C 3 .   ? 4.025   -6.626  10.457  1.00 37.95  ? 778 HOH A O    1 
HETATM 1104 O O    . HOH C 3 .   ? -1.909  -14.350 6.462   1.00 61.37  ? 779 HOH A O    1 
HETATM 1105 O O    . HOH C 3 .   ? -9.084  -12.468 -7.584  1.00 63.58  ? 780 HOH A O    1 
HETATM 1106 O O    . HOH C 3 .   ? -3.002  -7.188  -11.803 1.00 48.06  ? 781 HOH A O    1 
HETATM 1107 O O    . HOH C 3 .   ? -0.529  8.552   16.393  1.00 62.04  ? 782 HOH A O    1 
HETATM 1108 O O    . HOH C 3 .   ? -3.779  -1.147  -14.492 1.00 64.42  ? 783 HOH A O    1 
HETATM 1109 O O    . HOH C 3 .   ? -4.260  -11.777 1.841   1.00 43.54  ? 784 HOH A O    1 
HETATM 1110 O O    . HOH C 3 .   ? 10.893  -18.671 4.359   1.00 44.86  ? 785 HOH A O    1 
HETATM 1111 O O    . HOH C 3 .   ? -3.731  2.371   -16.510 1.00 57.26  ? 786 HOH A O    1 
HETATM 1112 O O    . HOH C 3 .   ? 0.617   -10.086 -13.325 1.00 51.10  ? 787 HOH A O    1 
HETATM 1113 O O    . HOH C 3 .   ? -4.544  -3.330  -12.718 1.00 40.13  ? 788 HOH A O    1 
HETATM 1114 O O    . HOH C 3 .   ? -8.063  0.007   -9.775  1.00 49.95  ? 789 HOH A O    1 
HETATM 1115 O O    . HOH C 3 .   ? -7.526  -3.799  -9.656  1.00 44.95  ? 790 HOH A O    1 
HETATM 1116 O O    . HOH C 3 .   ? 3.344   -14.667 -12.676 1.00 69.75  ? 791 HOH A O    1 
HETATM 1117 O O    . HOH C 3 .   ? -10.160 3.203   -7.932  1.00 40.07  ? 792 HOH A O    1 
HETATM 1118 O O    . HOH C 3 .   ? 3.892   -9.111  -14.477 1.00 48.14  ? 793 HOH A O    1 
HETATM 1119 O O    . HOH C 3 .   ? -1.559  -8.508  -13.702 1.00 58.40  ? 794 HOH A O    1 
HETATM 1120 O O    . HOH C 3 .   ? -6.448  -8.165  -10.122 1.00 45.25  ? 795 HOH A O    1 
HETATM 1121 O O    . HOH C 3 .   ? -6.559  -12.459 0.527   1.00 65.99  ? 796 HOH A O    1 
# 
